data_1R5S
#
_entry.id   1R5S
#
_entity_poly.entity_id   1
_entity_poly.type   'polypeptide(L)'
_entity_poly.pdbx_seq_one_letter_code
;GPLGSPSKDCGSPKYAYFNGCSSPTAPLSPMSPPGYKLVTGDRNNSSCRNYNKQASEQNWANYSAEQNRMGQAGSTISNS
HAQPFDFPDDNQNAKKVAAGHELQPLAIVDQRPSSRASSRASSRPRPDDLEI
;
_entity_poly.pdbx_strand_id   A
#
# COMPACT_ATOMS: atom_id res chain seq x y z
N GLY A 1 35.71 -0.72 48.45
CA GLY A 1 34.71 -0.86 47.35
C GLY A 1 33.39 -1.42 47.85
N PRO A 2 32.26 -1.06 47.20
CA PRO A 2 30.94 -1.54 47.59
C PRO A 2 30.73 -3.01 47.25
N LEU A 3 31.55 -3.88 47.86
CA LEU A 3 31.46 -5.32 47.62
C LEU A 3 30.02 -5.81 47.71
N GLY A 4 29.57 -6.49 46.67
CA GLY A 4 28.21 -7.01 46.64
C GLY A 4 27.97 -7.96 45.49
N SER A 5 27.66 -7.42 44.32
CA SER A 5 27.40 -8.22 43.14
C SER A 5 28.24 -7.73 41.96
N PRO A 6 29.51 -8.14 41.89
CA PRO A 6 30.43 -7.73 40.81
C PRO A 6 30.20 -8.53 39.53
N SER A 7 28.95 -8.62 39.10
CA SER A 7 28.60 -9.35 37.88
C SER A 7 27.64 -8.54 37.00
N LYS A 8 27.31 -7.32 37.42
CA LYS A 8 26.41 -6.47 36.66
C LYS A 8 25.11 -7.20 36.34
N ASP A 9 24.71 -8.10 37.23
CA ASP A 9 23.49 -8.87 37.05
C ASP A 9 23.55 -9.69 35.75
N CYS A 10 24.76 -9.99 35.29
CA CYS A 10 24.95 -10.76 34.08
C CYS A 10 24.17 -10.16 32.92
N GLY A 11 24.82 -9.27 32.16
CA GLY A 11 24.19 -8.64 31.04
C GLY A 11 23.81 -7.19 31.33
N SER A 12 24.50 -6.59 32.29
CA SER A 12 24.24 -5.20 32.66
C SER A 12 22.82 -5.04 33.22
N PRO A 13 22.58 -3.97 33.99
CA PRO A 13 21.28 -3.70 34.59
C PRO A 13 20.12 -3.93 33.61
N LYS A 14 20.13 -3.18 32.51
CA LYS A 14 19.08 -3.30 31.51
C LYS A 14 19.60 -2.90 30.13
N TYR A 15 20.02 -1.65 29.99
CA TYR A 15 20.54 -1.16 28.72
C TYR A 15 21.94 -0.58 28.89
N ALA A 16 22.03 0.54 29.61
CA ALA A 16 23.31 1.18 29.85
C ALA A 16 23.15 2.44 30.71
N TYR A 17 22.04 3.14 30.51
CA TYR A 17 21.76 4.35 31.26
C TYR A 17 22.85 5.39 31.05
N PHE A 18 23.50 5.32 29.88
CA PHE A 18 24.55 6.25 29.54
C PHE A 18 24.00 7.67 29.41
N ASN A 19 22.66 7.77 29.30
CA ASN A 19 21.98 9.05 29.17
C ASN A 19 22.25 9.68 27.81
N GLY A 20 23.45 10.25 27.66
CA GLY A 20 23.81 10.88 26.40
C GLY A 20 25.30 11.12 26.28
N CYS A 21 25.97 10.28 25.50
CA CYS A 21 27.41 10.41 25.30
C CYS A 21 27.71 11.06 23.95
N SER A 22 26.73 11.75 23.39
CA SER A 22 26.90 12.41 22.10
C SER A 22 27.49 11.44 21.07
N SER A 23 27.24 10.16 21.27
CA SER A 23 27.74 9.13 20.38
C SER A 23 27.00 9.15 19.04
N PRO A 24 27.69 9.52 17.94
CA PRO A 24 27.08 9.54 16.61
C PRO A 24 26.43 8.19 16.29
N THR A 25 26.85 7.16 17.01
CA THR A 25 26.35 5.80 16.83
C THR A 25 24.83 5.75 17.07
N ALA A 26 24.08 6.25 16.09
CA ALA A 26 22.62 6.25 16.18
C ALA A 26 22.04 4.89 15.81
N PRO A 27 22.42 4.35 14.64
CA PRO A 27 21.93 3.05 14.18
C PRO A 27 22.20 1.93 15.17
N LEU A 28 22.20 0.69 14.68
CA LEU A 28 22.46 -0.46 15.53
C LEU A 28 23.51 -1.37 14.90
N SER A 29 23.30 -1.70 13.63
CA SER A 29 24.23 -2.57 12.90
C SER A 29 23.76 -2.81 11.47
N PRO A 30 22.48 -3.13 11.26
CA PRO A 30 21.92 -3.38 9.92
C PRO A 30 21.68 -2.08 9.16
N MET A 31 22.64 -1.16 9.22
CA MET A 31 22.53 0.12 8.54
C MET A 31 22.75 -0.05 7.03
N SER A 32 22.34 0.94 6.26
CA SER A 32 22.48 0.90 4.81
C SER A 32 23.68 1.72 4.36
N PRO A 33 24.89 1.11 4.30
CA PRO A 33 26.11 1.79 3.88
C PRO A 33 25.99 2.32 2.45
N PRO A 34 27.01 3.07 1.96
CA PRO A 34 27.01 3.62 0.61
C PRO A 34 26.68 2.56 -0.45
N GLY A 35 25.39 2.38 -0.71
CA GLY A 35 24.97 1.40 -1.70
C GLY A 35 24.66 2.04 -3.05
N TYR A 36 25.59 1.89 -3.99
CA TYR A 36 25.41 2.45 -5.32
C TYR A 36 25.27 1.35 -6.37
N LYS A 37 24.08 0.75 -6.42
CA LYS A 37 23.81 -0.33 -7.37
C LYS A 37 22.36 -0.79 -7.25
N LEU A 38 21.85 -0.84 -6.03
CA LEU A 38 20.48 -1.26 -5.79
C LEU A 38 20.27 -2.72 -6.21
N VAL A 39 20.05 -2.93 -7.50
CA VAL A 39 19.84 -4.27 -8.03
C VAL A 39 20.54 -4.45 -9.37
N THR A 40 20.18 -3.62 -10.34
CA THR A 40 20.78 -3.68 -11.66
C THR A 40 20.73 -5.10 -12.24
N GLY A 41 19.75 -5.87 -11.76
CA GLY A 41 19.62 -7.25 -12.23
C GLY A 41 19.69 -8.25 -11.10
N ASP A 42 20.90 -8.46 -10.59
CA ASP A 42 21.12 -9.39 -9.49
C ASP A 42 20.63 -8.79 -8.19
N ARG A 43 19.59 -9.40 -7.63
CA ARG A 43 19.02 -8.93 -6.37
C ARG A 43 20.06 -8.92 -5.26
N ASN A 44 21.19 -9.60 -5.48
CA ASN A 44 22.28 -9.67 -4.51
C ASN A 44 21.99 -10.76 -3.48
N ASN A 45 20.79 -10.72 -2.92
CA ASN A 45 20.37 -11.69 -1.93
C ASN A 45 19.05 -12.33 -2.29
N SER A 46 18.54 -12.03 -3.49
CA SER A 46 17.27 -12.58 -3.97
C SER A 46 16.08 -11.76 -3.43
N SER A 47 16.33 -10.97 -2.40
CA SER A 47 15.30 -10.13 -1.80
C SER A 47 14.04 -10.95 -1.47
N CYS A 48 14.15 -11.79 -0.44
CA CYS A 48 13.04 -12.62 -0.01
C CYS A 48 13.13 -12.94 1.48
N ARG A 49 14.31 -13.35 1.92
CA ARG A 49 14.51 -13.69 3.32
C ARG A 49 15.32 -12.61 4.04
N ASN A 50 14.71 -11.44 4.18
CA ASN A 50 15.36 -10.31 4.86
C ASN A 50 14.57 -9.85 6.07
N TYR A 51 13.27 -10.14 6.09
CA TYR A 51 12.41 -9.75 7.20
C TYR A 51 12.39 -8.23 7.35
N ASN A 52 11.32 -7.62 6.87
CA ASN A 52 11.17 -6.17 6.96
C ASN A 52 10.16 -5.79 8.05
N LYS A 53 9.03 -6.49 8.06
CA LYS A 53 7.98 -6.24 9.06
C LYS A 53 7.76 -4.75 9.28
N GLN A 54 7.88 -3.97 8.21
CA GLN A 54 7.69 -2.53 8.30
C GLN A 54 6.84 -2.02 7.13
N ALA A 55 6.66 -0.70 7.07
CA ALA A 55 5.86 -0.10 6.01
C ALA A 55 4.38 -0.44 6.17
N SER A 56 4.06 -1.72 5.99
CA SER A 56 2.68 -2.22 6.10
C SER A 56 2.03 -2.34 4.73
N GLU A 57 1.94 -1.21 4.03
CA GLU A 57 1.34 -1.19 2.70
C GLU A 57 1.34 0.21 2.09
N GLN A 58 2.43 0.56 1.42
CA GLN A 58 2.56 1.86 0.78
C GLN A 58 3.02 1.71 -0.67
N ASN A 59 2.65 0.60 -1.29
CA ASN A 59 3.03 0.34 -2.67
C ASN A 59 1.81 0.06 -3.55
N TRP A 60 0.65 0.54 -3.11
CA TRP A 60 -0.57 0.33 -3.85
C TRP A 60 -1.26 1.67 -4.17
N ALA A 61 -1.04 2.66 -3.31
CA ALA A 61 -1.63 3.98 -3.49
C ALA A 61 -3.11 3.97 -3.14
N ASN A 62 -3.44 4.58 -2.01
CA ASN A 62 -4.83 4.65 -1.56
C ASN A 62 -5.57 5.80 -2.23
N TYR A 63 -4.83 6.67 -2.92
CA TYR A 63 -5.43 7.82 -3.60
C TYR A 63 -5.96 8.84 -2.59
N SER A 64 -6.33 8.35 -1.41
CA SER A 64 -6.86 9.20 -0.35
C SER A 64 -8.28 9.66 -0.69
N ALA A 65 -9.08 8.74 -1.20
CA ALA A 65 -10.46 9.04 -1.57
C ALA A 65 -11.31 7.78 -1.60
N GLU A 66 -10.92 6.79 -0.81
CA GLU A 66 -11.64 5.53 -0.73
C GLU A 66 -12.27 5.32 0.65
N GLN A 67 -11.87 6.14 1.62
CA GLN A 67 -12.41 6.03 2.96
C GLN A 67 -13.92 6.11 2.96
N ASN A 68 -14.47 7.05 2.20
CA ASN A 68 -15.92 7.19 2.13
C ASN A 68 -16.53 5.87 1.70
N ARG A 69 -15.90 5.25 0.71
CA ARG A 69 -16.36 3.97 0.23
C ARG A 69 -16.28 2.94 1.34
N MET A 70 -15.14 2.92 2.03
CA MET A 70 -14.94 1.98 3.13
C MET A 70 -15.97 2.23 4.22
N GLY A 71 -16.34 3.49 4.37
CA GLY A 71 -17.33 3.84 5.35
C GLY A 71 -18.66 3.18 5.05
N GLN A 72 -19.07 3.27 3.80
CA GLN A 72 -20.30 2.65 3.34
C GLN A 72 -20.20 1.14 3.53
N ALA A 73 -19.25 0.54 2.81
CA ALA A 73 -19.00 -0.89 2.87
C ALA A 73 -19.17 -1.45 4.28
N GLY A 74 -18.56 -0.78 5.25
CA GLY A 74 -18.65 -1.21 6.63
C GLY A 74 -19.95 -0.80 7.29
N SER A 75 -20.49 0.34 6.85
CA SER A 75 -21.74 0.86 7.40
C SER A 75 -22.90 -0.08 7.08
N THR A 76 -22.77 -0.86 6.02
CA THR A 76 -23.81 -1.79 5.61
C THR A 76 -24.06 -2.82 6.70
N ILE A 77 -23.01 -3.19 7.42
CA ILE A 77 -23.11 -4.17 8.49
C ILE A 77 -23.61 -5.51 7.96
N SER A 78 -22.73 -6.51 7.99
CA SER A 78 -23.08 -7.84 7.51
C SER A 78 -21.95 -8.82 7.75
N ASN A 79 -20.72 -8.34 7.59
CA ASN A 79 -19.53 -9.17 7.78
C ASN A 79 -18.65 -8.61 8.88
N SER A 80 -19.03 -8.87 10.13
CA SER A 80 -18.28 -8.38 11.28
C SER A 80 -17.42 -9.49 11.87
N HIS A 81 -16.68 -10.18 11.01
CA HIS A 81 -15.81 -11.28 11.44
C HIS A 81 -15.04 -11.87 10.27
N ALA A 82 -15.74 -12.11 9.16
CA ALA A 82 -15.11 -12.66 7.97
C ALA A 82 -14.20 -13.85 8.32
N GLN A 83 -14.53 -14.53 9.41
CA GLN A 83 -13.74 -15.67 9.86
C GLN A 83 -14.28 -16.98 9.27
N PRO A 84 -15.61 -17.19 9.31
CA PRO A 84 -16.24 -18.41 8.78
C PRO A 84 -16.00 -18.61 7.28
N PHE A 85 -15.92 -17.50 6.53
CA PHE A 85 -15.68 -17.59 5.09
C PHE A 85 -15.12 -16.28 4.53
N ASP A 86 -15.92 -15.22 4.59
CA ASP A 86 -15.51 -13.92 4.08
C ASP A 86 -15.35 -13.97 2.55
N PHE A 87 -16.09 -14.87 1.91
CA PHE A 87 -16.02 -15.01 0.46
C PHE A 87 -16.91 -13.98 -0.24
N PRO A 88 -18.17 -13.81 0.21
CA PRO A 88 -19.10 -12.85 -0.39
C PRO A 88 -18.57 -11.43 -0.35
N ASP A 89 -17.83 -11.12 0.70
CA ASP A 89 -17.26 -9.79 0.87
C ASP A 89 -15.87 -9.72 0.26
N ASP A 90 -15.75 -10.15 -0.99
CA ASP A 90 -14.49 -10.14 -1.70
C ASP A 90 -14.70 -10.01 -3.20
N ASN A 91 -15.65 -9.15 -3.59
CA ASN A 91 -15.96 -8.94 -4.99
C ASN A 91 -16.00 -7.45 -5.32
N GLN A 92 -16.68 -6.68 -4.48
CA GLN A 92 -16.79 -5.24 -4.68
C GLN A 92 -15.45 -4.56 -4.40
N ASN A 93 -15.07 -4.50 -3.14
CA ASN A 93 -13.81 -3.88 -2.75
C ASN A 93 -12.63 -4.47 -3.54
N ALA A 94 -12.83 -5.67 -4.08
CA ALA A 94 -11.79 -6.34 -4.85
C ALA A 94 -11.87 -5.97 -6.34
N LYS A 95 -13.07 -5.63 -6.81
CA LYS A 95 -13.24 -5.28 -8.22
C LYS A 95 -12.92 -3.82 -8.47
N LYS A 96 -13.29 -2.94 -7.54
CA LYS A 96 -13.02 -1.52 -7.70
C LYS A 96 -11.52 -1.28 -7.85
N VAL A 97 -10.72 -2.27 -7.49
CA VAL A 97 -9.26 -2.16 -7.59
C VAL A 97 -8.73 -3.00 -8.75
N ALA A 98 -9.43 -4.09 -9.06
CA ALA A 98 -9.03 -4.98 -10.14
C ALA A 98 -8.93 -4.22 -11.46
N ALA A 99 -9.82 -3.24 -11.64
CA ALA A 99 -9.84 -2.44 -12.85
C ALA A 99 -8.84 -1.30 -12.77
N GLY A 100 -7.57 -1.66 -12.55
CA GLY A 100 -6.52 -0.65 -12.45
C GLY A 100 -5.26 -1.20 -11.83
N HIS A 101 -5.40 -2.22 -11.00
CA HIS A 101 -4.24 -2.84 -10.35
C HIS A 101 -3.49 -3.77 -11.30
N GLU A 102 -3.98 -3.87 -12.55
CA GLU A 102 -3.34 -4.72 -13.54
C GLU A 102 -2.15 -4.01 -14.16
N LEU A 103 -2.24 -2.69 -14.28
CA LEU A 103 -1.15 -1.90 -14.85
C LEU A 103 -1.46 -0.41 -14.77
N GLN A 104 -2.66 -0.03 -15.20
CA GLN A 104 -3.08 1.37 -15.18
C GLN A 104 -4.52 1.51 -14.71
N PRO A 105 -4.80 2.46 -13.80
CA PRO A 105 -6.14 2.69 -13.28
C PRO A 105 -7.04 3.43 -14.27
N LEU A 106 -6.48 4.46 -14.91
CA LEU A 106 -7.23 5.23 -15.89
C LEU A 106 -6.31 5.75 -17.00
N ALA A 107 -6.92 6.24 -18.07
CA ALA A 107 -6.15 6.76 -19.20
C ALA A 107 -7.06 7.54 -20.16
N ILE A 108 -7.86 8.45 -19.60
CA ILE A 108 -8.78 9.25 -20.40
C ILE A 108 -9.86 8.37 -20.99
N VAL A 109 -10.14 7.27 -20.30
CA VAL A 109 -11.17 6.32 -20.75
C VAL A 109 -11.88 5.68 -19.56
N ASP A 110 -12.32 6.53 -18.64
CA ASP A 110 -13.03 6.06 -17.46
C ASP A 110 -14.39 5.48 -17.82
N GLN A 111 -14.98 6.00 -18.89
CA GLN A 111 -16.28 5.54 -19.35
C GLN A 111 -16.18 4.15 -19.97
N ARG A 112 -15.32 4.04 -21.00
CA ARG A 112 -15.07 2.78 -21.74
C ARG A 112 -15.77 2.80 -23.11
N PRO A 113 -17.10 2.98 -23.16
CA PRO A 113 -17.83 3.01 -24.44
C PRO A 113 -17.19 3.94 -25.46
N SER A 114 -16.94 5.17 -25.05
CA SER A 114 -16.34 6.17 -25.93
C SER A 114 -17.32 6.58 -27.03
N SER A 115 -18.49 5.95 -27.07
CA SER A 115 -19.50 6.26 -28.07
C SER A 115 -20.58 7.14 -27.48
N ARG A 116 -20.85 6.96 -26.18
CA ARG A 116 -21.86 7.74 -25.49
C ARG A 116 -21.30 9.11 -25.11
N ALA A 117 -21.99 9.81 -24.21
CA ALA A 117 -21.58 11.13 -23.77
C ALA A 117 -21.67 12.13 -24.93
N SER A 118 -22.48 11.79 -25.92
CA SER A 118 -22.67 12.66 -27.09
C SER A 118 -21.33 13.05 -27.71
N SER A 119 -20.46 12.05 -27.91
CA SER A 119 -19.16 12.28 -28.52
C SER A 119 -19.29 12.44 -30.03
N ARG A 120 -20.52 12.29 -30.54
CA ARG A 120 -20.77 12.42 -31.97
C ARG A 120 -21.25 13.82 -32.32
N ALA A 121 -21.75 14.54 -31.31
CA ALA A 121 -22.24 15.90 -31.51
C ALA A 121 -23.37 15.95 -32.53
N SER A 122 -24.52 15.39 -32.17
CA SER A 122 -25.68 15.39 -33.04
C SER A 122 -25.37 14.72 -34.38
N SER A 123 -25.10 13.42 -34.34
CA SER A 123 -24.80 12.67 -35.55
C SER A 123 -25.88 11.64 -35.85
N ARG A 124 -27.10 11.94 -35.42
CA ARG A 124 -28.22 11.03 -35.65
C ARG A 124 -29.40 11.76 -36.28
N PRO A 125 -30.00 11.15 -37.32
CA PRO A 125 -31.17 11.73 -38.01
C PRO A 125 -32.40 11.74 -37.10
N ARG A 126 -33.58 11.66 -37.70
CA ARG A 126 -34.82 11.65 -36.92
C ARG A 126 -35.91 10.81 -37.60
N PRO A 127 -36.18 11.04 -38.89
CA PRO A 127 -37.21 10.30 -39.62
C PRO A 127 -36.70 8.93 -40.06
N ASP A 128 -35.40 8.86 -40.33
CA ASP A 128 -34.74 7.64 -40.76
C ASP A 128 -33.33 7.97 -41.22
N ASP A 129 -33.21 9.13 -41.87
CA ASP A 129 -31.94 9.63 -42.38
C ASP A 129 -32.16 10.83 -43.28
N LEU A 130 -33.02 11.73 -42.83
CA LEU A 130 -33.34 12.93 -43.59
C LEU A 130 -33.91 12.58 -44.96
N GLU A 131 -34.42 11.36 -45.10
CA GLU A 131 -34.99 10.92 -46.36
C GLU A 131 -36.50 10.76 -46.23
N ILE A 132 -37.10 11.57 -45.36
CA ILE A 132 -38.54 11.53 -45.14
C ILE A 132 -38.96 10.21 -44.49
N GLY A 1 30.47 -16.36 44.32
CA GLY A 1 29.29 -15.71 43.70
C GLY A 1 28.09 -16.63 43.63
N PRO A 2 26.86 -16.08 43.67
CA PRO A 2 25.62 -16.86 43.61
C PRO A 2 25.17 -17.14 42.18
N LEU A 3 26.10 -17.12 41.23
CA LEU A 3 25.79 -17.37 39.84
C LEU A 3 24.79 -16.35 39.31
N GLY A 4 25.30 -15.18 38.91
CA GLY A 4 24.45 -14.14 38.38
C GLY A 4 25.08 -12.76 38.50
N SER A 5 25.68 -12.49 39.65
CA SER A 5 26.33 -11.20 39.88
C SER A 5 27.54 -11.36 40.80
N PRO A 6 28.63 -11.97 40.29
CA PRO A 6 29.85 -12.18 41.08
C PRO A 6 30.73 -10.94 41.15
N SER A 7 30.26 -9.83 40.58
CA SER A 7 31.01 -8.59 40.59
C SER A 7 30.50 -7.65 41.69
N LYS A 8 29.60 -8.16 42.53
CA LYS A 8 29.03 -7.38 43.62
C LYS A 8 28.20 -6.22 43.08
N ASP A 9 28.86 -5.22 42.50
CA ASP A 9 28.18 -4.07 41.95
C ASP A 9 29.01 -3.42 40.85
N CYS A 10 30.30 -3.23 41.12
CA CYS A 10 31.20 -2.62 40.15
C CYS A 10 30.82 -1.17 39.89
N GLY A 11 29.76 -0.97 39.12
CA GLY A 11 29.31 0.38 38.81
C GLY A 11 29.23 0.63 37.31
N SER A 12 28.62 -0.31 36.59
CA SER A 12 28.48 -0.18 35.15
C SER A 12 27.12 -0.71 34.68
N PRO A 13 26.34 0.11 33.95
CA PRO A 13 25.01 -0.29 33.45
C PRO A 13 25.04 -1.60 32.67
N LYS A 14 24.91 -2.71 33.39
CA LYS A 14 24.91 -4.02 32.74
C LYS A 14 26.17 -4.25 31.93
N TYR A 15 27.32 -4.26 32.62
CA TYR A 15 28.60 -4.47 31.96
C TYR A 15 29.48 -5.40 32.78
N ALA A 16 29.15 -6.68 32.76
CA ALA A 16 29.91 -7.68 33.51
C ALA A 16 30.92 -8.40 32.62
N TYR A 17 30.42 -9.35 31.84
CA TYR A 17 31.28 -10.12 30.96
C TYR A 17 30.50 -10.65 29.76
N PHE A 18 29.62 -9.81 29.21
CA PHE A 18 28.79 -10.17 28.06
C PHE A 18 28.47 -11.67 28.03
N ASN A 19 27.57 -12.09 28.91
CA ASN A 19 27.18 -13.49 28.99
C ASN A 19 25.91 -13.76 28.17
N GLY A 20 25.71 -12.98 27.13
CA GLY A 20 24.53 -13.14 26.29
C GLY A 20 24.80 -12.75 24.85
N CYS A 21 24.43 -11.52 24.50
CA CYS A 21 24.64 -11.02 23.15
C CYS A 21 24.18 -9.58 23.02
N SER A 22 23.04 -9.26 23.63
CA SER A 22 22.49 -7.92 23.58
C SER A 22 22.15 -7.51 22.16
N SER A 23 21.86 -8.49 21.31
CA SER A 23 21.52 -8.24 19.92
C SER A 23 22.62 -7.44 19.22
N PRO A 24 23.80 -8.06 19.02
CA PRO A 24 24.94 -7.40 18.37
C PRO A 24 24.84 -7.46 16.84
N THR A 25 23.74 -8.00 16.33
CA THR A 25 23.54 -8.11 14.89
C THR A 25 23.40 -6.73 14.26
N ALA A 26 22.72 -5.83 14.95
CA ALA A 26 22.52 -4.47 14.44
C ALA A 26 21.73 -3.61 15.44
N PRO A 27 20.48 -4.00 15.74
CA PRO A 27 19.63 -3.26 16.68
C PRO A 27 20.34 -2.97 18.00
N LEU A 28 19.95 -1.87 18.65
CA LEU A 28 20.53 -1.48 19.92
C LEU A 28 19.56 -1.73 21.07
N SER A 29 18.28 -1.60 20.78
CA SER A 29 17.23 -1.82 21.79
C SER A 29 15.84 -1.55 21.22
N PRO A 30 15.65 -0.42 20.50
CA PRO A 30 14.35 -0.07 19.93
C PRO A 30 13.91 -1.06 18.85
N MET A 31 14.80 -1.99 18.49
CA MET A 31 14.50 -3.00 17.47
C MET A 31 14.27 -2.34 16.12
N SER A 32 15.32 -2.30 15.30
CA SER A 32 15.23 -1.71 13.97
C SER A 32 15.45 -2.77 12.90
N PRO A 33 14.40 -3.53 12.54
CA PRO A 33 14.48 -4.57 11.53
C PRO A 33 14.99 -4.05 10.18
N PRO A 34 14.43 -2.93 9.70
CA PRO A 34 14.84 -2.34 8.42
C PRO A 34 16.13 -1.54 8.54
N GLY A 35 16.20 -0.70 9.57
CA GLY A 35 17.39 0.11 9.77
C GLY A 35 17.18 1.56 9.37
N TYR A 36 15.91 1.96 9.21
CA TYR A 36 15.58 3.32 8.83
C TYR A 36 14.34 3.81 9.56
N LYS A 37 14.13 3.29 10.76
CA LYS A 37 12.97 3.68 11.56
C LYS A 37 13.36 3.94 13.01
N LEU A 38 14.61 4.36 13.22
CA LEU A 38 15.11 4.64 14.56
C LEU A 38 14.34 5.81 15.19
N VAL A 39 14.06 5.68 16.49
CA VAL A 39 13.32 6.70 17.23
C VAL A 39 11.81 6.59 17.00
N THR A 40 11.41 6.08 15.84
CA THR A 40 10.00 5.93 15.51
C THR A 40 9.31 7.29 15.37
N GLY A 41 9.16 7.98 16.50
CA GLY A 41 8.52 9.28 16.49
C GLY A 41 7.05 9.21 16.84
N ASP A 42 6.60 8.06 17.33
CA ASP A 42 5.21 7.87 17.69
C ASP A 42 5.06 7.66 19.20
N ARG A 43 6.07 7.04 19.80
CA ARG A 43 6.05 6.78 21.23
C ARG A 43 7.07 7.66 21.96
N ASN A 44 8.25 7.78 21.38
CA ASN A 44 9.31 8.60 21.97
C ASN A 44 8.93 10.08 21.96
N ASN A 45 8.81 10.64 20.76
CA ASN A 45 8.46 12.05 20.61
C ASN A 45 6.94 12.23 20.67
N SER A 46 6.21 11.24 20.15
CA SER A 46 4.75 11.26 20.13
C SER A 46 4.23 11.96 18.87
N SER A 47 5.00 12.93 18.38
CA SER A 47 4.62 13.67 17.17
C SER A 47 3.19 14.21 17.29
N CYS A 48 2.92 14.96 18.35
CA CYS A 48 1.61 15.53 18.57
C CYS A 48 1.62 17.05 18.38
N ARG A 49 2.81 17.64 18.46
CA ARG A 49 2.95 19.08 18.29
C ARG A 49 4.41 19.46 18.05
N ASN A 50 5.14 18.57 17.39
CA ASN A 50 6.56 18.81 17.08
C ASN A 50 6.73 19.31 15.65
N TYR A 51 5.81 20.16 15.21
CA TYR A 51 5.86 20.71 13.86
C TYR A 51 5.68 19.61 12.82
N ASN A 52 6.74 18.86 12.57
CA ASN A 52 6.71 17.78 11.59
C ASN A 52 8.05 17.04 11.53
N LYS A 53 7.99 15.72 11.65
CA LYS A 53 9.21 14.91 11.60
C LYS A 53 9.18 13.97 10.41
N GLN A 54 8.65 14.46 9.28
CA GLN A 54 8.56 13.65 8.07
C GLN A 54 9.91 13.63 7.35
N ALA A 55 10.37 14.80 6.91
CA ALA A 55 11.65 14.90 6.21
C ALA A 55 11.63 14.06 4.94
N SER A 56 10.51 14.10 4.22
CA SER A 56 10.37 13.35 2.99
C SER A 56 9.08 13.73 2.27
N GLU A 57 9.06 14.93 1.70
CA GLU A 57 7.88 15.43 0.98
C GLU A 57 7.60 14.59 -0.26
N GLN A 58 7.06 13.39 -0.05
CA GLN A 58 6.75 12.50 -1.16
C GLN A 58 5.32 11.98 -1.04
N ASN A 59 4.44 12.81 -0.50
CA ASN A 59 3.04 12.44 -0.32
C ASN A 59 2.23 12.72 -1.58
N TRP A 60 2.91 13.13 -2.64
CA TRP A 60 2.24 13.43 -3.90
C TRP A 60 2.94 12.73 -5.07
N ALA A 61 4.26 12.70 -5.04
CA ALA A 61 5.04 12.06 -6.10
C ALA A 61 4.85 12.77 -7.43
N ASN A 62 5.97 13.13 -8.05
CA ASN A 62 5.93 13.82 -9.34
C ASN A 62 6.42 12.91 -10.46
N TYR A 63 6.12 11.62 -10.34
CA TYR A 63 6.51 10.65 -11.34
C TYR A 63 5.40 10.44 -12.36
N SER A 64 4.18 10.31 -11.86
CA SER A 64 3.01 10.12 -12.71
C SER A 64 1.71 10.26 -11.91
N ALA A 65 1.75 11.10 -10.88
CA ALA A 65 0.59 11.33 -10.03
C ALA A 65 -0.03 10.01 -9.56
N GLU A 66 0.79 8.97 -9.49
CA GLU A 66 0.32 7.66 -9.06
C GLU A 66 -0.23 7.71 -7.64
N GLN A 67 0.27 8.65 -6.84
CA GLN A 67 -0.20 8.80 -5.47
C GLN A 67 -1.68 9.07 -5.42
N ASN A 68 -2.14 10.03 -6.21
CA ASN A 68 -3.55 10.37 -6.25
C ASN A 68 -4.36 9.14 -6.58
N ARG A 69 -3.86 8.36 -7.51
CA ARG A 69 -4.51 7.15 -7.92
C ARG A 69 -4.68 6.21 -6.75
N MET A 70 -3.62 6.07 -5.96
CA MET A 70 -3.66 5.19 -4.79
C MET A 70 -4.46 5.81 -3.67
N GLY A 71 -4.48 7.14 -3.64
CA GLY A 71 -5.23 7.83 -2.63
C GLY A 71 -6.70 7.48 -2.72
N GLN A 72 -7.20 7.52 -3.95
CA GLN A 72 -8.59 7.15 -4.22
C GLN A 72 -8.75 5.64 -4.12
N ALA A 73 -8.07 4.95 -5.03
CA ALA A 73 -8.08 3.49 -5.08
C ALA A 73 -8.04 2.87 -3.69
N GLY A 74 -7.34 3.54 -2.78
CA GLY A 74 -7.22 3.04 -1.42
C GLY A 74 -8.29 3.62 -0.50
N SER A 75 -8.73 4.83 -0.79
CA SER A 75 -9.74 5.50 0.03
C SER A 75 -11.08 4.78 -0.09
N THR A 76 -11.41 4.35 -1.30
CA THR A 76 -12.67 3.64 -1.56
C THR A 76 -13.87 4.57 -1.41
N ILE A 77 -14.05 5.10 -0.20
CA ILE A 77 -15.14 6.01 0.12
C ILE A 77 -16.42 5.26 0.46
N SER A 78 -16.44 3.94 0.24
CA SER A 78 -17.61 3.13 0.53
C SER A 78 -17.36 2.23 1.74
N ASN A 79 -16.09 1.92 1.99
CA ASN A 79 -15.71 1.07 3.11
C ASN A 79 -14.47 1.60 3.82
N SER A 80 -13.54 2.17 3.04
CA SER A 80 -12.29 2.71 3.57
C SER A 80 -11.42 1.60 4.11
N HIS A 81 -11.17 0.60 3.26
CA HIS A 81 -10.34 -0.54 3.63
C HIS A 81 -8.99 -0.49 2.90
N ALA A 82 -8.57 -1.62 2.32
CA ALA A 82 -7.30 -1.71 1.61
C ALA A 82 -6.20 -2.06 2.58
N GLN A 83 -6.45 -3.09 3.37
CA GLN A 83 -5.51 -3.55 4.38
C GLN A 83 -4.80 -4.83 3.94
N PRO A 84 -5.55 -5.87 3.50
CA PRO A 84 -4.96 -7.12 3.07
C PRO A 84 -4.68 -7.15 1.56
N PHE A 85 -4.83 -6.00 0.92
CA PHE A 85 -4.60 -5.85 -0.53
C PHE A 85 -5.86 -6.18 -1.32
N ASP A 86 -6.75 -6.97 -0.72
CA ASP A 86 -7.99 -7.36 -1.37
C ASP A 86 -7.70 -8.14 -2.64
N PHE A 87 -6.49 -8.67 -2.75
CA PHE A 87 -6.09 -9.45 -3.93
C PHE A 87 -6.70 -10.85 -3.88
N PRO A 88 -6.66 -11.53 -2.71
CA PRO A 88 -7.21 -12.89 -2.57
C PRO A 88 -8.59 -13.02 -3.20
N ASP A 89 -8.69 -13.86 -4.23
CA ASP A 89 -9.96 -14.09 -4.92
C ASP A 89 -10.42 -12.83 -5.64
N ASP A 90 -9.46 -12.08 -6.18
CA ASP A 90 -9.76 -10.85 -6.90
C ASP A 90 -8.75 -10.62 -8.03
N ASN A 91 -9.25 -10.57 -9.26
CA ASN A 91 -8.39 -10.37 -10.41
C ASN A 91 -9.22 -10.30 -11.71
N GLN A 92 -8.94 -11.19 -12.67
CA GLN A 92 -9.68 -11.20 -13.93
C GLN A 92 -11.19 -11.16 -13.69
N ASN A 93 -11.61 -11.79 -12.60
CA ASN A 93 -13.03 -11.83 -12.25
C ASN A 93 -13.54 -10.45 -11.85
N ALA A 94 -12.63 -9.61 -11.34
CA ALA A 94 -13.00 -8.27 -10.91
C ALA A 94 -12.96 -7.28 -12.08
N LYS A 95 -12.08 -7.54 -13.05
CA LYS A 95 -11.95 -6.66 -14.20
C LYS A 95 -13.10 -6.86 -15.19
N LYS A 96 -13.45 -8.12 -15.44
CA LYS A 96 -14.53 -8.41 -16.39
C LYS A 96 -15.87 -7.88 -15.88
N VAL A 97 -15.89 -7.43 -14.62
CA VAL A 97 -17.11 -6.89 -14.04
C VAL A 97 -16.97 -5.38 -13.83
N ALA A 98 -15.88 -4.98 -13.19
CA ALA A 98 -15.61 -3.57 -12.92
C ALA A 98 -15.70 -2.75 -14.20
N ALA A 99 -15.18 -3.30 -15.30
CA ALA A 99 -15.21 -2.62 -16.58
C ALA A 99 -16.47 -2.95 -17.35
N GLY A 100 -17.62 -2.63 -16.76
CA GLY A 100 -18.89 -2.90 -17.40
C GLY A 100 -20.05 -2.91 -16.42
N HIS A 101 -19.76 -3.17 -15.15
CA HIS A 101 -20.79 -3.19 -14.12
C HIS A 101 -21.42 -1.81 -13.92
N GLU A 102 -20.77 -0.80 -14.48
CA GLU A 102 -21.24 0.57 -14.36
C GLU A 102 -22.51 0.79 -15.19
N LEU A 103 -22.78 -0.12 -16.12
CA LEU A 103 -23.96 -0.04 -16.99
C LEU A 103 -23.74 1.01 -18.10
N GLN A 104 -23.41 2.24 -17.70
CA GLN A 104 -23.17 3.32 -18.65
C GLN A 104 -24.24 3.36 -19.74
N PRO A 105 -25.37 4.04 -19.48
CA PRO A 105 -26.46 4.16 -20.45
C PRO A 105 -26.13 5.12 -21.58
N LEU A 106 -25.31 4.65 -22.52
CA LEU A 106 -24.91 5.46 -23.67
C LEU A 106 -24.15 6.71 -23.21
N ALA A 107 -23.55 6.63 -22.03
CA ALA A 107 -22.80 7.76 -21.49
C ALA A 107 -21.35 7.73 -21.98
N ILE A 108 -20.77 6.54 -22.02
CA ILE A 108 -19.39 6.37 -22.48
C ILE A 108 -19.33 5.67 -23.83
N VAL A 109 -20.36 4.89 -24.13
CA VAL A 109 -20.43 4.16 -25.40
C VAL A 109 -21.09 5.00 -26.49
N ASP A 110 -20.60 6.21 -26.65
CA ASP A 110 -21.12 7.11 -27.67
C ASP A 110 -20.45 6.83 -29.01
N GLN A 111 -20.52 5.57 -29.44
CA GLN A 111 -19.90 5.15 -30.68
C GLN A 111 -18.40 5.40 -30.64
N ARG A 112 -17.70 4.71 -29.73
CA ARG A 112 -16.26 4.86 -29.60
C ARG A 112 -15.60 5.01 -30.98
N PRO A 113 -15.93 4.09 -31.93
CA PRO A 113 -15.39 4.15 -33.28
C PRO A 113 -15.38 5.56 -33.84
N SER A 114 -16.55 6.20 -33.86
CA SER A 114 -16.71 7.55 -34.39
C SER A 114 -16.81 7.52 -35.91
N SER A 115 -16.40 6.41 -36.50
CA SER A 115 -16.47 6.23 -37.94
C SER A 115 -17.18 4.91 -38.27
N ARG A 116 -17.97 4.44 -37.31
CA ARG A 116 -18.71 3.19 -37.48
C ARG A 116 -17.76 2.03 -37.70
N ALA A 117 -17.63 1.57 -38.94
CA ALA A 117 -16.75 0.44 -39.24
C ALA A 117 -17.30 -0.85 -38.65
N SER A 118 -18.40 -0.76 -37.89
CA SER A 118 -19.01 -1.93 -37.29
C SER A 118 -20.38 -2.21 -37.91
N SER A 119 -20.48 -1.99 -39.21
CA SER A 119 -21.73 -2.23 -39.93
C SER A 119 -22.00 -3.73 -40.03
N ARG A 120 -21.04 -4.55 -39.61
CA ARG A 120 -21.20 -6.01 -39.67
C ARG A 120 -22.43 -6.45 -38.89
N ALA A 121 -22.62 -5.85 -37.72
CA ALA A 121 -23.77 -6.19 -36.88
C ALA A 121 -23.78 -7.67 -36.53
N SER A 122 -22.86 -8.09 -35.68
CA SER A 122 -22.77 -9.49 -35.26
C SER A 122 -22.50 -10.40 -36.46
N SER A 123 -21.91 -9.83 -37.51
CA SER A 123 -21.59 -10.61 -38.71
C SER A 123 -22.85 -11.25 -39.29
N ARG A 124 -23.88 -10.45 -39.50
CA ARG A 124 -25.13 -10.94 -40.05
C ARG A 124 -25.75 -12.02 -39.16
N PRO A 125 -26.65 -11.64 -38.24
CA PRO A 125 -27.30 -12.59 -37.33
C PRO A 125 -28.18 -13.59 -38.07
N ARG A 126 -29.14 -13.08 -38.83
CA ARG A 126 -30.05 -13.95 -39.59
C ARG A 126 -31.04 -13.14 -40.42
N PRO A 127 -31.74 -12.19 -39.79
CA PRO A 127 -32.72 -11.35 -40.46
C PRO A 127 -32.12 -10.02 -40.87
N ASP A 128 -31.17 -10.07 -41.80
CA ASP A 128 -30.47 -8.87 -42.24
C ASP A 128 -29.54 -8.40 -41.15
N ASP A 129 -30.11 -8.05 -40.00
CA ASP A 129 -29.36 -7.61 -38.84
C ASP A 129 -30.29 -7.25 -37.70
N LEU A 130 -31.32 -8.08 -37.52
CA LEU A 130 -32.31 -7.88 -36.45
C LEU A 130 -33.20 -6.67 -36.72
N GLU A 131 -33.06 -6.08 -37.90
CA GLU A 131 -33.86 -4.91 -38.26
C GLU A 131 -35.16 -5.32 -38.96
N ILE A 132 -35.53 -6.60 -38.83
CA ILE A 132 -36.74 -7.11 -39.45
C ILE A 132 -36.62 -7.08 -40.97
N GLY A 1 33.58 -17.38 40.07
CA GLY A 1 33.30 -15.99 40.52
C GLY A 1 33.88 -15.69 41.89
N PRO A 2 35.13 -15.23 41.96
CA PRO A 2 35.79 -14.92 43.24
C PRO A 2 34.96 -13.96 44.09
N LEU A 3 34.88 -14.26 45.39
CA LEU A 3 34.11 -13.43 46.31
C LEU A 3 34.96 -12.27 46.83
N GLY A 4 34.38 -11.08 46.84
CA GLY A 4 35.09 -9.91 47.32
C GLY A 4 34.37 -8.62 46.98
N SER A 5 34.07 -8.44 45.69
CA SER A 5 33.37 -7.24 45.23
C SER A 5 32.17 -7.62 44.36
N PRO A 6 31.07 -8.07 44.99
CA PRO A 6 29.85 -8.46 44.29
C PRO A 6 29.11 -7.27 43.69
N SER A 7 29.80 -6.50 42.86
CA SER A 7 29.21 -5.33 42.22
C SER A 7 29.64 -5.22 40.75
N LYS A 8 30.35 -6.23 40.26
CA LYS A 8 30.80 -6.24 38.88
C LYS A 8 31.76 -5.08 38.61
N ASP A 9 31.21 -3.89 38.40
CA ASP A 9 32.01 -2.71 38.14
C ASP A 9 31.29 -1.44 38.62
N CYS A 10 32.06 -0.49 39.12
CA CYS A 10 31.50 0.77 39.61
C CYS A 10 32.13 1.96 38.91
N GLY A 11 33.45 1.92 38.75
CA GLY A 11 34.15 3.01 38.08
C GLY A 11 34.09 2.90 36.56
N SER A 12 34.69 1.86 36.02
CA SER A 12 34.71 1.64 34.58
C SER A 12 35.44 2.78 33.87
N PRO A 13 36.16 2.47 32.78
CA PRO A 13 36.92 3.48 32.02
C PRO A 13 36.07 4.68 31.64
N LYS A 14 35.11 4.49 30.74
CA LYS A 14 34.25 5.56 30.29
C LYS A 14 32.99 5.66 31.13
N TYR A 15 32.27 4.54 31.25
CA TYR A 15 31.04 4.50 32.02
C TYR A 15 30.00 5.44 31.41
N ALA A 16 29.02 4.87 30.71
CA ALA A 16 27.98 5.66 30.08
C ALA A 16 26.59 5.07 30.33
N TYR A 17 26.45 4.32 31.44
CA TYR A 17 25.20 3.68 31.80
C TYR A 17 25.03 2.35 31.09
N PHE A 18 26.00 2.00 30.24
CA PHE A 18 25.96 0.74 29.50
C PHE A 18 25.70 -0.41 30.48
N ASN A 19 24.47 -0.48 30.96
CA ASN A 19 24.09 -1.50 31.92
C ASN A 19 24.52 -2.89 31.47
N GLY A 20 23.89 -3.39 30.40
CA GLY A 20 24.23 -4.70 29.88
C GLY A 20 24.48 -4.67 28.38
N CYS A 21 23.43 -4.88 27.60
CA CYS A 21 23.54 -4.89 26.15
C CYS A 21 23.80 -3.48 25.62
N SER A 22 24.80 -3.36 24.75
CA SER A 22 25.14 -2.08 24.15
C SER A 22 23.95 -1.48 23.42
N SER A 23 23.40 -2.23 22.48
CA SER A 23 22.25 -1.77 21.70
C SER A 23 21.07 -1.42 22.60
N PRO A 24 20.73 -0.12 22.73
CA PRO A 24 19.61 0.32 23.55
C PRO A 24 18.33 -0.40 23.15
N THR A 25 18.33 -0.93 21.92
CA THR A 25 17.18 -1.67 21.39
C THR A 25 16.87 -2.90 22.24
N ALA A 26 16.24 -2.66 23.38
CA ALA A 26 15.87 -3.74 24.29
C ALA A 26 14.81 -4.64 23.68
N PRO A 27 13.65 -4.06 23.30
CA PRO A 27 12.55 -4.82 22.69
C PRO A 27 13.02 -5.85 21.68
N LEU A 28 12.27 -6.95 21.58
CA LEU A 28 12.61 -8.02 20.65
C LEU A 28 11.44 -8.99 20.46
N SER A 29 10.65 -9.17 21.51
CA SER A 29 9.50 -10.07 21.46
C SER A 29 8.48 -9.59 20.44
N PRO A 30 7.89 -10.53 19.65
CA PRO A 30 6.88 -10.19 18.65
C PRO A 30 5.59 -9.70 19.29
N MET A 31 5.53 -9.79 20.63
CA MET A 31 4.35 -9.35 21.37
C MET A 31 3.83 -8.00 20.87
N SER A 32 4.72 -7.02 20.81
CA SER A 32 4.36 -5.68 20.34
C SER A 32 3.11 -5.17 21.06
N PRO A 33 3.27 -4.61 22.26
CA PRO A 33 2.15 -4.07 23.05
C PRO A 33 1.37 -2.99 22.29
N PRO A 34 2.07 -2.04 21.64
CA PRO A 34 1.43 -0.96 20.89
C PRO A 34 0.31 -1.46 19.98
N GLY A 35 0.49 -2.65 19.42
CA GLY A 35 -0.51 -3.21 18.54
C GLY A 35 0.09 -3.85 17.29
N TYR A 36 -0.06 -3.18 16.15
CA TYR A 36 0.46 -3.70 14.90
C TYR A 36 -0.26 -4.99 14.53
N LYS A 37 -1.58 -4.88 14.37
CA LYS A 37 -2.41 -6.03 14.05
C LYS A 37 -3.61 -5.63 13.22
N LEU A 38 -4.28 -4.54 13.64
CA LEU A 38 -5.47 -4.05 12.94
C LEU A 38 -6.58 -5.09 12.99
N VAL A 39 -6.96 -5.48 14.20
CA VAL A 39 -8.02 -6.46 14.38
C VAL A 39 -9.27 -5.80 14.97
N THR A 40 -9.05 -4.80 15.81
CA THR A 40 -10.15 -4.07 16.44
C THR A 40 -10.87 -3.19 15.43
N GLY A 41 -10.15 -2.74 14.42
CA GLY A 41 -10.75 -1.89 13.40
C GLY A 41 -10.27 -0.45 13.48
N ASP A 42 -9.15 -0.24 14.16
CA ASP A 42 -8.59 1.11 14.30
C ASP A 42 -7.08 1.04 14.50
N ARG A 43 -6.46 -0.04 14.04
CA ARG A 43 -5.02 -0.21 14.18
C ARG A 43 -4.58 -0.11 15.63
N ASN A 44 -5.52 -0.33 16.56
CA ASN A 44 -5.23 -0.26 17.99
C ASN A 44 -4.92 1.17 18.41
N ASN A 45 -3.80 1.69 17.91
CA ASN A 45 -3.37 3.04 18.21
C ASN A 45 -3.92 4.04 17.20
N SER A 46 -3.91 3.64 15.93
CA SER A 46 -4.40 4.50 14.84
C SER A 46 -3.31 5.48 14.44
N SER A 47 -2.07 5.02 14.55
CA SER A 47 -0.90 5.82 14.20
C SER A 47 -1.09 6.51 12.85
N CYS A 48 -1.56 7.75 12.90
CA CYS A 48 -1.79 8.54 11.69
C CYS A 48 -1.01 9.84 11.74
N ARG A 49 0.20 9.79 12.28
CA ARG A 49 1.03 10.98 12.40
C ARG A 49 2.29 10.85 11.54
N ASN A 50 2.13 10.33 10.33
CA ASN A 50 3.25 10.15 9.41
C ASN A 50 3.64 11.48 8.78
N TYR A 51 4.93 11.79 8.81
CA TYR A 51 5.45 13.03 8.24
C TYR A 51 6.07 12.77 6.87
N ASN A 52 5.24 12.43 5.89
CA ASN A 52 5.72 12.17 4.54
C ASN A 52 4.56 11.80 3.61
N LYS A 53 3.66 10.95 4.11
CA LYS A 53 2.51 10.51 3.33
C LYS A 53 2.96 9.92 1.99
N GLN A 54 4.19 9.42 1.94
CA GLN A 54 4.73 8.83 0.73
C GLN A 54 4.60 7.31 0.76
N ALA A 55 5.14 6.65 -0.26
CA ALA A 55 5.08 5.19 -0.36
C ALA A 55 6.17 4.67 -1.28
N SER A 56 7.36 5.26 -1.20
CA SER A 56 8.48 4.87 -2.04
C SER A 56 8.25 5.27 -3.49
N GLU A 57 7.51 6.35 -3.67
CA GLU A 57 7.19 6.85 -5.01
C GLU A 57 6.44 5.80 -5.82
N GLN A 58 7.18 4.90 -6.47
CA GLN A 58 6.57 3.86 -7.29
C GLN A 58 5.50 4.43 -8.21
N ASN A 59 5.67 5.70 -8.59
CA ASN A 59 4.72 6.36 -9.47
C ASN A 59 5.44 7.27 -10.46
N TRP A 60 6.59 6.83 -10.95
CA TRP A 60 7.37 7.60 -11.90
C TRP A 60 7.56 6.84 -13.21
N ALA A 61 7.65 5.52 -13.13
CA ALA A 61 7.82 4.69 -14.31
C ALA A 61 7.04 3.39 -14.19
N ASN A 62 7.59 2.44 -13.43
CA ASN A 62 6.95 1.14 -13.22
C ASN A 62 6.93 0.31 -14.50
N TYR A 63 6.30 0.84 -15.54
CA TYR A 63 6.20 0.14 -16.81
C TYR A 63 6.75 0.99 -17.95
N SER A 64 6.06 2.08 -18.26
CA SER A 64 6.48 2.99 -19.33
C SER A 64 5.73 4.32 -19.24
N ALA A 65 5.25 4.64 -18.05
CA ALA A 65 4.50 5.89 -17.84
C ALA A 65 3.43 6.09 -18.90
N GLU A 66 2.92 4.99 -19.44
CA GLU A 66 1.89 5.04 -20.47
C GLU A 66 0.67 5.81 -20.00
N GLN A 67 0.22 5.53 -18.78
CA GLN A 67 -0.95 6.19 -18.22
C GLN A 67 -0.79 7.71 -18.25
N ASN A 68 0.35 8.21 -17.82
CA ASN A 68 0.59 9.65 -17.82
C ASN A 68 0.31 10.22 -19.20
N ARG A 69 0.81 9.52 -20.21
CA ARG A 69 0.59 9.94 -21.59
C ARG A 69 -0.91 9.95 -21.89
N MET A 70 -1.58 8.88 -21.49
CA MET A 70 -3.01 8.77 -21.71
C MET A 70 -3.75 9.87 -20.98
N GLY A 71 -3.21 10.28 -19.84
CA GLY A 71 -3.80 11.34 -19.07
C GLY A 71 -3.79 12.63 -19.86
N GLN A 72 -2.64 12.95 -20.42
CA GLN A 72 -2.50 14.14 -21.24
C GLN A 72 -3.49 14.08 -22.40
N ALA A 73 -3.30 13.07 -23.24
CA ALA A 73 -4.15 12.84 -24.40
C ALA A 73 -5.63 13.14 -24.09
N GLY A 74 -6.10 12.60 -22.97
CA GLY A 74 -7.48 12.82 -22.57
C GLY A 74 -7.76 14.26 -22.19
N SER A 75 -6.79 14.90 -21.54
CA SER A 75 -6.94 16.29 -21.12
C SER A 75 -6.85 17.24 -22.31
N THR A 76 -6.08 16.84 -23.32
CA THR A 76 -5.89 17.64 -24.53
C THR A 76 -5.44 19.06 -24.20
N ILE A 77 -4.91 19.25 -22.99
CA ILE A 77 -4.42 20.57 -22.55
C ILE A 77 -5.32 21.70 -23.05
N SER A 78 -6.28 22.09 -22.24
CA SER A 78 -7.20 23.16 -22.60
C SER A 78 -7.46 24.07 -21.41
N ASN A 79 -6.62 23.98 -20.39
CA ASN A 79 -6.77 24.80 -19.20
C ASN A 79 -5.57 24.68 -18.27
N SER A 80 -5.23 23.45 -17.90
CA SER A 80 -4.10 23.20 -17.01
C SER A 80 -4.37 23.79 -15.64
N HIS A 81 -5.62 23.67 -15.19
CA HIS A 81 -6.02 24.20 -13.90
C HIS A 81 -5.98 23.12 -12.83
N ALA A 82 -5.06 22.18 -12.96
CA ALA A 82 -4.94 21.09 -11.99
C ALA A 82 -4.29 21.58 -10.69
N GLN A 83 -4.98 22.51 -10.02
CA GLN A 83 -4.49 23.05 -8.76
C GLN A 83 -5.46 22.77 -7.63
N PRO A 84 -6.74 23.23 -7.72
CA PRO A 84 -7.73 23.00 -6.69
C PRO A 84 -8.35 21.61 -6.80
N PHE A 85 -8.16 20.95 -7.95
CA PHE A 85 -8.70 19.62 -8.15
C PHE A 85 -7.76 18.57 -7.59
N ASP A 86 -6.45 18.85 -7.69
CA ASP A 86 -5.41 17.94 -7.20
C ASP A 86 -5.80 16.48 -7.39
N PHE A 87 -6.47 16.21 -8.49
CA PHE A 87 -6.92 14.86 -8.82
C PHE A 87 -6.08 14.23 -9.93
N PRO A 88 -4.81 13.88 -9.62
CA PRO A 88 -3.90 13.26 -10.59
C PRO A 88 -4.43 11.93 -11.11
N ASP A 89 -4.66 11.85 -12.41
CA ASP A 89 -5.17 10.63 -13.05
C ASP A 89 -6.64 10.41 -12.68
N ASP A 90 -6.92 10.36 -11.38
CA ASP A 90 -8.30 10.16 -10.92
C ASP A 90 -8.87 8.85 -11.45
N ASN A 91 -8.05 7.80 -11.41
CA ASN A 91 -8.47 6.49 -11.89
C ASN A 91 -8.61 5.51 -10.75
N GLN A 92 -7.70 5.59 -9.78
CA GLN A 92 -7.71 4.71 -8.63
C GLN A 92 -8.96 4.95 -7.78
N ASN A 93 -9.15 6.20 -7.38
CA ASN A 93 -10.31 6.56 -6.56
C ASN A 93 -11.61 6.42 -7.35
N ALA A 94 -11.49 6.28 -8.67
CA ALA A 94 -12.67 6.14 -9.53
C ALA A 94 -12.96 4.67 -9.84
N LYS A 95 -11.96 3.82 -9.71
CA LYS A 95 -12.13 2.40 -9.98
C LYS A 95 -12.56 1.65 -8.73
N LYS A 96 -11.95 2.00 -7.60
CA LYS A 96 -12.28 1.35 -6.33
C LYS A 96 -13.77 1.46 -6.03
N VAL A 97 -14.45 2.38 -6.70
CA VAL A 97 -15.88 2.57 -6.50
C VAL A 97 -16.65 1.29 -6.76
N ALA A 98 -16.12 0.46 -7.66
CA ALA A 98 -16.76 -0.81 -8.00
C ALA A 98 -15.91 -1.99 -7.55
N ALA A 99 -14.61 -1.91 -7.82
CA ALA A 99 -13.68 -2.96 -7.44
C ALA A 99 -13.27 -2.84 -5.98
N GLY A 100 -14.25 -2.88 -5.09
CA GLY A 100 -13.96 -2.77 -3.68
C GLY A 100 -15.12 -2.19 -2.89
N HIS A 101 -15.74 -1.14 -3.44
CA HIS A 101 -16.87 -0.50 -2.80
C HIS A 101 -18.18 -1.11 -3.28
N GLU A 102 -18.12 -2.41 -3.60
CA GLU A 102 -19.29 -3.13 -4.08
C GLU A 102 -19.21 -4.59 -3.69
N LEU A 103 -18.06 -5.21 -3.95
CA LEU A 103 -17.86 -6.63 -3.62
C LEU A 103 -16.46 -7.08 -4.02
N GLN A 104 -16.14 -6.91 -5.31
CA GLN A 104 -14.83 -7.31 -5.82
C GLN A 104 -14.64 -6.84 -7.25
N PRO A 105 -13.38 -6.65 -7.69
CA PRO A 105 -13.08 -6.20 -9.06
C PRO A 105 -13.54 -7.19 -10.11
N LEU A 106 -13.11 -8.44 -9.98
CA LEU A 106 -13.48 -9.49 -10.93
C LEU A 106 -14.81 -10.13 -10.54
N ALA A 107 -15.90 -9.42 -10.82
CA ALA A 107 -17.23 -9.91 -10.51
C ALA A 107 -18.15 -9.75 -11.71
N ILE A 108 -18.15 -10.73 -12.61
CA ILE A 108 -18.99 -10.69 -13.81
C ILE A 108 -18.34 -9.82 -14.89
N VAL A 109 -17.01 -9.77 -14.89
CA VAL A 109 -16.27 -8.97 -15.85
C VAL A 109 -14.97 -9.67 -16.24
N ASP A 110 -15.07 -10.92 -16.67
CA ASP A 110 -13.91 -11.70 -17.07
C ASP A 110 -13.20 -11.04 -18.25
N GLN A 111 -13.97 -10.65 -19.26
CA GLN A 111 -13.40 -10.02 -20.45
C GLN A 111 -13.33 -8.51 -20.29
N ARG A 112 -14.46 -7.93 -19.90
CA ARG A 112 -14.64 -6.48 -19.72
C ARG A 112 -15.48 -5.93 -20.87
N PRO A 113 -15.02 -6.09 -22.13
CA PRO A 113 -15.76 -5.61 -23.29
C PRO A 113 -17.12 -6.29 -23.41
N SER A 114 -18.07 -5.87 -22.59
CA SER A 114 -19.41 -6.45 -22.60
C SER A 114 -20.17 -6.02 -23.86
N SER A 115 -19.47 -6.01 -24.99
CA SER A 115 -20.05 -5.63 -26.28
C SER A 115 -18.94 -5.31 -27.28
N ARG A 116 -17.88 -4.66 -26.81
CA ARG A 116 -16.76 -4.30 -27.65
C ARG A 116 -15.89 -5.53 -27.96
N ALA A 117 -14.75 -5.30 -28.61
CA ALA A 117 -13.85 -6.39 -28.96
C ALA A 117 -14.50 -7.34 -29.96
N SER A 118 -15.53 -6.86 -30.64
CA SER A 118 -16.24 -7.67 -31.64
C SER A 118 -16.63 -9.03 -31.07
N SER A 119 -17.22 -9.01 -29.88
CA SER A 119 -17.65 -10.24 -29.24
C SER A 119 -18.83 -10.86 -30.00
N ARG A 120 -19.38 -10.11 -30.95
CA ARG A 120 -20.49 -10.60 -31.76
C ARG A 120 -19.99 -11.34 -32.98
N ALA A 121 -18.95 -10.80 -33.61
CA ALA A 121 -18.37 -11.40 -34.81
C ALA A 121 -18.16 -12.90 -34.63
N SER A 122 -17.39 -13.28 -33.62
CA SER A 122 -17.11 -14.69 -33.35
C SER A 122 -18.40 -15.50 -33.25
N SER A 123 -19.30 -15.07 -32.37
CA SER A 123 -20.58 -15.75 -32.18
C SER A 123 -20.37 -17.25 -31.97
N ARG A 124 -19.94 -17.62 -30.78
CA ARG A 124 -19.71 -19.03 -30.46
C ARG A 124 -21.03 -19.78 -30.33
N PRO A 125 -21.32 -20.71 -31.27
CA PRO A 125 -22.56 -21.49 -31.26
C PRO A 125 -22.54 -22.61 -30.23
N ARG A 126 -23.50 -22.59 -29.32
CA ARG A 126 -23.59 -23.62 -28.27
C ARG A 126 -25.01 -23.72 -27.70
N PRO A 127 -25.63 -22.59 -27.31
CA PRO A 127 -26.99 -22.58 -26.74
C PRO A 127 -28.06 -22.90 -27.78
N ASP A 128 -27.97 -24.09 -28.37
CA ASP A 128 -28.93 -24.53 -29.37
C ASP A 128 -29.00 -23.54 -30.53
N ASP A 129 -27.85 -23.04 -30.95
CA ASP A 129 -27.76 -22.08 -32.06
C ASP A 129 -28.34 -20.74 -31.66
N LEU A 130 -28.10 -20.37 -30.41
CA LEU A 130 -28.56 -19.10 -29.88
C LEU A 130 -29.98 -18.75 -30.32
N GLU A 131 -30.78 -19.77 -30.64
CA GLU A 131 -32.15 -19.53 -31.08
C GLU A 131 -33.06 -19.15 -29.92
N ILE A 132 -32.55 -19.24 -28.69
CA ILE A 132 -33.32 -18.89 -27.51
C ILE A 132 -32.45 -18.18 -26.49
N GLY A 1 38.89 -1.96 44.23
CA GLY A 1 37.87 -2.45 45.19
C GLY A 1 38.37 -3.60 46.05
N PRO A 2 38.17 -4.85 45.60
CA PRO A 2 38.60 -6.04 46.33
C PRO A 2 40.12 -6.19 46.34
N LEU A 3 40.74 -5.90 47.48
CA LEU A 3 42.19 -5.99 47.62
C LEU A 3 42.71 -7.31 47.05
N GLY A 4 44.01 -7.35 46.76
CA GLY A 4 44.61 -8.56 46.22
C GLY A 4 45.01 -8.41 44.77
N SER A 5 44.29 -7.57 44.04
CA SER A 5 44.58 -7.33 42.64
C SER A 5 44.73 -5.84 42.35
N PRO A 6 45.81 -5.21 42.88
CA PRO A 6 46.07 -3.79 42.68
C PRO A 6 46.82 -3.50 41.40
N SER A 7 46.82 -4.45 40.46
CA SER A 7 47.50 -4.28 39.19
C SER A 7 46.52 -4.25 38.03
N LYS A 8 45.23 -4.38 38.35
CA LYS A 8 44.18 -4.37 37.33
C LYS A 8 44.36 -5.54 36.36
N ASP A 9 45.30 -5.39 35.43
CA ASP A 9 45.57 -6.44 34.46
C ASP A 9 46.71 -6.05 33.53
N CYS A 10 46.79 -4.77 33.20
CA CYS A 10 47.84 -4.26 32.32
C CYS A 10 47.75 -4.91 30.94
N GLY A 11 46.91 -4.35 30.08
CA GLY A 11 46.75 -4.88 28.75
C GLY A 11 45.29 -5.01 28.35
N SER A 12 44.47 -5.50 29.26
CA SER A 12 43.05 -5.67 29.01
C SER A 12 42.81 -6.68 27.89
N PRO A 13 41.71 -7.45 27.95
CA PRO A 13 41.39 -8.45 26.94
C PRO A 13 41.36 -7.87 25.53
N LYS A 14 40.46 -6.91 25.30
CA LYS A 14 40.34 -6.28 24.00
C LYS A 14 39.44 -5.05 24.10
N TYR A 15 38.17 -5.28 24.38
CA TYR A 15 37.20 -4.19 24.49
C TYR A 15 36.42 -4.31 25.79
N ALA A 16 36.12 -3.17 26.41
CA ALA A 16 35.37 -3.16 27.66
C ALA A 16 35.07 -1.73 28.10
N TYR A 17 36.11 -1.01 28.51
CA TYR A 17 35.95 0.37 28.97
C TYR A 17 35.09 0.44 30.22
N PHE A 18 34.91 -0.69 30.90
CA PHE A 18 34.11 -0.75 32.11
C PHE A 18 34.55 0.33 33.10
N ASN A 19 35.82 0.76 32.96
CA ASN A 19 36.38 1.79 33.83
C ASN A 19 36.57 1.27 35.25
N GLY A 20 35.46 0.93 35.92
CA GLY A 20 35.54 0.42 37.27
C GLY A 20 34.19 0.32 37.93
N CYS A 21 33.39 -0.66 37.53
CA CYS A 21 32.07 -0.87 38.09
C CYS A 21 32.01 -2.16 38.89
N SER A 22 31.34 -2.10 40.03
CA SER A 22 31.19 -3.26 40.90
C SER A 22 30.26 -4.29 40.26
N SER A 23 30.69 -4.86 39.14
CA SER A 23 29.89 -5.85 38.43
C SER A 23 30.78 -6.77 37.59
N PRO A 24 31.25 -7.89 38.17
CA PRO A 24 32.09 -8.85 37.45
C PRO A 24 31.32 -9.57 36.36
N THR A 25 30.83 -8.81 35.39
CA THR A 25 30.06 -9.36 34.28
C THR A 25 30.99 -9.90 33.19
N ALA A 26 31.87 -9.05 32.69
CA ALA A 26 32.81 -9.45 31.64
C ALA A 26 32.08 -10.05 30.45
N PRO A 27 31.21 -9.26 29.78
CA PRO A 27 30.45 -9.72 28.63
C PRO A 27 31.34 -10.25 27.52
N LEU A 28 30.79 -10.32 26.31
CA LEU A 28 31.53 -10.80 25.15
C LEU A 28 30.92 -10.26 23.85
N SER A 29 29.73 -10.76 23.52
CA SER A 29 29.03 -10.33 22.32
C SER A 29 27.69 -11.03 22.19
N PRO A 30 26.78 -10.83 23.17
CA PRO A 30 25.45 -11.43 23.15
C PRO A 30 24.74 -11.19 21.82
N MET A 31 24.81 -9.95 21.35
CA MET A 31 24.19 -9.57 20.08
C MET A 31 24.72 -10.44 18.94
N SER A 32 24.50 -9.99 17.70
CA SER A 32 24.95 -10.74 16.53
C SER A 32 25.69 -9.83 15.56
N PRO A 33 27.00 -9.60 15.81
CA PRO A 33 27.83 -8.74 14.95
C PRO A 33 27.76 -9.14 13.48
N PRO A 34 27.86 -10.45 13.17
CA PRO A 34 27.80 -10.95 11.79
C PRO A 34 26.39 -10.89 11.22
N GLY A 35 25.83 -9.69 11.16
CA GLY A 35 24.51 -9.51 10.63
C GLY A 35 24.46 -9.64 9.11
N TYR A 36 24.82 -10.81 8.61
CA TYR A 36 24.82 -11.06 7.17
C TYR A 36 23.79 -12.12 6.82
N LYS A 37 22.61 -12.01 7.42
CA LYS A 37 21.53 -12.96 7.18
C LYS A 37 20.38 -12.30 6.42
N LEU A 38 19.94 -11.14 6.92
CA LEU A 38 18.85 -10.41 6.29
C LEU A 38 17.60 -11.28 6.20
N VAL A 39 16.46 -10.66 5.92
CA VAL A 39 15.19 -11.37 5.81
C VAL A 39 14.76 -11.93 7.16
N THR A 40 14.58 -11.05 8.13
CA THR A 40 14.18 -11.45 9.47
C THR A 40 12.65 -11.35 9.63
N GLY A 41 11.92 -11.73 8.59
CA GLY A 41 10.48 -11.67 8.64
C GLY A 41 9.93 -10.34 8.15
N ASP A 42 10.65 -9.72 7.22
CA ASP A 42 10.23 -8.44 6.66
C ASP A 42 10.52 -8.37 5.16
N ARG A 43 10.42 -9.51 4.50
CA ARG A 43 10.66 -9.59 3.07
C ARG A 43 9.96 -10.80 2.45
N ASN A 44 8.77 -11.11 2.95
CA ASN A 44 8.00 -12.24 2.46
C ASN A 44 6.72 -11.77 1.78
N ASN A 45 6.18 -10.65 2.25
CA ASN A 45 4.95 -10.10 1.68
C ASN A 45 5.25 -9.20 0.49
N SER A 46 6.17 -8.25 0.68
CA SER A 46 6.55 -7.32 -0.38
C SER A 46 7.70 -6.43 0.07
N SER A 47 7.65 -6.00 1.33
CA SER A 47 8.69 -5.14 1.89
C SER A 47 8.92 -3.91 1.01
N CYS A 48 7.85 -3.18 0.72
CA CYS A 48 7.94 -1.99 -0.10
C CYS A 48 8.42 -0.80 0.73
N ARG A 49 7.62 -0.39 1.70
CA ARG A 49 7.97 0.72 2.57
C ARG A 49 6.88 0.95 3.62
N ASN A 50 6.36 -0.14 4.17
CA ASN A 50 5.31 -0.05 5.19
C ASN A 50 5.36 -1.26 6.12
N TYR A 51 6.21 -1.19 7.13
CA TYR A 51 6.34 -2.26 8.09
C TYR A 51 5.56 -1.97 9.37
N ASN A 52 4.29 -2.33 9.37
CA ASN A 52 3.42 -2.10 10.52
C ASN A 52 2.86 -3.42 11.05
N LYS A 53 2.57 -4.34 10.13
CA LYS A 53 2.02 -5.64 10.49
C LYS A 53 0.90 -5.50 11.52
N GLN A 54 0.18 -4.39 11.47
CA GLN A 54 -0.91 -4.12 12.39
C GLN A 54 -2.23 -4.58 11.80
N ALA A 55 -3.34 -4.23 12.46
CA ALA A 55 -4.67 -4.60 12.01
C ALA A 55 -5.74 -3.86 12.78
N SER A 56 -5.96 -2.60 12.44
CA SER A 56 -6.96 -1.78 13.10
C SER A 56 -8.01 -1.27 12.12
N GLU A 57 -7.54 -0.56 11.09
CA GLU A 57 -8.44 -0.01 10.08
C GLU A 57 -7.64 0.53 8.90
N GLN A 58 -8.34 1.23 7.99
CA GLN A 58 -7.71 1.80 6.80
C GLN A 58 -7.53 0.73 5.72
N ASN A 59 -8.38 -0.28 5.77
CA ASN A 59 -8.32 -1.38 4.81
C ASN A 59 -9.66 -1.55 4.10
N TRP A 60 -10.41 -0.47 4.02
CA TRP A 60 -11.72 -0.49 3.36
C TRP A 60 -11.84 0.63 2.35
N ALA A 61 -11.51 1.85 2.77
CA ALA A 61 -11.60 3.02 1.90
C ALA A 61 -11.22 4.29 2.66
N ASN A 62 -9.96 4.41 3.00
CA ASN A 62 -9.46 5.59 3.72
C ASN A 62 -9.15 6.73 2.76
N TYR A 63 -10.10 7.07 1.90
CA TYR A 63 -9.90 8.15 0.95
C TYR A 63 -10.36 9.49 1.54
N SER A 64 -11.57 9.50 2.08
CA SER A 64 -12.13 10.70 2.70
C SER A 64 -13.40 10.38 3.48
N ALA A 65 -13.47 9.16 4.02
CA ALA A 65 -14.63 8.74 4.79
C ALA A 65 -15.93 9.07 4.06
N GLU A 66 -16.01 8.72 2.79
CA GLU A 66 -17.19 8.98 1.99
C GLU A 66 -18.34 8.04 2.35
N GLN A 67 -17.99 6.81 2.73
CA GLN A 67 -19.01 5.83 3.09
C GLN A 67 -19.79 6.29 4.30
N ASN A 68 -19.10 6.87 5.28
CA ASN A 68 -19.77 7.36 6.48
C ASN A 68 -20.88 8.29 6.07
N ARG A 69 -20.55 9.19 5.17
CA ARG A 69 -21.51 10.14 4.64
C ARG A 69 -22.68 9.40 4.04
N MET A 70 -22.37 8.47 3.14
CA MET A 70 -23.41 7.68 2.48
C MET A 70 -24.27 6.98 3.52
N GLY A 71 -23.62 6.52 4.58
CA GLY A 71 -24.34 5.86 5.65
C GLY A 71 -25.44 6.75 6.18
N GLN A 72 -25.07 7.97 6.54
CA GLN A 72 -26.04 8.95 7.02
C GLN A 72 -27.08 9.21 5.95
N ALA A 73 -26.61 9.72 4.83
CA ALA A 73 -27.45 10.04 3.68
C ALA A 73 -28.49 8.94 3.41
N GLY A 74 -28.18 7.70 3.79
CA GLY A 74 -29.10 6.61 3.55
C GLY A 74 -29.80 6.16 4.82
N SER A 75 -29.25 6.57 5.96
CA SER A 75 -29.81 6.21 7.26
C SER A 75 -30.95 7.15 7.64
N THR A 76 -30.98 8.33 7.05
CA THR A 76 -32.02 9.32 7.34
C THR A 76 -33.41 8.72 7.10
N ILE A 77 -33.52 7.95 6.03
CA ILE A 77 -34.79 7.32 5.68
C ILE A 77 -35.93 8.32 5.65
N SER A 78 -36.19 8.87 4.47
CA SER A 78 -37.26 9.85 4.31
C SER A 78 -38.20 9.46 3.17
N ASN A 79 -37.84 8.40 2.44
CA ASN A 79 -38.66 7.93 1.32
C ASN A 79 -38.00 6.72 0.65
N SER A 80 -36.67 6.70 0.66
CA SER A 80 -35.90 5.62 0.05
C SER A 80 -35.97 5.70 -1.48
N HIS A 81 -35.37 6.75 -2.02
CA HIS A 81 -35.36 6.96 -3.46
C HIS A 81 -33.93 6.83 -4.01
N ALA A 82 -33.53 7.69 -4.94
CA ALA A 82 -32.19 7.62 -5.51
C ALA A 82 -31.16 8.25 -4.58
N GLN A 83 -31.43 8.21 -3.29
CA GLN A 83 -30.52 8.77 -2.30
C GLN A 83 -29.26 7.91 -2.14
N PRO A 84 -29.36 6.57 -2.32
CA PRO A 84 -28.20 5.69 -2.20
C PRO A 84 -27.16 5.97 -3.28
N PHE A 85 -27.60 6.61 -4.36
CA PHE A 85 -26.72 6.95 -5.47
C PHE A 85 -26.59 8.46 -5.62
N ASP A 86 -27.61 9.19 -5.18
CA ASP A 86 -27.62 10.65 -5.27
C ASP A 86 -27.15 11.13 -6.63
N PHE A 87 -27.42 10.33 -7.64
CA PHE A 87 -27.03 10.65 -9.01
C PHE A 87 -28.24 10.89 -9.90
N PRO A 88 -29.08 11.88 -9.56
CA PRO A 88 -30.28 12.20 -10.34
C PRO A 88 -29.95 12.57 -11.78
N ASP A 89 -29.42 13.77 -11.98
CA ASP A 89 -29.08 14.24 -13.31
C ASP A 89 -27.57 14.18 -13.53
N ASP A 90 -26.93 13.16 -12.97
CA ASP A 90 -25.49 12.98 -13.10
C ASP A 90 -25.16 12.03 -14.25
N ASN A 91 -25.36 12.50 -15.48
CA ASN A 91 -25.08 11.69 -16.66
C ASN A 91 -24.86 12.58 -17.89
N GLN A 92 -25.76 13.55 -18.08
CA GLN A 92 -25.65 14.46 -19.21
C GLN A 92 -24.34 15.23 -19.15
N ASN A 93 -24.10 15.88 -18.01
CA ASN A 93 -22.87 16.64 -17.82
C ASN A 93 -21.66 15.72 -17.88
N ALA A 94 -21.86 14.46 -17.49
CA ALA A 94 -20.79 13.47 -17.50
C ALA A 94 -20.27 13.25 -18.91
N LYS A 95 -21.18 12.97 -19.85
CA LYS A 95 -20.79 12.75 -21.23
C LYS A 95 -20.56 14.07 -21.96
N LYS A 96 -21.03 15.16 -21.37
CA LYS A 96 -20.86 16.48 -21.97
C LYS A 96 -19.39 16.86 -22.04
N VAL A 97 -18.57 16.17 -21.27
CA VAL A 97 -17.14 16.42 -21.24
C VAL A 97 -16.33 15.13 -21.43
N ALA A 98 -17.04 14.01 -21.62
CA ALA A 98 -16.38 12.73 -21.80
C ALA A 98 -15.44 12.76 -23.01
N ALA A 99 -15.79 13.59 -23.99
CA ALA A 99 -14.99 13.72 -25.20
C ALA A 99 -13.85 14.71 -25.00
N GLY A 100 -13.03 14.45 -23.97
CA GLY A 100 -11.90 15.33 -23.69
C GLY A 100 -11.30 15.06 -22.33
N HIS A 101 -12.11 14.56 -21.41
CA HIS A 101 -11.64 14.25 -20.06
C HIS A 101 -11.05 12.84 -19.99
N GLU A 102 -10.80 12.24 -21.14
CA GLU A 102 -10.24 10.90 -21.21
C GLU A 102 -8.78 10.94 -21.62
N LEU A 103 -8.38 12.03 -22.29
CA LEU A 103 -7.01 12.20 -22.76
C LEU A 103 -6.71 11.32 -23.97
N GLN A 104 -6.93 10.02 -23.83
CA GLN A 104 -6.68 9.08 -24.91
C GLN A 104 -8.00 8.61 -25.54
N PRO A 105 -8.38 9.20 -26.68
CA PRO A 105 -9.62 8.84 -27.38
C PRO A 105 -9.45 7.59 -28.25
N LEU A 106 -8.86 6.55 -27.68
CA LEU A 106 -8.65 5.30 -28.41
C LEU A 106 -7.79 5.54 -29.65
N ALA A 107 -6.90 6.52 -29.57
CA ALA A 107 -6.01 6.84 -30.68
C ALA A 107 -4.92 5.79 -30.84
N ILE A 108 -4.52 5.19 -29.72
CA ILE A 108 -3.47 4.19 -29.74
C ILE A 108 -4.06 2.78 -29.66
N VAL A 109 -5.05 2.61 -28.78
CA VAL A 109 -5.69 1.30 -28.61
C VAL A 109 -6.67 1.03 -29.74
N ASP A 110 -6.14 0.94 -30.95
CA ASP A 110 -6.96 0.65 -32.12
C ASP A 110 -7.35 -0.81 -32.14
N GLN A 111 -6.37 -1.69 -31.94
CA GLN A 111 -6.60 -3.11 -31.91
C GLN A 111 -5.45 -3.85 -31.25
N ARG A 112 -5.20 -3.56 -29.97
CA ARG A 112 -4.12 -4.21 -29.22
C ARG A 112 -4.02 -5.69 -29.62
N PRO A 113 -5.15 -6.43 -29.58
CA PRO A 113 -5.18 -7.84 -29.95
C PRO A 113 -4.35 -8.16 -31.17
N SER A 114 -4.53 -7.34 -32.22
CA SER A 114 -3.82 -7.53 -33.48
C SER A 114 -4.53 -8.59 -34.32
N SER A 115 -5.25 -9.48 -33.65
CA SER A 115 -6.00 -10.53 -34.31
C SER A 115 -7.49 -10.28 -34.18
N ARG A 116 -7.83 -9.04 -33.82
CA ARG A 116 -9.22 -8.64 -33.65
C ARG A 116 -9.93 -9.51 -32.62
N ALA A 117 -10.55 -10.60 -33.06
CA ALA A 117 -11.26 -11.49 -32.14
C ALA A 117 -12.47 -10.78 -31.52
N SER A 118 -12.59 -9.47 -31.77
CA SER A 118 -13.70 -8.68 -31.25
C SER A 118 -14.83 -8.57 -32.27
N SER A 119 -14.98 -7.40 -32.87
CA SER A 119 -16.05 -7.19 -33.84
C SER A 119 -17.42 -7.34 -33.17
N ARG A 120 -17.43 -7.69 -31.88
CA ARG A 120 -18.67 -7.87 -31.15
C ARG A 120 -18.96 -6.65 -30.27
N ALA A 121 -17.90 -6.05 -29.74
CA ALA A 121 -18.03 -4.88 -28.88
C ALA A 121 -18.96 -3.83 -29.50
N SER A 122 -18.58 -3.34 -30.67
CA SER A 122 -19.38 -2.33 -31.37
C SER A 122 -20.72 -2.91 -31.80
N SER A 123 -20.71 -4.18 -32.18
CA SER A 123 -21.92 -4.86 -32.62
C SER A 123 -22.52 -4.17 -33.85
N ARG A 124 -21.70 -4.00 -34.89
CA ARG A 124 -22.15 -3.36 -36.11
C ARG A 124 -21.05 -3.34 -37.17
N PRO A 125 -21.16 -4.18 -38.21
CA PRO A 125 -20.16 -4.26 -39.28
C PRO A 125 -19.98 -2.93 -39.99
N ARG A 126 -21.09 -2.24 -40.23
CA ARG A 126 -21.06 -0.95 -40.91
C ARG A 126 -22.47 -0.37 -41.06
N PRO A 127 -23.43 -1.18 -41.56
CA PRO A 127 -24.80 -0.75 -41.77
C PRO A 127 -25.66 -0.90 -40.51
N ASP A 128 -25.12 -0.46 -39.38
CA ASP A 128 -25.85 -0.55 -38.11
C ASP A 128 -26.29 -1.98 -37.82
N ASP A 129 -25.34 -2.91 -37.87
CA ASP A 129 -25.61 -4.32 -37.61
C ASP A 129 -26.52 -4.91 -38.67
N LEU A 130 -26.43 -4.35 -39.88
CA LEU A 130 -27.20 -4.82 -41.01
C LEU A 130 -28.70 -4.58 -40.85
N GLU A 131 -29.12 -4.03 -39.72
CA GLU A 131 -30.54 -3.76 -39.50
C GLU A 131 -30.84 -2.30 -39.77
N ILE A 132 -30.02 -1.67 -40.62
CA ILE A 132 -30.20 -0.27 -40.97
C ILE A 132 -29.98 0.63 -39.77
N GLY A 1 17.83 1.78 49.88
CA GLY A 1 19.15 1.52 49.24
C GLY A 1 19.30 2.22 47.90
N PRO A 2 19.80 3.46 47.89
CA PRO A 2 19.98 4.22 46.65
C PRO A 2 20.76 3.45 45.60
N LEU A 3 20.41 3.66 44.34
CA LEU A 3 21.08 2.98 43.23
C LEU A 3 21.09 3.85 41.98
N GLY A 4 22.28 4.03 41.41
CA GLY A 4 22.40 4.84 40.21
C GLY A 4 23.62 5.75 40.25
N SER A 5 23.46 6.91 40.90
CA SER A 5 24.55 7.87 41.02
C SER A 5 25.55 7.47 42.10
N PRO A 6 25.08 6.84 43.20
CA PRO A 6 25.95 6.42 44.29
C PRO A 6 26.48 5.01 44.10
N SER A 7 26.30 4.46 42.90
CA SER A 7 26.77 3.11 42.60
C SER A 7 28.05 3.15 41.76
N LYS A 8 28.63 4.33 41.61
CA LYS A 8 29.85 4.51 40.83
C LYS A 8 29.62 4.15 39.37
N ASP A 9 29.62 2.85 39.07
CA ASP A 9 29.41 2.38 37.70
C ASP A 9 29.14 0.88 37.67
N CYS A 10 28.37 0.45 36.68
CA CYS A 10 28.03 -0.97 36.55
C CYS A 10 29.09 -1.71 35.74
N GLY A 11 29.57 -1.07 34.67
CA GLY A 11 30.58 -1.68 33.82
C GLY A 11 30.45 -1.26 32.37
N SER A 12 30.25 0.03 32.14
CA SER A 12 30.11 0.56 30.79
C SER A 12 31.48 0.93 30.21
N PRO A 13 31.96 0.21 29.19
CA PRO A 13 33.26 0.48 28.56
C PRO A 13 33.36 1.91 28.06
N LYS A 14 32.56 2.26 27.06
CA LYS A 14 32.58 3.59 26.48
C LYS A 14 31.29 4.35 26.80
N TYR A 15 30.62 3.93 27.87
CA TYR A 15 29.38 4.58 28.30
C TYR A 15 28.35 4.55 27.18
N ALA A 16 27.33 3.70 27.34
CA ALA A 16 26.28 3.57 26.33
C ALA A 16 24.90 3.66 26.96
N TYR A 17 24.48 4.89 27.28
CA TYR A 17 23.17 5.12 27.87
C TYR A 17 22.28 5.93 26.94
N PHE A 18 22.90 6.69 26.04
CA PHE A 18 22.15 7.50 25.08
C PHE A 18 20.91 6.76 24.59
N ASN A 19 21.06 5.43 24.51
CA ASN A 19 19.99 4.52 24.10
C ASN A 19 20.58 3.36 23.33
N GLY A 20 21.66 3.65 22.60
CA GLY A 20 22.32 2.62 21.82
C GLY A 20 21.98 2.68 20.36
N CYS A 21 21.30 1.66 19.86
CA CYS A 21 20.93 1.61 18.46
C CYS A 21 19.63 2.36 18.20
N SER A 22 19.68 3.27 17.25
CA SER A 22 18.52 4.06 16.88
C SER A 22 17.36 3.16 16.45
N SER A 23 17.70 2.01 15.88
CA SER A 23 16.69 1.07 15.42
C SER A 23 15.72 0.68 16.54
N PRO A 24 14.47 1.15 16.48
CA PRO A 24 13.46 0.81 17.50
C PRO A 24 13.27 -0.70 17.59
N THR A 25 13.72 -1.40 16.55
CA THR A 25 13.62 -2.85 16.47
C THR A 25 14.35 -3.52 17.63
N ALA A 26 13.73 -3.50 18.80
CA ALA A 26 14.32 -4.10 19.99
C ALA A 26 14.55 -5.60 19.80
N PRO A 27 13.50 -6.33 19.35
CA PRO A 27 13.59 -7.78 19.13
C PRO A 27 14.69 -8.14 18.14
N LEU A 28 14.56 -9.31 17.52
CA LEU A 28 15.55 -9.77 16.55
C LEU A 28 14.88 -10.45 15.36
N SER A 29 13.92 -11.33 15.64
CA SER A 29 13.20 -12.04 14.60
C SER A 29 11.75 -11.57 14.52
N PRO A 30 11.38 -10.84 13.46
CA PRO A 30 10.02 -10.33 13.28
C PRO A 30 9.00 -11.47 13.18
N MET A 31 9.47 -12.61 12.68
CA MET A 31 8.60 -13.78 12.54
C MET A 31 7.37 -13.46 11.69
N SER A 32 6.64 -14.49 11.32
CA SER A 32 5.43 -14.32 10.51
C SER A 32 4.30 -15.19 11.05
N PRO A 33 3.98 -15.03 12.35
CA PRO A 33 2.91 -15.79 13.00
C PRO A 33 1.53 -15.31 12.56
N PRO A 34 0.46 -16.00 12.99
CA PRO A 34 -0.92 -15.63 12.64
C PRO A 34 -1.21 -14.15 12.90
N GLY A 35 -0.39 -13.52 13.74
CA GLY A 35 -0.59 -12.11 14.04
C GLY A 35 -1.38 -11.91 15.32
N TYR A 36 -1.09 -12.72 16.34
CA TYR A 36 -1.79 -12.63 17.62
C TYR A 36 -3.29 -12.83 17.45
N LYS A 37 -3.79 -13.95 17.94
CA LYS A 37 -5.21 -14.27 17.84
C LYS A 37 -5.80 -14.54 19.22
N LEU A 38 -5.39 -13.75 20.21
CA LEU A 38 -5.88 -13.91 21.56
C LEU A 38 -7.26 -13.30 21.71
N VAL A 39 -7.49 -12.18 21.04
CA VAL A 39 -8.78 -11.51 21.09
C VAL A 39 -9.49 -11.54 19.73
N THR A 40 -8.79 -11.07 18.71
CA THR A 40 -9.34 -11.04 17.36
C THR A 40 -10.73 -10.40 17.33
N GLY A 41 -10.98 -9.50 18.28
CA GLY A 41 -12.26 -8.84 18.36
C GLY A 41 -12.50 -7.90 17.19
N ASP A 42 -11.42 -7.42 16.59
CA ASP A 42 -11.51 -6.50 15.46
C ASP A 42 -12.23 -5.21 15.86
N ARG A 43 -11.92 -4.73 17.06
CA ARG A 43 -12.52 -3.51 17.57
C ARG A 43 -11.50 -2.40 17.69
N ASN A 44 -10.25 -2.78 17.99
CA ASN A 44 -9.17 -1.80 18.13
C ASN A 44 -8.97 -1.03 16.83
N ASN A 45 -8.59 -1.76 15.79
CA ASN A 45 -8.34 -1.19 14.49
C ASN A 45 -9.62 -0.63 13.88
N SER A 46 -10.69 -1.41 13.97
CA SER A 46 -12.00 -1.03 13.44
C SER A 46 -12.13 -1.45 11.98
N SER A 47 -11.06 -1.26 11.22
CA SER A 47 -11.04 -1.62 9.81
C SER A 47 -12.23 -1.01 9.07
N CYS A 48 -12.68 0.15 9.55
CA CYS A 48 -13.80 0.85 8.94
C CYS A 48 -13.35 2.13 8.26
N ARG A 49 -12.23 2.67 8.73
CA ARG A 49 -11.69 3.91 8.17
C ARG A 49 -10.21 4.05 8.50
N ASN A 50 -9.87 3.81 9.77
CA ASN A 50 -8.49 3.89 10.24
C ASN A 50 -7.81 5.17 9.73
N TYR A 51 -7.84 6.21 10.54
CA TYR A 51 -7.22 7.48 10.17
C TYR A 51 -5.71 7.37 10.22
N ASN A 52 -5.09 7.18 9.05
CA ASN A 52 -3.65 7.06 8.96
C ASN A 52 -3.09 8.00 7.89
N LYS A 53 -3.20 9.30 8.15
CA LYS A 53 -2.70 10.30 7.22
C LYS A 53 -1.23 10.60 7.51
N GLN A 54 -0.43 9.56 7.64
CA GLN A 54 0.99 9.71 7.92
C GLN A 54 1.84 9.12 6.80
N ALA A 55 1.29 9.12 5.59
CA ALA A 55 1.99 8.59 4.43
C ALA A 55 2.48 9.71 3.53
N SER A 56 3.50 10.43 3.99
CA SER A 56 4.06 11.54 3.23
C SER A 56 5.23 12.18 3.98
N GLU A 57 5.14 12.19 5.31
CA GLU A 57 6.19 12.78 6.14
C GLU A 57 6.31 14.27 5.90
N GLN A 58 7.01 14.66 4.84
CA GLN A 58 7.20 16.07 4.51
C GLN A 58 8.04 16.74 5.59
N ASN A 59 9.02 16.01 6.11
CA ASN A 59 9.90 16.51 7.15
C ASN A 59 11.13 17.17 6.51
N TRP A 60 10.93 17.71 5.32
CA TRP A 60 12.00 18.36 4.57
C TRP A 60 11.41 19.40 3.62
N ALA A 61 10.44 18.96 2.81
CA ALA A 61 9.78 19.84 1.86
C ALA A 61 10.80 20.50 0.93
N ASN A 62 11.23 19.75 -0.09
CA ASN A 62 12.20 20.26 -1.04
C ASN A 62 11.93 19.74 -2.45
N TYR A 63 12.26 18.47 -2.69
CA TYR A 63 12.04 17.86 -3.99
C TYR A 63 10.69 17.18 -4.08
N SER A 64 9.76 17.61 -3.23
CA SER A 64 8.41 17.06 -3.21
C SER A 64 7.42 18.04 -3.81
N ALA A 65 7.78 19.32 -3.77
CA ALA A 65 6.91 20.37 -4.32
C ALA A 65 6.90 20.33 -5.84
N GLU A 66 7.90 19.70 -6.44
CA GLU A 66 7.99 19.60 -7.89
C GLU A 66 7.39 18.29 -8.40
N GLN A 67 7.28 17.30 -7.52
CA GLN A 67 6.73 16.01 -7.90
C GLN A 67 5.28 16.15 -8.35
N ASN A 68 4.45 16.75 -7.52
CA ASN A 68 3.04 16.93 -7.86
C ASN A 68 2.92 17.59 -9.22
N ARG A 69 3.75 18.57 -9.46
CA ARG A 69 3.74 19.29 -10.72
C ARG A 69 4.05 18.34 -11.88
N MET A 70 5.03 17.48 -11.69
CA MET A 70 5.39 16.53 -12.74
C MET A 70 4.38 15.41 -12.84
N GLY A 71 3.73 15.12 -11.73
CA GLY A 71 2.71 14.09 -11.73
C GLY A 71 1.59 14.47 -12.67
N GLN A 72 1.13 15.71 -12.53
CA GLN A 72 0.09 16.25 -13.39
C GLN A 72 0.68 16.56 -14.76
N ALA A 73 1.61 17.50 -14.77
CA ALA A 73 2.29 17.92 -15.99
C ALA A 73 2.68 16.73 -16.86
N GLY A 74 2.97 15.60 -16.22
CA GLY A 74 3.36 14.40 -16.94
C GLY A 74 2.19 13.50 -17.25
N SER A 75 1.18 13.51 -16.38
CA SER A 75 0.00 12.67 -16.56
C SER A 75 -0.94 13.27 -17.62
N THR A 76 -0.88 14.58 -17.78
CA THR A 76 -1.72 15.27 -18.76
C THR A 76 -1.42 14.79 -20.17
N ILE A 77 -0.16 14.44 -20.42
CA ILE A 77 0.25 13.96 -21.73
C ILE A 77 -0.07 15.00 -22.81
N SER A 78 0.96 15.71 -23.26
CA SER A 78 0.79 16.73 -24.28
C SER A 78 2.12 17.12 -24.91
N ASN A 79 3.14 17.26 -24.07
CA ASN A 79 4.47 17.64 -24.54
C ASN A 79 4.98 16.64 -25.59
N SER A 80 4.97 15.36 -25.22
CA SER A 80 5.42 14.29 -26.10
C SER A 80 6.92 14.39 -26.35
N HIS A 81 7.67 14.54 -25.26
CA HIS A 81 9.12 14.65 -25.33
C HIS A 81 9.77 13.28 -25.28
N ALA A 82 9.34 12.40 -26.18
CA ALA A 82 9.89 11.05 -26.24
C ALA A 82 11.25 11.03 -26.93
N GLN A 83 12.19 11.78 -26.38
CA GLN A 83 13.54 11.85 -26.93
C GLN A 83 14.55 11.17 -26.01
N PRO A 84 14.54 11.49 -24.70
CA PRO A 84 15.46 10.87 -23.74
C PRO A 84 15.16 9.39 -23.56
N PHE A 85 13.89 9.03 -23.71
CA PHE A 85 13.47 7.65 -23.56
C PHE A 85 12.81 7.14 -24.84
N ASP A 86 12.08 8.02 -25.51
CA ASP A 86 11.40 7.67 -26.75
C ASP A 86 10.62 6.36 -26.59
N PHE A 87 9.91 6.27 -25.47
CA PHE A 87 9.12 5.07 -25.18
C PHE A 87 7.64 5.40 -25.02
N PRO A 88 7.05 6.08 -26.02
CA PRO A 88 5.63 6.46 -25.99
C PRO A 88 4.70 5.26 -26.17
N ASP A 89 5.21 4.21 -26.83
CA ASP A 89 4.42 3.01 -27.06
C ASP A 89 4.71 1.95 -26.00
N ASP A 90 4.94 2.39 -24.77
CA ASP A 90 5.24 1.48 -23.67
C ASP A 90 4.32 1.76 -22.48
N ASN A 91 3.05 1.40 -22.62
CA ASN A 91 2.07 1.61 -21.57
C ASN A 91 0.97 0.55 -21.61
N GLN A 92 0.46 0.30 -22.81
CA GLN A 92 -0.59 -0.69 -22.99
C GLN A 92 -0.11 -2.08 -22.60
N ASN A 93 1.11 -2.41 -23.00
CA ASN A 93 1.70 -3.70 -22.67
C ASN A 93 2.03 -3.79 -21.18
N ALA A 94 2.23 -2.63 -20.56
CA ALA A 94 2.56 -2.58 -19.14
C ALA A 94 1.32 -2.70 -18.27
N LYS A 95 0.19 -2.16 -18.76
CA LYS A 95 -1.06 -2.22 -18.02
C LYS A 95 -1.70 -3.59 -18.15
N LYS A 96 -1.70 -4.14 -19.36
CA LYS A 96 -2.28 -5.44 -19.62
C LYS A 96 -1.48 -6.55 -18.90
N VAL A 97 -0.35 -6.19 -18.33
CA VAL A 97 0.49 -7.16 -17.62
C VAL A 97 0.67 -6.76 -16.16
N ALA A 98 0.87 -5.48 -15.91
CA ALA A 98 1.06 -4.97 -14.55
C ALA A 98 -0.28 -4.62 -13.90
N ALA A 99 -1.20 -4.11 -14.70
CA ALA A 99 -2.51 -3.73 -14.20
C ALA A 99 -3.43 -4.94 -14.11
N GLY A 100 -3.02 -5.92 -13.30
CA GLY A 100 -3.81 -7.13 -13.13
C GLY A 100 -3.00 -8.27 -12.57
N HIS A 101 -1.69 -8.25 -12.81
CA HIS A 101 -0.80 -9.30 -12.32
C HIS A 101 -0.44 -9.08 -10.86
N GLU A 102 -0.95 -7.99 -10.27
CA GLU A 102 -0.68 -7.68 -8.87
C GLU A 102 -1.63 -8.43 -7.95
N LEU A 103 -2.85 -8.68 -8.43
CA LEU A 103 -3.84 -9.39 -7.64
C LEU A 103 -5.10 -9.65 -8.47
N GLN A 104 -5.52 -8.65 -9.25
CA GLN A 104 -6.71 -8.78 -10.08
C GLN A 104 -7.95 -8.94 -9.21
N PRO A 105 -9.06 -8.29 -9.59
CA PRO A 105 -10.32 -8.39 -8.84
C PRO A 105 -11.17 -9.58 -9.27
N LEU A 106 -10.55 -10.75 -9.30
CA LEU A 106 -11.24 -11.96 -9.71
C LEU A 106 -11.39 -12.92 -8.52
N ALA A 107 -10.29 -13.14 -7.81
CA ALA A 107 -10.28 -14.03 -6.65
C ALA A 107 -10.79 -15.42 -7.01
N ILE A 108 -10.60 -15.80 -8.27
CA ILE A 108 -11.05 -17.11 -8.74
C ILE A 108 -12.58 -17.17 -8.76
N VAL A 109 -13.18 -16.08 -9.20
CA VAL A 109 -14.64 -15.97 -9.27
C VAL A 109 -15.24 -15.90 -7.87
N ASP A 110 -15.16 -14.70 -7.28
CA ASP A 110 -15.71 -14.49 -5.93
C ASP A 110 -17.20 -14.19 -5.98
N GLN A 111 -17.64 -13.55 -7.07
CA GLN A 111 -19.05 -13.22 -7.23
C GLN A 111 -19.86 -14.41 -7.70
N ARG A 112 -19.18 -15.38 -8.31
CA ARG A 112 -19.84 -16.57 -8.83
C ARG A 112 -20.96 -16.18 -9.81
N PRO A 113 -20.69 -15.23 -10.72
CA PRO A 113 -21.67 -14.77 -11.70
C PRO A 113 -21.65 -15.58 -12.98
N SER A 114 -20.46 -16.04 -13.36
CA SER A 114 -20.31 -16.79 -14.60
C SER A 114 -20.68 -15.91 -15.79
N SER A 115 -21.02 -14.64 -15.52
CA SER A 115 -21.40 -13.71 -16.57
C SER A 115 -22.76 -14.10 -17.12
N ARG A 116 -23.60 -14.62 -16.25
CA ARG A 116 -24.94 -15.07 -16.62
C ARG A 116 -26.01 -14.30 -15.86
N ALA A 117 -25.59 -13.47 -14.92
CA ALA A 117 -26.52 -12.67 -14.14
C ALA A 117 -27.33 -11.74 -15.05
N SER A 118 -26.94 -11.64 -16.32
CA SER A 118 -27.64 -10.79 -17.27
C SER A 118 -27.14 -11.04 -18.69
N SER A 119 -26.90 -12.30 -19.00
CA SER A 119 -26.43 -12.67 -20.34
C SER A 119 -27.56 -12.52 -21.35
N ARG A 120 -28.77 -12.26 -20.86
CA ARG A 120 -29.93 -12.09 -21.72
C ARG A 120 -29.85 -10.78 -22.49
N ALA A 121 -29.32 -9.75 -21.83
CA ALA A 121 -29.17 -8.43 -22.44
C ALA A 121 -30.48 -7.65 -22.39
N SER A 122 -31.53 -8.23 -22.96
CA SER A 122 -32.84 -7.59 -22.98
C SER A 122 -33.93 -8.59 -23.36
N SER A 123 -33.77 -9.82 -22.88
CA SER A 123 -34.74 -10.88 -23.17
C SER A 123 -36.05 -10.64 -22.42
N ARG A 124 -36.83 -9.68 -22.90
CA ARG A 124 -38.11 -9.37 -22.27
C ARG A 124 -39.24 -9.36 -23.31
N PRO A 125 -39.64 -10.55 -23.80
CA PRO A 125 -40.71 -10.67 -24.79
C PRO A 125 -42.05 -10.16 -24.27
N ARG A 126 -42.74 -9.38 -25.09
CA ARG A 126 -44.04 -8.83 -24.71
C ARG A 126 -44.79 -8.34 -25.95
N PRO A 127 -44.16 -7.46 -26.76
CA PRO A 127 -44.78 -6.92 -27.96
C PRO A 127 -44.63 -7.87 -29.15
N ASP A 128 -45.16 -9.08 -29.01
CA ASP A 128 -45.08 -10.09 -30.06
C ASP A 128 -43.63 -10.49 -30.30
N ASP A 129 -42.84 -10.47 -29.24
CA ASP A 129 -41.42 -10.83 -29.30
C ASP A 129 -40.59 -9.69 -29.86
N LEU A 130 -41.05 -8.47 -29.61
CA LEU A 130 -40.35 -7.27 -30.05
C LEU A 130 -40.29 -7.16 -31.58
N GLU A 131 -40.95 -8.07 -32.28
CA GLU A 131 -40.94 -8.04 -33.75
C GLU A 131 -41.65 -6.79 -34.27
N ILE A 132 -42.42 -6.14 -33.41
CA ILE A 132 -43.14 -4.94 -33.80
C ILE A 132 -42.56 -3.70 -33.12
N GLY A 1 39.26 5.53 43.02
CA GLY A 1 38.02 6.17 43.54
C GLY A 1 36.89 5.18 43.73
N PRO A 2 35.87 5.53 44.52
CA PRO A 2 34.72 4.64 44.77
C PRO A 2 33.84 4.49 43.54
N LEU A 3 32.87 3.58 43.63
CA LEU A 3 31.95 3.33 42.52
C LEU A 3 30.56 3.00 43.03
N GLY A 4 29.55 3.54 42.37
CA GLY A 4 28.17 3.30 42.78
C GLY A 4 27.20 4.29 42.17
N SER A 5 27.42 5.57 42.48
CA SER A 5 26.56 6.63 41.96
C SER A 5 27.32 7.95 41.86
N PRO A 6 28.34 8.02 41.00
CA PRO A 6 29.16 9.22 40.81
C PRO A 6 28.33 10.41 40.35
N SER A 7 27.13 10.14 39.83
CA SER A 7 26.24 11.20 39.35
C SER A 7 25.39 11.76 40.48
N LYS A 8 25.64 11.31 41.70
CA LYS A 8 24.88 11.79 42.85
C LYS A 8 23.39 11.50 42.67
N ASP A 9 23.04 10.22 42.62
CA ASP A 9 21.65 9.81 42.45
C ASP A 9 20.74 10.51 43.46
N CYS A 10 20.16 11.63 43.03
CA CYS A 10 19.27 12.40 43.88
C CYS A 10 17.95 11.65 44.11
N GLY A 11 17.41 11.08 43.04
CA GLY A 11 16.16 10.35 43.14
C GLY A 11 15.34 10.40 41.87
N SER A 12 15.55 11.45 41.08
CA SER A 12 14.83 11.61 39.82
C SER A 12 13.32 11.75 40.07
N PRO A 13 12.62 12.55 39.24
CA PRO A 13 11.18 12.76 39.38
C PRO A 13 10.40 11.46 39.44
N LYS A 14 10.40 10.73 38.32
CA LYS A 14 9.68 9.46 38.24
C LYS A 14 10.26 8.58 37.14
N TYR A 15 10.20 7.26 37.34
CA TYR A 15 10.72 6.30 36.38
C TYR A 15 12.24 6.38 36.28
N ALA A 16 12.74 7.51 35.77
CA ALA A 16 14.17 7.71 35.62
C ALA A 16 14.77 6.75 34.61
N TYR A 17 15.05 5.52 35.06
CA TYR A 17 15.62 4.51 34.19
C TYR A 17 15.39 3.12 34.78
N PHE A 18 16.46 2.44 35.21
CA PHE A 18 16.36 1.11 35.80
C PHE A 18 15.33 0.27 35.05
N ASN A 19 15.25 0.50 33.74
CA ASN A 19 14.30 -0.21 32.89
C ASN A 19 14.30 -1.70 33.19
N GLY A 20 15.37 -2.38 32.78
CA GLY A 20 15.47 -3.81 33.01
C GLY A 20 16.82 -4.35 32.60
N CYS A 21 17.32 -3.91 31.46
CA CYS A 21 18.62 -4.36 30.96
C CYS A 21 19.67 -3.25 31.12
N SER A 22 19.21 -2.01 31.12
CA SER A 22 20.10 -0.86 31.26
C SER A 22 21.09 -0.80 30.10
N SER A 23 20.72 -1.40 28.98
CA SER A 23 21.59 -1.41 27.80
C SER A 23 21.71 -0.02 27.19
N PRO A 24 22.90 0.61 27.29
CA PRO A 24 23.14 1.94 26.73
C PRO A 24 22.96 1.95 25.21
N THR A 25 22.91 0.75 24.62
CA THR A 25 22.74 0.57 23.19
C THR A 25 21.94 1.70 22.55
N ALA A 26 20.70 1.89 23.00
CA ALA A 26 19.83 2.94 22.47
C ALA A 26 18.41 2.85 23.00
N PRO A 27 17.80 1.65 22.94
CA PRO A 27 16.43 1.43 23.42
C PRO A 27 16.29 1.56 24.92
N LEU A 28 16.06 2.79 25.40
CA LEU A 28 15.90 3.04 26.82
C LEU A 28 14.72 3.98 27.06
N SER A 29 13.71 3.87 26.20
CA SER A 29 12.51 4.71 26.31
C SER A 29 11.51 4.35 25.22
N PRO A 30 10.20 4.38 25.56
CA PRO A 30 9.14 4.09 24.59
C PRO A 30 9.05 5.16 23.52
N MET A 31 9.84 6.23 23.69
CA MET A 31 9.86 7.34 22.74
C MET A 31 9.94 6.83 21.30
N SER A 32 9.70 7.72 20.35
CA SER A 32 9.73 7.39 18.92
C SER A 32 10.78 6.33 18.57
N PRO A 33 12.08 6.58 18.88
CA PRO A 33 13.16 5.64 18.59
C PRO A 33 12.83 4.22 19.01
N PRO A 34 13.67 3.23 18.64
CA PRO A 34 13.46 1.83 18.99
C PRO A 34 13.19 1.63 20.48
N GLY A 35 11.91 1.61 20.84
CA GLY A 35 11.55 1.42 22.24
C GLY A 35 11.06 0.02 22.52
N TYR A 36 10.12 -0.46 21.69
CA TYR A 36 9.55 -1.80 21.85
C TYR A 36 8.71 -1.84 23.11
N LYS A 37 7.85 -0.85 23.26
CA LYS A 37 6.99 -0.75 24.43
C LYS A 37 5.58 -0.32 24.03
N LEU A 38 5.49 0.71 23.19
CA LEU A 38 4.20 1.22 22.75
C LEU A 38 3.98 0.92 21.27
N VAL A 39 3.83 -0.37 20.95
CA VAL A 39 3.62 -0.80 19.57
C VAL A 39 4.71 -0.28 18.64
N THR A 40 5.95 -0.73 18.89
CA THR A 40 7.08 -0.31 18.08
C THR A 40 7.57 -1.46 17.20
N GLY A 41 6.63 -2.13 16.53
CA GLY A 41 6.99 -3.24 15.67
C GLY A 41 6.81 -4.58 16.36
N ASP A 42 5.90 -4.63 17.32
CA ASP A 42 5.63 -5.86 18.06
C ASP A 42 4.14 -6.09 18.23
N ARG A 43 3.42 -5.04 18.64
CA ARG A 43 1.98 -5.12 18.84
C ARG A 43 1.24 -4.56 17.63
N ASN A 44 1.77 -4.83 16.44
CA ASN A 44 1.15 -4.34 15.21
C ASN A 44 0.42 -5.47 14.49
N ASN A 45 0.92 -6.69 14.65
CA ASN A 45 0.30 -7.86 14.02
C ASN A 45 -0.68 -8.53 14.97
N SER A 46 -0.20 -8.90 16.15
CA SER A 46 -1.04 -9.56 17.14
C SER A 46 -0.25 -9.84 18.42
N SER A 47 1.01 -10.19 18.27
CA SER A 47 1.87 -10.49 19.41
C SER A 47 1.22 -11.51 20.34
N CYS A 48 1.19 -12.77 19.90
CA CYS A 48 0.60 -13.84 20.69
C CYS A 48 1.54 -15.04 20.75
N ARG A 49 1.95 -15.53 19.58
CA ARG A 49 2.86 -16.67 19.50
C ARG A 49 3.98 -16.35 18.53
N ASN A 50 3.61 -15.75 17.42
CA ASN A 50 4.56 -15.36 16.39
C ASN A 50 5.77 -14.63 16.97
N TYR A 51 6.96 -15.08 16.61
CA TYR A 51 8.19 -14.47 17.10
C TYR A 51 9.21 -14.33 15.97
N ASN A 52 8.72 -14.01 14.78
CA ASN A 52 9.60 -13.84 13.63
C ASN A 52 10.03 -12.39 13.47
N LYS A 53 9.07 -11.48 13.53
CA LYS A 53 9.34 -10.05 13.40
C LYS A 53 10.06 -9.74 12.08
N GLN A 54 9.75 -10.52 11.05
CA GLN A 54 10.36 -10.32 9.74
C GLN A 54 9.79 -11.30 8.72
N ALA A 55 10.40 -11.35 7.54
CA ALA A 55 9.94 -12.23 6.47
C ALA A 55 8.51 -11.90 6.07
N SER A 56 8.31 -10.70 5.55
CA SER A 56 6.99 -10.26 5.13
C SER A 56 7.09 -9.08 4.17
N GLU A 57 7.97 -8.13 4.50
CA GLU A 57 8.17 -6.94 3.68
C GLU A 57 6.92 -6.06 3.68
N GLN A 58 5.89 -6.51 2.97
CA GLN A 58 4.64 -5.76 2.90
C GLN A 58 4.87 -4.36 2.36
N ASN A 59 5.95 -4.18 1.59
CA ASN A 59 6.28 -2.89 1.02
C ASN A 59 5.98 -2.86 -0.47
N TRP A 60 4.95 -3.59 -0.87
CA TRP A 60 4.55 -3.66 -2.27
C TRP A 60 3.06 -3.36 -2.43
N ALA A 61 2.28 -3.68 -1.40
CA ALA A 61 0.84 -3.44 -1.42
C ALA A 61 0.11 -4.49 -2.26
N ASN A 62 -0.64 -5.35 -1.59
CA ASN A 62 -1.39 -6.40 -2.26
C ASN A 62 -2.85 -6.00 -2.43
N TYR A 63 -3.08 -4.82 -3.00
CA TYR A 63 -4.43 -4.32 -3.22
C TYR A 63 -4.82 -4.49 -4.68
N SER A 64 -3.93 -4.02 -5.56
CA SER A 64 -4.16 -4.11 -7.00
C SER A 64 -2.85 -4.00 -7.78
N ALA A 65 -1.76 -4.39 -7.14
CA ALA A 65 -0.43 -4.34 -7.77
C ALA A 65 -0.21 -3.00 -8.46
N GLU A 66 -0.78 -1.94 -7.88
CA GLU A 66 -0.64 -0.60 -8.44
C GLU A 66 0.82 -0.25 -8.70
N GLN A 67 1.72 -0.87 -7.94
CA GLN A 67 3.14 -0.61 -8.11
C GLN A 67 3.60 -1.03 -9.49
N ASN A 68 3.30 -2.26 -9.87
CA ASN A 68 3.68 -2.75 -11.19
C ASN A 68 3.21 -1.78 -12.25
N ARG A 69 1.97 -1.35 -12.09
CA ARG A 69 1.38 -0.41 -13.01
C ARG A 69 2.27 0.82 -13.14
N MET A 70 2.72 1.34 -12.01
CA MET A 70 3.59 2.51 -12.02
C MET A 70 4.95 2.13 -12.58
N GLY A 71 5.36 0.90 -12.32
CA GLY A 71 6.63 0.43 -12.84
C GLY A 71 6.71 0.70 -14.32
N GLN A 72 5.67 0.29 -15.03
CA GLN A 72 5.57 0.53 -16.45
C GLN A 72 5.53 2.03 -16.69
N ALA A 73 4.54 2.63 -16.04
CA ALA A 73 4.31 4.08 -16.11
C ALA A 73 5.63 4.87 -16.14
N GLY A 74 6.66 4.33 -15.49
CA GLY A 74 7.93 5.01 -15.45
C GLY A 74 8.95 4.42 -16.40
N SER A 75 8.77 3.15 -16.75
CA SER A 75 9.68 2.47 -17.66
C SER A 75 9.30 2.75 -19.11
N THR A 76 8.05 2.46 -19.44
CA THR A 76 7.53 2.68 -20.80
C THR A 76 8.40 2.00 -21.84
N ILE A 77 9.45 2.69 -22.29
CA ILE A 77 10.36 2.16 -23.29
C ILE A 77 9.64 1.83 -24.59
N SER A 78 9.02 0.65 -24.65
CA SER A 78 8.30 0.23 -25.85
C SER A 78 6.80 0.52 -25.72
N ASN A 79 6.36 0.82 -24.50
CA ASN A 79 4.97 1.11 -24.25
C ASN A 79 4.82 2.35 -23.38
N SER A 80 5.02 3.52 -23.97
CA SER A 80 4.91 4.77 -23.24
C SER A 80 3.48 5.30 -23.32
N HIS A 81 2.74 4.86 -24.32
CA HIS A 81 1.36 5.27 -24.52
C HIS A 81 0.76 4.66 -25.77
N ALA A 82 1.48 4.77 -26.89
CA ALA A 82 1.01 4.23 -28.16
C ALA A 82 -0.49 4.49 -28.38
N GLN A 83 -0.97 5.60 -27.83
CA GLN A 83 -2.38 5.96 -27.95
C GLN A 83 -2.65 6.81 -29.20
N PRO A 84 -1.83 7.84 -29.46
CA PRO A 84 -2.03 8.72 -30.61
C PRO A 84 -1.48 8.14 -31.91
N PHE A 85 -0.57 7.18 -31.79
CA PHE A 85 0.02 6.54 -32.96
C PHE A 85 -0.43 5.11 -33.09
N ASP A 86 -0.62 4.44 -31.94
CA ASP A 86 -1.06 3.04 -31.91
C ASP A 86 -0.31 2.21 -32.94
N PHE A 87 0.93 2.60 -33.20
CA PHE A 87 1.78 1.89 -34.17
C PHE A 87 2.06 0.46 -33.73
N PRO A 88 2.48 0.26 -32.46
CA PRO A 88 2.78 -1.08 -31.94
C PRO A 88 1.53 -1.91 -31.70
N ASP A 89 1.70 -3.02 -31.00
CA ASP A 89 0.58 -3.91 -30.69
C ASP A 89 -0.10 -3.48 -29.40
N ASP A 90 -0.24 -2.17 -29.20
CA ASP A 90 -0.87 -1.63 -28.00
C ASP A 90 -2.07 -0.76 -28.36
N ASN A 91 -3.20 -1.41 -28.63
CA ASN A 91 -4.42 -0.69 -28.98
C ASN A 91 -5.60 -1.66 -29.17
N GLN A 92 -5.75 -2.17 -30.38
CA GLN A 92 -6.84 -3.11 -30.69
C GLN A 92 -6.79 -4.31 -29.75
N ASN A 93 -5.72 -5.09 -29.85
CA ASN A 93 -5.56 -6.26 -29.00
C ASN A 93 -5.47 -5.86 -27.53
N ALA A 94 -4.97 -4.65 -27.28
CA ALA A 94 -4.84 -4.16 -25.91
C ALA A 94 -6.19 -4.13 -25.21
N LYS A 95 -7.20 -3.67 -25.92
CA LYS A 95 -8.55 -3.59 -25.37
C LYS A 95 -9.24 -4.95 -25.42
N LYS A 96 -8.99 -5.69 -26.49
CA LYS A 96 -9.58 -7.00 -26.67
C LYS A 96 -8.91 -8.06 -25.79
N VAL A 97 -7.89 -7.64 -25.04
CA VAL A 97 -7.17 -8.55 -24.15
C VAL A 97 -7.19 -8.04 -22.72
N ALA A 98 -7.02 -6.74 -22.55
CA ALA A 98 -7.02 -6.13 -21.23
C ALA A 98 -8.41 -6.19 -20.59
N ALA A 99 -9.43 -6.21 -21.44
CA ALA A 99 -10.81 -6.28 -20.98
C ALA A 99 -11.37 -7.69 -21.12
N GLY A 100 -10.69 -8.65 -20.50
CA GLY A 100 -11.13 -10.03 -20.58
C GLY A 100 -10.19 -10.98 -19.87
N HIS A 101 -8.91 -10.61 -19.83
CA HIS A 101 -7.90 -11.44 -19.17
C HIS A 101 -7.83 -11.13 -17.68
N GLU A 102 -8.86 -10.45 -17.16
CA GLU A 102 -8.91 -10.09 -15.75
C GLU A 102 -10.05 -10.83 -15.05
N LEU A 103 -10.88 -11.52 -15.82
CA LEU A 103 -12.02 -12.27 -15.28
C LEU A 103 -13.14 -11.33 -14.86
N GLN A 104 -12.83 -10.41 -13.94
CA GLN A 104 -13.82 -9.46 -13.45
C GLN A 104 -15.17 -10.13 -13.14
N PRO A 105 -15.35 -10.61 -11.91
CA PRO A 105 -16.59 -11.28 -11.49
C PRO A 105 -17.84 -10.47 -11.84
N LEU A 106 -17.67 -9.16 -11.96
CA LEU A 106 -18.79 -8.28 -12.28
C LEU A 106 -18.34 -7.16 -13.23
N ALA A 107 -19.19 -6.85 -14.21
CA ALA A 107 -18.90 -5.81 -15.17
C ALA A 107 -19.57 -4.49 -14.80
N ILE A 108 -19.97 -4.37 -13.53
CA ILE A 108 -20.63 -3.16 -13.05
C ILE A 108 -21.99 -3.01 -13.72
N VAL A 109 -22.59 -4.15 -14.06
CA VAL A 109 -23.90 -4.16 -14.71
C VAL A 109 -24.65 -5.44 -14.39
N ASP A 110 -24.64 -5.83 -13.11
CA ASP A 110 -25.32 -7.03 -12.67
C ASP A 110 -26.79 -7.00 -13.02
N GLN A 111 -27.43 -5.85 -12.77
CA GLN A 111 -28.85 -5.68 -13.07
C GLN A 111 -29.07 -5.52 -14.58
N ARG A 112 -28.24 -4.68 -15.19
CA ARG A 112 -28.31 -4.36 -16.63
C ARG A 112 -28.84 -2.94 -16.84
N PRO A 113 -29.97 -2.58 -16.22
CA PRO A 113 -30.55 -1.24 -16.35
C PRO A 113 -29.95 -0.26 -15.35
N SER A 114 -28.78 0.28 -15.68
CA SER A 114 -28.12 1.23 -14.81
C SER A 114 -28.76 2.61 -14.92
N SER A 115 -30.09 2.63 -14.91
CA SER A 115 -30.87 3.87 -15.03
C SER A 115 -30.86 4.37 -16.46
N ARG A 116 -31.08 3.44 -17.39
CA ARG A 116 -31.10 3.77 -18.80
C ARG A 116 -32.38 3.25 -19.47
N ALA A 117 -32.23 2.35 -20.45
CA ALA A 117 -33.38 1.80 -21.16
C ALA A 117 -33.98 2.83 -22.12
N SER A 118 -33.41 4.04 -22.14
CA SER A 118 -33.90 5.10 -23.02
C SER A 118 -32.74 5.73 -23.78
N SER A 119 -31.83 4.90 -24.26
CA SER A 119 -30.69 5.39 -25.02
C SER A 119 -31.13 5.85 -26.41
N ARG A 120 -32.38 5.58 -26.76
CA ARG A 120 -32.91 5.98 -28.06
C ARG A 120 -33.48 7.40 -27.99
N ALA A 121 -34.20 7.69 -26.91
CA ALA A 121 -34.81 8.99 -26.70
C ALA A 121 -36.11 9.13 -27.49
N SER A 122 -35.98 9.00 -28.82
CA SER A 122 -37.13 9.11 -29.71
C SER A 122 -36.75 8.72 -31.12
N SER A 123 -35.76 7.84 -31.25
CA SER A 123 -35.30 7.39 -32.57
C SER A 123 -35.04 8.57 -33.50
N ARG A 124 -34.40 9.61 -32.96
CA ARG A 124 -34.10 10.81 -33.74
C ARG A 124 -32.60 10.91 -34.02
N PRO A 125 -32.12 10.27 -35.10
CA PRO A 125 -30.70 10.31 -35.47
C PRO A 125 -30.31 11.62 -36.15
N ARG A 126 -29.16 12.15 -35.78
CA ARG A 126 -28.66 13.39 -36.37
C ARG A 126 -27.22 13.67 -35.96
N PRO A 127 -26.91 13.60 -34.66
CA PRO A 127 -25.57 13.86 -34.15
C PRO A 127 -24.74 12.57 -34.07
N ASP A 128 -25.11 11.70 -33.13
CA ASP A 128 -24.42 10.44 -32.95
C ASP A 128 -25.35 9.42 -32.27
N ASP A 129 -26.63 9.50 -32.63
CA ASP A 129 -27.64 8.62 -32.06
C ASP A 129 -27.98 9.03 -30.64
N LEU A 130 -27.78 10.30 -30.36
CA LEU A 130 -28.07 10.85 -29.04
C LEU A 130 -27.19 10.25 -27.94
N GLU A 131 -26.29 9.35 -28.31
CA GLU A 131 -25.41 8.73 -27.33
C GLU A 131 -24.04 9.39 -27.36
N ILE A 132 -24.00 10.65 -27.81
CA ILE A 132 -22.76 11.39 -27.90
C ILE A 132 -21.84 10.81 -28.97
N GLY A 1 47.06 6.44 33.58
CA GLY A 1 46.12 6.33 34.74
C GLY A 1 44.68 6.14 34.29
N PRO A 2 44.22 4.89 34.13
CA PRO A 2 42.85 4.60 33.71
C PRO A 2 41.83 4.93 34.79
N LEU A 3 40.60 4.46 34.61
CA LEU A 3 39.53 4.70 35.57
C LEU A 3 39.22 6.19 35.64
N GLY A 4 38.15 6.59 34.96
CA GLY A 4 37.75 7.99 34.95
C GLY A 4 36.93 8.35 33.72
N SER A 5 37.17 7.64 32.63
CA SER A 5 36.45 7.90 31.39
C SER A 5 36.18 6.59 30.65
N PRO A 6 35.17 5.82 31.09
CA PRO A 6 34.81 4.54 30.48
C PRO A 6 33.83 4.71 29.32
N SER A 7 33.83 5.88 28.70
CA SER A 7 32.94 6.15 27.57
C SER A 7 33.69 6.02 26.25
N LYS A 8 35.02 6.05 26.32
CA LYS A 8 35.85 5.95 25.13
C LYS A 8 35.63 7.14 24.21
N ASP A 9 35.95 8.33 24.72
CA ASP A 9 35.77 9.57 23.96
C ASP A 9 36.31 9.42 22.54
N CYS A 10 35.42 9.10 21.61
CA CYS A 10 35.81 8.93 20.21
C CYS A 10 35.93 10.28 19.50
N GLY A 11 34.89 11.10 19.65
CA GLY A 11 34.90 12.42 19.02
C GLY A 11 33.94 12.50 17.86
N SER A 12 32.65 12.30 18.13
CA SER A 12 31.63 12.35 17.10
C SER A 12 30.74 13.58 17.28
N PRO A 13 31.05 14.67 16.56
CA PRO A 13 30.27 15.92 16.64
C PRO A 13 28.77 15.68 16.51
N LYS A 14 28.38 14.98 15.45
CA LYS A 14 26.98 14.68 15.19
C LYS A 14 26.83 13.55 14.19
N TYR A 15 26.98 12.31 14.67
CA TYR A 15 26.86 11.13 13.82
C TYR A 15 26.88 9.87 14.66
N ALA A 16 28.07 9.43 15.06
CA ALA A 16 28.24 8.23 15.89
C ALA A 16 27.25 7.12 15.49
N TYR A 17 27.65 6.31 14.51
CA TYR A 17 26.81 5.21 14.07
C TYR A 17 27.66 4.05 13.54
N PHE A 18 28.98 4.11 13.74
CA PHE A 18 29.87 3.04 13.29
C PHE A 18 29.33 1.68 13.74
N ASN A 19 28.55 1.71 14.82
CA ASN A 19 27.93 0.51 15.36
C ASN A 19 28.98 -0.42 15.98
N GLY A 20 30.01 0.17 16.58
CA GLY A 20 31.05 -0.63 17.20
C GLY A 20 31.23 -0.30 18.67
N CYS A 21 30.11 -0.14 19.37
CA CYS A 21 30.15 0.17 20.80
C CYS A 21 29.90 -1.07 21.63
N SER A 22 30.68 -1.25 22.69
CA SER A 22 30.53 -2.40 23.58
C SER A 22 29.09 -2.53 24.06
N SER A 23 28.62 -1.53 24.80
CA SER A 23 27.27 -1.53 25.32
C SER A 23 26.67 -0.13 25.30
N PRO A 24 26.40 0.41 24.09
CA PRO A 24 25.83 1.75 23.94
C PRO A 24 24.40 1.82 24.47
N THR A 25 23.79 0.66 24.65
CA THR A 25 22.43 0.57 25.16
C THR A 25 22.38 0.83 26.66
N ALA A 26 22.58 2.10 27.03
CA ALA A 26 22.56 2.50 28.44
C ALA A 26 21.33 1.96 29.16
N PRO A 27 20.13 2.15 28.57
CA PRO A 27 18.88 1.67 29.17
C PRO A 27 18.88 0.17 29.43
N LEU A 28 17.70 -0.42 29.47
CA LEU A 28 17.56 -1.86 29.71
C LEU A 28 16.60 -2.50 28.71
N SER A 29 15.47 -1.83 28.50
CA SER A 29 14.46 -2.34 27.56
C SER A 29 14.67 -1.75 26.17
N PRO A 30 15.09 -2.56 25.19
CA PRO A 30 15.33 -2.10 23.82
C PRO A 30 14.11 -1.42 23.22
N MET A 31 12.93 -1.72 23.76
CA MET A 31 11.69 -1.13 23.26
C MET A 31 11.74 0.39 23.35
N SER A 32 10.87 1.05 22.60
CA SER A 32 10.81 2.50 22.60
C SER A 32 9.74 2.99 23.58
N PRO A 33 10.12 3.32 24.83
CA PRO A 33 9.18 3.77 25.84
C PRO A 33 8.23 4.85 25.32
N PRO A 34 8.76 5.98 24.83
CA PRO A 34 7.94 7.06 24.29
C PRO A 34 7.31 6.70 22.95
N GLY A 35 6.47 5.67 22.96
CA GLY A 35 5.81 5.23 21.75
C GLY A 35 4.97 6.32 21.11
N TYR A 36 4.01 6.85 21.86
CA TYR A 36 3.14 7.90 21.36
C TYR A 36 2.36 7.42 20.13
N LYS A 37 2.06 6.13 20.11
CA LYS A 37 1.32 5.55 19.00
C LYS A 37 -0.17 5.42 19.32
N LEU A 38 -0.64 6.27 20.23
CA LEU A 38 -2.05 6.26 20.63
C LEU A 38 -2.82 7.34 19.89
N VAL A 39 -2.15 8.44 19.56
CA VAL A 39 -2.78 9.54 18.85
C VAL A 39 -2.06 9.85 17.55
N THR A 40 -1.41 8.84 16.98
CA THR A 40 -0.68 9.00 15.72
C THR A 40 -1.62 8.81 14.53
N GLY A 41 -2.67 9.62 14.48
CA GLY A 41 -3.63 9.53 13.41
C GLY A 41 -4.91 8.84 13.84
N ASP A 42 -4.84 8.12 14.96
CA ASP A 42 -6.01 7.42 15.49
C ASP A 42 -7.04 8.39 16.04
N ARG A 43 -6.58 9.49 16.63
CA ARG A 43 -7.47 10.49 17.19
C ARG A 43 -8.23 11.22 16.09
N ASN A 44 -9.55 11.19 16.19
CA ASN A 44 -10.44 11.84 15.23
C ASN A 44 -11.86 11.31 15.37
N ASN A 45 -11.97 10.00 15.66
CA ASN A 45 -13.27 9.36 15.82
C ASN A 45 -13.44 8.87 17.26
N SER A 46 -12.39 8.26 17.80
CA SER A 46 -12.42 7.72 19.16
C SER A 46 -13.38 6.53 19.20
N SER A 47 -13.42 5.81 18.09
CA SER A 47 -14.28 4.65 17.95
C SER A 47 -13.52 3.36 18.22
N CYS A 48 -14.16 2.23 17.96
CA CYS A 48 -13.54 0.92 18.19
C CYS A 48 -14.49 -0.21 17.80
N ARG A 49 -15.78 0.00 18.05
CA ARG A 49 -16.79 -1.00 17.73
C ARG A 49 -16.79 -1.31 16.23
N ASN A 50 -16.36 -0.35 15.42
CA ASN A 50 -16.32 -0.52 13.98
C ASN A 50 -15.38 -1.65 13.60
N TYR A 51 -14.35 -1.87 14.40
CA TYR A 51 -13.38 -2.93 14.16
C TYR A 51 -12.65 -2.69 12.84
N ASN A 52 -11.40 -2.27 12.92
CA ASN A 52 -10.59 -2.01 11.73
C ASN A 52 -9.98 -3.29 11.21
N LYS A 53 -9.54 -4.15 12.13
CA LYS A 53 -8.94 -5.43 11.77
C LYS A 53 -7.83 -5.26 10.73
N GLN A 54 -7.04 -4.20 10.89
CA GLN A 54 -5.95 -3.91 9.97
C GLN A 54 -4.78 -3.24 10.68
N ALA A 55 -4.22 -3.94 11.67
CA ALA A 55 -3.10 -3.42 12.43
C ALA A 55 -1.82 -4.20 12.13
N SER A 56 -1.21 -3.90 11.00
CA SER A 56 0.02 -4.57 10.59
C SER A 56 1.23 -3.67 10.77
N GLU A 57 0.99 -2.35 10.77
CA GLU A 57 2.05 -1.37 10.92
C GLU A 57 3.03 -1.43 9.75
N GLN A 58 3.91 -2.43 9.76
CA GLN A 58 4.89 -2.59 8.69
C GLN A 58 5.70 -1.30 8.51
N ASN A 59 5.81 -0.52 9.58
CA ASN A 59 6.56 0.73 9.54
C ASN A 59 7.50 0.83 10.73
N TRP A 60 8.16 -0.27 11.05
CA TRP A 60 9.10 -0.31 12.16
C TRP A 60 10.53 -0.53 11.67
N ALA A 61 10.67 -1.37 10.65
CA ALA A 61 11.99 -1.66 10.08
C ALA A 61 12.04 -1.25 8.61
N ASN A 62 10.91 -1.37 7.93
CA ASN A 62 10.83 -1.03 6.52
C ASN A 62 11.78 -1.88 5.69
N TYR A 63 12.21 -3.01 6.25
CA TYR A 63 13.13 -3.92 5.57
C TYR A 63 14.51 -3.30 5.40
N SER A 64 14.53 -2.06 4.91
CA SER A 64 15.79 -1.34 4.70
C SER A 64 16.61 -2.00 3.60
N ALA A 65 15.92 -2.60 2.63
CA ALA A 65 16.58 -3.26 1.51
C ALA A 65 15.76 -3.11 0.23
N GLU A 66 14.48 -3.48 0.31
CA GLU A 66 13.59 -3.40 -0.84
C GLU A 66 14.11 -4.20 -2.02
N GLN A 67 15.00 -5.15 -1.75
CA GLN A 67 15.56 -5.98 -2.81
C GLN A 67 14.46 -6.74 -3.53
N ASN A 68 13.60 -7.41 -2.77
CA ASN A 68 12.51 -8.15 -3.37
C ASN A 68 11.71 -7.23 -4.27
N ARG A 69 11.49 -6.02 -3.78
CA ARG A 69 10.77 -5.03 -4.53
C ARG A 69 11.52 -4.72 -5.82
N MET A 70 12.82 -4.50 -5.68
CA MET A 70 13.67 -4.21 -6.83
C MET A 70 13.65 -5.38 -7.79
N GLY A 71 13.51 -6.57 -7.25
CA GLY A 71 13.46 -7.77 -8.07
C GLY A 71 12.28 -7.71 -9.00
N GLN A 72 11.12 -7.40 -8.44
CA GLN A 72 9.90 -7.27 -9.21
C GLN A 72 10.08 -6.18 -10.26
N ALA A 73 10.28 -4.96 -9.76
CA ALA A 73 10.48 -3.79 -10.62
C ALA A 73 11.36 -4.11 -11.82
N GLY A 74 12.41 -4.91 -11.58
CA GLY A 74 13.32 -5.28 -12.64
C GLY A 74 12.72 -6.30 -13.59
N SER A 75 11.92 -7.22 -13.04
CA SER A 75 11.28 -8.25 -13.84
C SER A 75 10.22 -7.64 -14.75
N THR A 76 9.55 -6.61 -14.26
CA THR A 76 8.51 -5.92 -15.03
C THR A 76 7.53 -6.92 -15.65
N ILE A 77 7.15 -7.93 -14.88
CA ILE A 77 6.21 -8.94 -15.35
C ILE A 77 4.91 -8.30 -15.83
N SER A 78 4.81 -8.07 -17.14
CA SER A 78 3.62 -7.47 -17.73
C SER A 78 3.61 -7.64 -19.24
N ASN A 79 4.79 -7.61 -19.84
CA ASN A 79 4.93 -7.77 -21.29
C ASN A 79 4.81 -9.23 -21.71
N SER A 80 3.69 -9.86 -21.35
CA SER A 80 3.45 -11.25 -21.70
C SER A 80 1.97 -11.50 -21.98
N HIS A 81 1.11 -10.92 -21.16
CA HIS A 81 -0.33 -11.08 -21.33
C HIS A 81 -1.10 -10.01 -20.53
N ALA A 82 -1.91 -10.44 -19.55
CA ALA A 82 -2.70 -9.52 -18.75
C ALA A 82 -3.99 -9.18 -19.47
N GLN A 83 -4.52 -10.18 -20.15
CA GLN A 83 -5.75 -10.03 -20.91
C GLN A 83 -6.97 -10.44 -20.10
N PRO A 84 -6.94 -11.64 -19.49
CA PRO A 84 -8.04 -12.13 -18.67
C PRO A 84 -7.89 -11.74 -17.21
N PHE A 85 -7.00 -10.79 -16.94
CA PHE A 85 -6.73 -10.30 -15.59
C PHE A 85 -5.68 -11.18 -14.91
N ASP A 86 -5.45 -12.36 -15.48
CA ASP A 86 -4.48 -13.29 -14.93
C ASP A 86 -4.87 -13.66 -13.50
N PHE A 87 -6.18 -13.75 -13.28
CA PHE A 87 -6.71 -14.09 -11.96
C PHE A 87 -7.74 -15.21 -12.06
N PRO A 88 -7.29 -16.45 -12.35
CA PRO A 88 -8.18 -17.60 -12.47
C PRO A 88 -8.91 -17.91 -11.16
N ASP A 89 -8.14 -18.30 -10.16
CA ASP A 89 -8.70 -18.62 -8.85
C ASP A 89 -8.29 -17.58 -7.82
N ASP A 90 -8.07 -16.35 -8.27
CA ASP A 90 -7.66 -15.27 -7.39
C ASP A 90 -8.79 -14.24 -7.23
N ASN A 91 -9.37 -14.20 -6.04
CA ASN A 91 -10.46 -13.28 -5.76
C ASN A 91 -10.10 -12.36 -4.59
N GLN A 92 -9.49 -12.95 -3.56
CA GLN A 92 -9.10 -12.20 -2.37
C GLN A 92 -7.98 -11.21 -2.69
N ASN A 93 -6.88 -11.73 -3.23
CA ASN A 93 -5.75 -10.89 -3.58
C ASN A 93 -6.09 -9.97 -4.74
N ALA A 94 -7.16 -10.30 -5.47
CA ALA A 94 -7.58 -9.49 -6.61
C ALA A 94 -8.63 -8.45 -6.20
N LYS A 95 -9.29 -8.68 -5.07
CA LYS A 95 -10.31 -7.74 -4.59
C LYS A 95 -9.71 -6.67 -3.68
N LYS A 96 -8.82 -7.09 -2.79
CA LYS A 96 -8.18 -6.15 -1.87
C LYS A 96 -7.12 -5.30 -2.59
N VAL A 97 -6.94 -5.54 -3.88
CA VAL A 97 -5.97 -4.80 -4.66
C VAL A 97 -6.64 -3.98 -5.77
N ALA A 98 -7.81 -4.42 -6.19
CA ALA A 98 -8.55 -3.73 -7.24
C ALA A 98 -9.41 -2.59 -6.68
N ALA A 99 -9.28 -2.34 -5.38
CA ALA A 99 -10.04 -1.28 -4.73
C ALA A 99 -9.29 0.05 -4.78
N GLY A 100 -8.76 0.40 -5.94
CA GLY A 100 -8.03 1.65 -6.09
C GLY A 100 -7.01 1.61 -7.20
N HIS A 101 -6.48 0.41 -7.48
CA HIS A 101 -5.49 0.24 -8.53
C HIS A 101 -6.13 0.22 -9.91
N GLU A 102 -7.46 0.31 -9.96
CA GLU A 102 -8.18 0.30 -11.23
C GLU A 102 -8.16 1.68 -11.87
N LEU A 103 -8.07 2.72 -11.04
CA LEU A 103 -8.05 4.10 -11.52
C LEU A 103 -9.46 4.53 -11.96
N GLN A 104 -10.04 3.79 -12.89
CA GLN A 104 -11.37 4.11 -13.40
C GLN A 104 -12.10 2.83 -13.82
N PRO A 105 -13.01 2.32 -12.97
CA PRO A 105 -13.77 1.10 -13.27
C PRO A 105 -14.27 1.06 -14.71
N LEU A 106 -14.90 2.15 -15.16
CA LEU A 106 -15.41 2.23 -16.52
C LEU A 106 -15.65 3.67 -16.94
N ALA A 107 -16.19 4.48 -16.03
CA ALA A 107 -16.47 5.89 -16.29
C ALA A 107 -17.74 6.08 -17.13
N ILE A 108 -18.33 4.97 -17.57
CA ILE A 108 -19.56 5.03 -18.38
C ILE A 108 -19.27 5.56 -19.77
N VAL A 109 -18.01 5.49 -20.18
CA VAL A 109 -17.61 5.97 -21.49
C VAL A 109 -16.34 5.26 -21.96
N ASP A 110 -16.36 3.94 -21.88
CA ASP A 110 -15.23 3.12 -22.30
C ASP A 110 -15.24 2.93 -23.81
N GLN A 111 -16.44 2.83 -24.38
CA GLN A 111 -16.58 2.65 -25.82
C GLN A 111 -15.91 3.78 -26.57
N ARG A 112 -16.18 5.01 -26.12
CA ARG A 112 -15.63 6.25 -26.70
C ARG A 112 -16.69 7.03 -27.47
N PRO A 113 -17.45 6.39 -28.38
CA PRO A 113 -18.50 7.07 -29.15
C PRO A 113 -19.48 7.81 -28.25
N SER A 114 -20.21 7.05 -27.44
CA SER A 114 -21.21 7.64 -26.54
C SER A 114 -22.31 8.35 -27.33
N SER A 115 -22.32 8.16 -28.66
CA SER A 115 -23.32 8.79 -29.52
C SER A 115 -23.51 7.99 -30.80
N ARG A 116 -22.39 7.61 -31.42
CA ARG A 116 -22.44 6.85 -32.66
C ARG A 116 -22.42 5.35 -32.37
N ALA A 117 -22.20 4.54 -33.42
CA ALA A 117 -22.17 3.09 -33.27
C ALA A 117 -23.58 2.51 -33.11
N SER A 118 -24.59 3.37 -33.24
CA SER A 118 -25.97 2.93 -33.11
C SER A 118 -26.93 4.09 -33.35
N SER A 119 -26.54 4.99 -34.27
CA SER A 119 -27.38 6.13 -34.60
C SER A 119 -28.44 5.74 -35.64
N ARG A 120 -28.51 4.45 -35.96
CA ARG A 120 -29.49 3.96 -36.94
C ARG A 120 -30.60 3.19 -36.25
N ALA A 121 -30.29 2.62 -35.08
CA ALA A 121 -31.28 1.84 -34.32
C ALA A 121 -32.61 2.57 -34.21
N SER A 122 -32.58 3.75 -33.60
CA SER A 122 -33.78 4.56 -33.43
C SER A 122 -34.80 3.83 -32.55
N SER A 123 -34.30 3.05 -31.59
CA SER A 123 -35.15 2.30 -30.68
C SER A 123 -36.21 1.50 -31.44
N ARG A 124 -35.91 1.14 -32.68
CA ARG A 124 -36.83 0.37 -33.50
C ARG A 124 -36.09 -0.38 -34.60
N PRO A 125 -36.28 -1.72 -34.69
CA PRO A 125 -35.61 -2.54 -35.70
C PRO A 125 -35.89 -2.05 -37.12
N ARG A 126 -37.05 -2.43 -37.68
CA ARG A 126 -37.42 -2.02 -39.03
C ARG A 126 -38.92 -2.10 -39.27
N PRO A 127 -39.57 -3.23 -38.93
CA PRO A 127 -41.01 -3.43 -39.13
C PRO A 127 -41.85 -2.72 -38.07
N ASP A 128 -41.87 -1.38 -38.12
CA ASP A 128 -42.63 -0.60 -37.15
C ASP A 128 -42.37 -1.07 -35.73
N ASP A 129 -41.16 -1.55 -35.48
CA ASP A 129 -40.78 -2.04 -34.16
C ASP A 129 -41.68 -3.17 -33.72
N LEU A 130 -42.21 -3.88 -34.70
CA LEU A 130 -43.07 -5.01 -34.41
C LEU A 130 -44.33 -4.57 -33.69
N GLU A 131 -44.15 -4.10 -32.46
CA GLU A 131 -45.26 -3.66 -31.63
C GLU A 131 -46.43 -4.64 -31.68
N ILE A 132 -46.19 -5.84 -32.22
CA ILE A 132 -47.24 -6.85 -32.32
C ILE A 132 -48.31 -6.42 -33.32
N GLY A 1 26.57 -1.25 26.49
CA GLY A 1 26.61 -0.03 25.64
C GLY A 1 27.85 0.05 24.79
N PRO A 2 29.04 0.19 25.42
CA PRO A 2 30.31 0.28 24.69
C PRO A 2 30.70 -1.05 24.04
N LEU A 3 31.95 -1.14 23.59
CA LEU A 3 32.43 -2.36 22.94
C LEU A 3 31.63 -2.68 21.68
N GLY A 4 31.14 -1.62 21.02
CA GLY A 4 30.36 -1.81 19.81
C GLY A 4 30.35 -0.58 18.93
N SER A 5 30.15 0.58 19.55
CA SER A 5 30.12 1.84 18.82
C SER A 5 30.86 2.94 19.58
N PRO A 6 32.14 2.71 19.91
CA PRO A 6 32.95 3.68 20.65
C PRO A 6 33.50 4.79 19.76
N SER A 7 33.11 4.80 18.49
CA SER A 7 33.57 5.81 17.55
C SER A 7 32.50 6.87 17.31
N LYS A 8 31.46 6.85 18.14
CA LYS A 8 30.37 7.81 18.03
C LYS A 8 29.62 7.63 16.71
N ASP A 9 30.23 8.10 15.62
CA ASP A 9 29.62 7.97 14.31
C ASP A 9 30.68 7.80 13.22
N CYS A 10 30.48 6.81 12.35
CA CYS A 10 31.42 6.54 11.27
C CYS A 10 31.33 7.61 10.19
N GLY A 11 30.14 7.76 9.62
CA GLY A 11 29.93 8.75 8.57
C GLY A 11 28.56 8.64 7.93
N SER A 12 27.52 8.89 8.73
CA SER A 12 26.16 8.82 8.24
C SER A 12 25.47 10.18 8.36
N PRO A 13 25.72 11.09 7.41
CA PRO A 13 25.13 12.43 7.41
C PRO A 13 23.62 12.40 7.61
N LYS A 14 22.91 11.81 6.66
CA LYS A 14 21.46 11.71 6.73
C LYS A 14 20.95 10.52 5.93
N TYR A 15 20.69 9.41 6.62
CA TYR A 15 20.20 8.21 5.97
C TYR A 15 19.91 7.11 6.99
N ALA A 16 20.95 6.67 7.68
CA ALA A 16 20.82 5.62 8.70
C ALA A 16 19.99 6.11 9.87
N TYR A 17 18.73 5.67 9.92
CA TYR A 17 17.82 6.05 11.00
C TYR A 17 16.71 5.03 11.19
N PHE A 18 16.86 3.85 10.58
CA PHE A 18 15.87 2.79 10.72
C PHE A 18 15.54 2.56 12.19
N ASN A 19 16.51 2.90 13.04
CA ASN A 19 16.38 2.76 14.48
C ASN A 19 16.38 1.29 14.90
N GLY A 20 15.33 0.57 14.52
CA GLY A 20 15.24 -0.84 14.86
C GLY A 20 14.55 -1.65 13.80
N CYS A 21 13.44 -1.14 13.27
CA CYS A 21 12.68 -1.84 12.24
C CYS A 21 11.96 -0.85 11.33
N SER A 22 12.71 0.08 10.75
CA SER A 22 12.14 1.08 9.85
C SER A 22 11.23 2.05 10.61
N SER A 23 10.15 1.53 11.19
CA SER A 23 9.19 2.34 11.94
C SER A 23 9.91 3.35 12.85
N PRO A 24 9.91 4.64 12.46
CA PRO A 24 10.55 5.70 13.25
C PRO A 24 9.86 5.92 14.59
N THR A 25 9.87 4.89 15.44
CA THR A 25 9.23 4.98 16.74
C THR A 25 10.22 5.43 17.81
N ALA A 26 11.48 5.03 17.64
CA ALA A 26 12.53 5.40 18.58
C ALA A 26 12.18 4.96 20.00
N PRO A 27 11.94 3.65 20.21
CA PRO A 27 11.58 3.11 21.53
C PRO A 27 12.76 3.17 22.50
N LEU A 28 12.48 2.88 23.76
CA LEU A 28 13.50 2.89 24.80
C LEU A 28 13.69 1.50 25.40
N SER A 29 12.63 0.98 26.01
CA SER A 29 12.66 -0.33 26.63
C SER A 29 11.34 -0.66 27.32
N PRO A 30 10.88 0.21 28.25
CA PRO A 30 9.63 -0.02 28.97
C PRO A 30 8.41 0.12 28.06
N MET A 31 8.65 0.39 26.77
CA MET A 31 7.55 0.54 25.81
C MET A 31 7.57 -0.60 24.80
N SER A 32 6.50 -1.39 24.80
CA SER A 32 6.39 -2.51 23.87
C SER A 32 4.94 -2.76 23.48
N PRO A 33 4.46 -2.07 22.43
CA PRO A 33 3.08 -2.21 21.96
C PRO A 33 2.72 -3.68 21.68
N PRO A 34 1.44 -3.97 21.40
CA PRO A 34 0.99 -5.35 21.12
C PRO A 34 1.81 -6.01 20.02
N GLY A 35 2.92 -6.62 20.41
CA GLY A 35 3.78 -7.29 19.44
C GLY A 35 3.92 -8.77 19.71
N TYR A 36 2.86 -9.39 20.24
CA TYR A 36 2.87 -10.81 20.55
C TYR A 36 1.68 -11.51 19.92
N LYS A 37 1.89 -12.72 19.45
CA LYS A 37 0.84 -13.51 18.83
C LYS A 37 1.31 -14.94 18.58
N LEU A 38 2.56 -15.09 18.18
CA LEU A 38 3.12 -16.41 17.91
C LEU A 38 2.39 -17.09 16.75
N VAL A 39 3.12 -17.90 15.99
CA VAL A 39 2.54 -18.60 14.85
C VAL A 39 2.07 -17.62 13.78
N THR A 40 2.97 -16.72 13.38
CA THR A 40 2.65 -15.73 12.37
C THR A 40 3.89 -15.34 11.57
N GLY A 41 4.72 -16.34 11.26
CA GLY A 41 5.94 -16.09 10.51
C GLY A 41 7.19 -16.24 11.35
N ASP A 42 7.03 -16.78 12.56
CA ASP A 42 8.15 -16.98 13.46
C ASP A 42 8.51 -18.46 13.60
N ARG A 43 7.84 -19.30 12.80
CA ARG A 43 8.08 -20.74 12.83
C ARG A 43 7.71 -21.35 14.18
N ASN A 44 6.97 -20.58 14.99
CA ASN A 44 6.55 -21.06 16.31
C ASN A 44 7.73 -21.18 17.25
N ASN A 45 8.63 -22.10 16.92
CA ASN A 45 9.83 -22.35 17.73
C ASN A 45 10.54 -21.04 18.10
N SER A 46 11.03 -20.34 17.08
CA SER A 46 11.73 -19.08 17.29
C SER A 46 12.20 -18.48 15.97
N SER A 47 12.49 -19.34 14.99
CA SER A 47 12.95 -18.91 13.68
C SER A 47 14.17 -18.01 13.80
N CYS A 48 15.34 -18.57 13.48
CA CYS A 48 16.59 -17.82 13.54
C CYS A 48 16.65 -16.76 12.45
N ARG A 49 15.72 -15.80 12.51
CA ARG A 49 15.67 -14.73 11.53
C ARG A 49 15.10 -13.46 12.15
N ASN A 50 14.02 -13.61 12.92
CA ASN A 50 13.35 -12.50 13.59
C ASN A 50 12.38 -11.78 12.67
N TYR A 51 12.78 -11.56 11.42
CA TYR A 51 11.94 -10.88 10.44
C TYR A 51 11.70 -9.43 10.85
N ASN A 52 10.83 -9.24 11.84
CA ASN A 52 10.52 -7.90 12.31
C ASN A 52 9.71 -7.96 13.61
N LYS A 53 8.70 -8.84 13.62
CA LYS A 53 7.85 -9.00 14.80
C LYS A 53 7.14 -7.69 15.15
N GLN A 54 6.91 -6.86 14.14
CA GLN A 54 6.23 -5.59 14.34
C GLN A 54 4.88 -5.58 13.64
N ALA A 55 4.21 -4.43 13.66
CA ALA A 55 2.91 -4.29 13.02
C ALA A 55 3.04 -3.56 11.70
N SER A 56 3.70 -4.20 10.75
CA SER A 56 3.92 -3.61 9.43
C SER A 56 3.56 -4.60 8.32
N GLU A 57 3.91 -5.87 8.53
CA GLU A 57 3.65 -6.92 7.55
C GLU A 57 3.99 -6.46 6.13
N GLN A 58 5.28 -6.31 5.86
CA GLN A 58 5.75 -5.86 4.55
C GLN A 58 6.88 -6.76 4.06
N ASN A 59 6.87 -8.02 4.49
CA ASN A 59 7.91 -8.96 4.09
C ASN A 59 7.32 -10.17 3.37
N TRP A 60 6.12 -10.02 2.83
CA TRP A 60 5.45 -11.10 2.13
C TRP A 60 4.98 -10.64 0.75
N ALA A 61 4.26 -9.53 0.72
CA ALA A 61 3.74 -8.98 -0.53
C ALA A 61 2.91 -7.75 -0.25
N ASN A 62 3.60 -6.69 0.12
CA ASN A 62 2.96 -5.43 0.41
C ASN A 62 2.19 -4.94 -0.82
N TYR A 63 2.05 -3.63 -0.95
CA TYR A 63 1.33 -3.03 -2.06
C TYR A 63 2.19 -1.94 -2.68
N SER A 64 3.48 -1.98 -2.35
CA SER A 64 4.45 -1.01 -2.86
C SER A 64 3.99 0.42 -2.57
N ALA A 65 3.36 0.62 -1.42
CA ALA A 65 2.88 1.94 -1.04
C ALA A 65 1.99 2.54 -2.11
N GLU A 66 0.88 1.86 -2.40
CA GLU A 66 -0.06 2.33 -3.41
C GLU A 66 -1.26 3.00 -2.77
N GLN A 67 -1.68 2.49 -1.62
CA GLN A 67 -2.83 3.06 -0.92
C GLN A 67 -2.53 4.48 -0.47
N ASN A 68 -1.38 4.67 0.15
CA ASN A 68 -0.98 5.99 0.61
C ASN A 68 -0.99 6.96 -0.56
N ARG A 69 -0.52 6.46 -1.69
CA ARG A 69 -0.47 7.26 -2.89
C ARG A 69 -1.87 7.74 -3.28
N MET A 70 -2.82 6.81 -3.23
CA MET A 70 -4.20 7.15 -3.58
C MET A 70 -4.85 7.95 -2.48
N GLY A 71 -4.40 7.75 -1.25
CA GLY A 71 -4.93 8.50 -0.14
C GLY A 71 -4.71 9.99 -0.35
N GLN A 72 -3.49 10.33 -0.72
CA GLN A 72 -3.12 11.71 -1.01
C GLN A 72 -3.74 12.13 -2.34
N ALA A 73 -3.30 11.47 -3.40
CA ALA A 73 -3.80 11.73 -4.75
C ALA A 73 -5.30 11.96 -4.76
N GLY A 74 -6.02 11.18 -3.94
CA GLY A 74 -7.46 11.32 -3.88
C GLY A 74 -7.89 12.44 -2.95
N SER A 75 -7.12 12.65 -1.88
CA SER A 75 -7.43 13.70 -0.91
C SER A 75 -7.37 15.08 -1.56
N THR A 76 -6.54 15.20 -2.59
CA THR A 76 -6.37 16.46 -3.32
C THR A 76 -5.95 17.59 -2.37
N ILE A 77 -6.93 18.14 -1.67
CA ILE A 77 -6.67 19.23 -0.74
C ILE A 77 -6.24 20.49 -1.49
N SER A 78 -7.21 21.36 -1.76
CA SER A 78 -6.93 22.61 -2.47
C SER A 78 -7.97 23.67 -2.12
N ASN A 79 -9.23 23.26 -2.06
CA ASN A 79 -10.32 24.17 -1.73
C ASN A 79 -10.98 23.76 -0.42
N SER A 80 -11.44 22.52 -0.37
CA SER A 80 -12.10 21.98 0.82
C SER A 80 -13.48 22.60 0.99
N HIS A 81 -14.17 22.82 -0.12
CA HIS A 81 -15.50 23.40 -0.09
C HIS A 81 -16.52 22.42 0.46
N ALA A 82 -16.46 21.17 0.00
CA ALA A 82 -17.39 20.13 0.45
C ALA A 82 -18.82 20.65 0.50
N GLN A 83 -19.13 21.63 -0.33
CA GLN A 83 -20.47 22.22 -0.37
C GLN A 83 -21.36 21.48 -1.37
N PRO A 84 -20.87 21.23 -2.60
CA PRO A 84 -21.63 20.54 -3.62
C PRO A 84 -21.44 19.02 -3.56
N PHE A 85 -20.44 18.58 -2.80
CA PHE A 85 -20.11 17.16 -2.64
C PHE A 85 -19.16 16.68 -3.74
N ASP A 86 -19.02 17.50 -4.78
CA ASP A 86 -18.14 17.17 -5.91
C ASP A 86 -18.31 15.71 -6.34
N PHE A 87 -19.48 15.18 -6.10
CA PHE A 87 -19.79 13.80 -6.47
C PHE A 87 -19.80 13.63 -7.99
N PRO A 88 -20.52 14.51 -8.72
CA PRO A 88 -20.61 14.43 -10.18
C PRO A 88 -19.37 15.01 -10.86
N ASP A 89 -19.42 15.06 -12.19
CA ASP A 89 -18.31 15.60 -12.97
C ASP A 89 -16.97 15.00 -12.53
N ASP A 90 -17.02 13.80 -11.99
CA ASP A 90 -15.81 13.12 -11.52
C ASP A 90 -16.02 11.61 -11.47
N ASN A 91 -15.98 10.98 -12.63
CA ASN A 91 -16.16 9.52 -12.72
C ASN A 91 -15.98 9.03 -14.15
N GLN A 92 -16.98 9.27 -14.99
CA GLN A 92 -16.92 8.86 -16.39
C GLN A 92 -15.84 9.64 -17.14
N ASN A 93 -15.95 10.96 -17.11
CA ASN A 93 -14.99 11.82 -17.78
C ASN A 93 -13.61 11.73 -17.15
N ALA A 94 -13.56 11.15 -15.95
CA ALA A 94 -12.29 11.01 -15.23
C ALA A 94 -11.70 9.62 -15.43
N LYS A 95 -12.53 8.64 -15.79
CA LYS A 95 -12.07 7.28 -15.99
C LYS A 95 -11.61 7.06 -17.43
N LYS A 96 -12.35 7.60 -18.38
CA LYS A 96 -12.00 7.46 -19.80
C LYS A 96 -10.84 8.39 -20.17
N VAL A 97 -10.34 9.14 -19.20
CA VAL A 97 -9.23 10.05 -19.44
C VAL A 97 -7.99 9.63 -18.65
N ALA A 98 -8.22 9.16 -17.43
CA ALA A 98 -7.13 8.72 -16.56
C ALA A 98 -6.59 7.37 -17.00
N ALA A 99 -7.44 6.57 -17.64
CA ALA A 99 -7.05 5.25 -18.10
C ALA A 99 -6.31 5.33 -19.44
N GLY A 100 -5.22 6.08 -19.45
CA GLY A 100 -4.44 6.24 -20.66
C GLY A 100 -3.50 7.43 -20.59
N HIS A 101 -3.92 8.47 -19.89
CA HIS A 101 -3.11 9.67 -19.74
C HIS A 101 -1.92 9.41 -18.81
N GLU A 102 -1.96 8.27 -18.13
CA GLU A 102 -0.89 7.88 -17.21
C GLU A 102 0.18 7.10 -17.97
N LEU A 103 -0.27 6.28 -18.90
CA LEU A 103 0.62 5.46 -19.70
C LEU A 103 1.53 4.63 -18.80
N GLN A 104 0.99 3.54 -18.30
CA GLN A 104 1.73 2.64 -17.42
C GLN A 104 1.16 1.22 -17.51
N PRO A 105 2.04 0.21 -17.58
CA PRO A 105 1.62 -1.19 -17.67
C PRO A 105 0.77 -1.63 -16.47
N LEU A 106 1.19 -1.22 -15.27
CA LEU A 106 0.47 -1.58 -14.06
C LEU A 106 -0.79 -0.73 -13.91
N ALA A 107 -0.60 0.55 -13.57
CA ALA A 107 -1.72 1.47 -13.40
C ALA A 107 -2.54 1.14 -12.16
N ILE A 108 -2.04 0.22 -11.33
CA ILE A 108 -2.72 -0.19 -10.11
C ILE A 108 -3.97 -0.99 -10.43
N VAL A 109 -4.03 -1.53 -11.65
CA VAL A 109 -5.17 -2.33 -12.08
C VAL A 109 -4.76 -3.60 -12.79
N ASP A 110 -3.59 -3.58 -13.40
CA ASP A 110 -3.07 -4.74 -14.11
C ASP A 110 -3.97 -5.10 -15.30
N GLN A 111 -5.28 -5.18 -15.05
CA GLN A 111 -6.24 -5.50 -16.08
C GLN A 111 -7.15 -4.31 -16.38
N ARG A 112 -7.41 -3.50 -15.35
CA ARG A 112 -8.27 -2.31 -15.44
C ARG A 112 -9.65 -2.59 -14.84
N PRO A 113 -10.41 -3.57 -15.37
CA PRO A 113 -11.74 -3.92 -14.84
C PRO A 113 -11.75 -4.06 -13.33
N SER A 114 -10.94 -4.99 -12.82
CA SER A 114 -10.85 -5.27 -11.38
C SER A 114 -12.00 -6.17 -10.93
N SER A 115 -13.08 -6.19 -11.71
CA SER A 115 -14.24 -7.02 -11.41
C SER A 115 -14.39 -8.13 -12.44
N ARG A 116 -13.54 -8.11 -13.46
CA ARG A 116 -13.58 -9.12 -14.52
C ARG A 116 -14.87 -9.03 -15.31
N ALA A 117 -14.73 -8.58 -16.54
CA ALA A 117 -15.84 -8.45 -17.46
C ALA A 117 -15.56 -9.21 -18.75
N SER A 118 -14.42 -9.89 -18.79
CA SER A 118 -14.03 -10.66 -19.96
C SER A 118 -13.52 -12.04 -19.56
N SER A 119 -14.28 -12.72 -18.70
CA SER A 119 -13.92 -14.05 -18.26
C SER A 119 -14.26 -15.09 -19.32
N ARG A 120 -14.87 -14.64 -20.42
CA ARG A 120 -15.25 -15.53 -21.51
C ARG A 120 -14.37 -15.29 -22.74
N ALA A 121 -13.87 -14.06 -22.88
CA ALA A 121 -13.03 -13.68 -24.00
C ALA A 121 -13.86 -13.41 -25.26
N SER A 122 -14.67 -14.39 -25.65
CA SER A 122 -15.52 -14.25 -26.82
C SER A 122 -16.51 -13.10 -26.65
N SER A 123 -17.13 -13.03 -25.49
CA SER A 123 -18.10 -11.98 -25.19
C SER A 123 -19.28 -12.04 -26.17
N ARG A 124 -19.64 -13.25 -26.58
CA ARG A 124 -20.75 -13.44 -27.50
C ARG A 124 -21.64 -14.59 -27.05
N PRO A 125 -22.66 -14.30 -26.21
CA PRO A 125 -23.59 -15.30 -25.71
C PRO A 125 -24.08 -16.26 -26.80
N ARG A 126 -24.78 -15.72 -27.79
CA ARG A 126 -25.28 -16.53 -28.89
C ARG A 126 -25.85 -15.68 -30.02
N PRO A 127 -26.76 -14.73 -29.70
CA PRO A 127 -27.39 -13.87 -30.69
C PRO A 127 -26.57 -12.60 -30.95
N ASP A 128 -25.26 -12.76 -31.09
CA ASP A 128 -24.38 -11.63 -31.33
C ASP A 128 -24.55 -10.56 -30.26
N ASP A 129 -24.42 -10.98 -29.00
CA ASP A 129 -24.56 -10.08 -27.87
C ASP A 129 -26.00 -9.62 -27.73
N LEU A 130 -26.92 -10.51 -28.06
CA LEU A 130 -28.34 -10.25 -27.98
C LEU A 130 -28.70 -8.91 -28.64
N GLU A 131 -27.87 -8.46 -29.57
CA GLU A 131 -28.11 -7.20 -30.26
C GLU A 131 -29.40 -7.27 -31.07
N ILE A 132 -29.77 -8.49 -31.47
CA ILE A 132 -30.98 -8.70 -32.27
C ILE A 132 -31.87 -9.76 -31.65
N GLY A 1 34.31 8.26 22.88
CA GLY A 1 35.53 7.84 23.62
C GLY A 1 36.51 8.98 23.82
N PRO A 2 37.29 8.97 24.92
CA PRO A 2 38.27 10.01 25.22
C PRO A 2 39.54 9.88 24.38
N LEU A 3 39.38 9.86 23.06
CA LEU A 3 40.51 9.74 22.15
C LEU A 3 41.37 8.52 22.51
N GLY A 4 41.03 7.38 21.94
CA GLY A 4 41.77 6.16 22.21
C GLY A 4 40.90 4.92 22.17
N SER A 5 39.89 4.89 23.01
CA SER A 5 38.98 3.75 23.07
C SER A 5 37.58 4.13 22.59
N PRO A 6 37.37 4.12 21.25
CA PRO A 6 36.08 4.46 20.66
C PRO A 6 35.10 3.30 20.64
N SER A 7 35.43 2.23 21.36
CA SER A 7 34.57 1.06 21.41
C SER A 7 33.45 1.27 22.44
N LYS A 8 33.69 2.14 23.40
CA LYS A 8 32.71 2.44 24.43
C LYS A 8 32.37 1.18 25.22
N ASP A 9 33.33 0.27 25.32
CA ASP A 9 33.14 -0.98 26.04
C ASP A 9 32.08 -1.84 25.38
N CYS A 10 30.81 -1.48 25.59
CA CYS A 10 29.70 -2.22 25.00
C CYS A 10 29.71 -3.68 25.47
N GLY A 11 30.21 -3.90 26.68
CA GLY A 11 30.26 -5.24 27.23
C GLY A 11 30.24 -5.27 28.74
N SER A 12 29.60 -4.27 29.33
CA SER A 12 29.51 -4.18 30.79
C SER A 12 30.90 -4.06 31.41
N PRO A 13 31.29 -2.83 31.82
CA PRO A 13 32.61 -2.59 32.44
C PRO A 13 32.95 -3.63 33.50
N LYS A 14 32.16 -3.66 34.57
CA LYS A 14 32.39 -4.59 35.66
C LYS A 14 31.43 -5.78 35.56
N TYR A 15 31.93 -6.89 35.03
CA TYR A 15 31.12 -8.09 34.88
C TYR A 15 30.55 -8.54 36.21
N ALA A 16 29.23 -8.59 36.30
CA ALA A 16 28.55 -9.01 37.52
C ALA A 16 27.89 -10.37 37.35
N TYR A 17 28.47 -11.19 36.48
CA TYR A 17 27.96 -12.53 36.23
C TYR A 17 26.49 -12.47 35.76
N PHE A 18 26.07 -11.31 35.28
CA PHE A 18 24.70 -11.15 34.80
C PHE A 18 24.39 -12.21 33.74
N ASN A 19 25.43 -12.73 33.10
CA ASN A 19 25.30 -13.74 32.08
C ASN A 19 24.60 -13.19 30.84
N GLY A 20 23.31 -12.93 30.96
CA GLY A 20 22.54 -12.39 29.85
C GLY A 20 21.49 -11.39 30.28
N CYS A 21 20.67 -11.79 31.26
CA CYS A 21 19.62 -10.92 31.77
C CYS A 21 19.31 -11.22 33.23
N SER A 22 18.92 -12.45 33.50
CA SER A 22 18.57 -12.87 34.85
C SER A 22 17.29 -12.21 35.31
N SER A 23 16.41 -11.89 34.35
CA SER A 23 15.15 -11.23 34.66
C SER A 23 14.01 -12.25 34.66
N PRO A 24 13.41 -12.54 35.84
CA PRO A 24 12.32 -13.50 35.96
C PRO A 24 11.08 -13.04 35.18
N THR A 25 11.21 -12.99 33.86
CA THR A 25 10.11 -12.58 32.99
C THR A 25 9.26 -13.79 32.58
N ALA A 26 9.92 -14.80 32.04
CA ALA A 26 9.23 -16.02 31.60
C ALA A 26 10.21 -17.00 30.96
N PRO A 27 11.00 -16.54 29.97
CA PRO A 27 11.97 -17.40 29.29
C PRO A 27 13.09 -17.87 30.21
N LEU A 28 14.21 -18.25 29.64
CA LEU A 28 15.35 -18.73 30.41
C LEU A 28 16.66 -18.33 29.75
N SER A 29 16.75 -18.58 28.44
CA SER A 29 17.95 -18.25 27.67
C SER A 29 17.88 -16.82 27.16
N PRO A 30 19.02 -16.11 27.18
CA PRO A 30 19.10 -14.74 26.69
C PRO A 30 18.77 -14.65 25.21
N MET A 31 18.68 -15.81 24.56
CA MET A 31 18.37 -15.89 23.13
C MET A 31 17.21 -14.95 22.77
N SER A 32 17.14 -14.59 21.49
CA SER A 32 16.09 -13.69 21.01
C SER A 32 15.15 -14.42 20.05
N PRO A 33 14.06 -15.00 20.58
CA PRO A 33 13.08 -15.72 19.76
C PRO A 33 12.54 -14.88 18.60
N PRO A 34 12.13 -13.63 18.88
CA PRO A 34 11.60 -12.74 17.84
C PRO A 34 12.70 -12.06 17.04
N GLY A 35 13.46 -12.86 16.31
CA GLY A 35 14.54 -12.34 15.50
C GLY A 35 14.07 -11.82 14.16
N TYR A 36 13.14 -10.86 14.18
CA TYR A 36 12.61 -10.28 12.95
C TYR A 36 12.15 -8.85 13.18
N LYS A 37 12.84 -8.15 14.08
CA LYS A 37 12.49 -6.77 14.39
C LYS A 37 13.36 -5.80 13.59
N LEU A 38 13.55 -6.10 12.32
CA LEU A 38 14.36 -5.26 11.44
C LEU A 38 13.62 -4.93 10.14
N VAL A 39 12.67 -5.79 9.77
CA VAL A 39 11.89 -5.58 8.55
C VAL A 39 10.55 -4.93 8.87
N THR A 40 10.58 -3.97 9.79
CA THR A 40 9.37 -3.27 10.21
C THR A 40 9.63 -1.77 10.31
N GLY A 41 9.82 -1.12 9.16
CA GLY A 41 10.09 0.30 9.15
C GLY A 41 11.43 0.60 8.53
N ASP A 42 12.36 -0.32 8.72
CA ASP A 42 13.70 -0.18 8.16
C ASP A 42 13.77 -0.87 6.80
N ARG A 43 14.04 -2.18 6.80
CA ARG A 43 14.13 -2.94 5.57
C ARG A 43 15.30 -2.50 4.69
N ASN A 44 16.13 -1.59 5.23
CA ASN A 44 17.28 -1.06 4.50
C ASN A 44 17.74 0.27 5.10
N ASN A 45 17.39 1.39 4.46
CA ASN A 45 17.78 2.71 4.96
C ASN A 45 16.58 3.43 5.57
N SER A 46 15.38 2.89 5.38
CA SER A 46 14.14 3.48 5.90
C SER A 46 13.59 4.53 4.95
N SER A 47 14.47 5.41 4.47
CA SER A 47 14.08 6.46 3.54
C SER A 47 12.91 7.27 4.08
N CYS A 48 13.00 7.68 5.34
CA CYS A 48 11.96 8.46 5.98
C CYS A 48 12.29 9.96 5.94
N ARG A 49 13.11 10.35 4.97
CA ARG A 49 13.50 11.75 4.81
C ARG A 49 12.70 12.41 3.70
N ASN A 50 11.51 11.88 3.42
CA ASN A 50 10.66 12.43 2.37
C ASN A 50 9.52 13.23 2.99
N TYR A 51 8.95 12.72 4.07
CA TYR A 51 7.85 13.38 4.76
C TYR A 51 6.62 13.47 3.86
N ASN A 52 6.64 14.41 2.93
CA ASN A 52 5.53 14.60 2.00
C ASN A 52 5.99 15.27 0.72
N LYS A 53 6.79 16.33 0.86
CA LYS A 53 7.31 17.07 -0.28
C LYS A 53 6.23 17.32 -1.34
N GLN A 54 5.10 17.85 -0.90
CA GLN A 54 3.98 18.13 -1.80
C GLN A 54 2.99 19.09 -1.16
N ALA A 55 3.51 20.17 -0.59
CA ALA A 55 2.67 21.18 0.05
C ALA A 55 2.09 22.14 -0.97
N SER A 56 0.95 21.76 -1.55
CA SER A 56 0.29 22.60 -2.55
C SER A 56 -1.22 22.38 -2.53
N GLU A 57 -1.64 21.11 -2.43
CA GLU A 57 -3.04 20.76 -2.41
C GLU A 57 -3.71 21.09 -3.74
N GLN A 58 -3.46 20.26 -4.74
CA GLN A 58 -4.04 20.46 -6.07
C GLN A 58 -4.99 19.31 -6.42
N ASN A 59 -5.36 18.52 -5.42
CA ASN A 59 -6.26 17.39 -5.62
C ASN A 59 -7.54 17.59 -4.82
N TRP A 60 -7.95 18.84 -4.70
CA TRP A 60 -9.16 19.18 -3.95
C TRP A 60 -10.31 19.52 -4.90
N ALA A 61 -10.01 20.24 -5.97
CA ALA A 61 -11.04 20.63 -6.93
C ALA A 61 -10.46 20.87 -8.32
N ASN A 62 -9.24 20.40 -8.56
CA ASN A 62 -8.60 20.58 -9.86
C ASN A 62 -8.73 19.32 -10.72
N TYR A 63 -9.28 18.25 -10.13
CA TYR A 63 -9.45 16.99 -10.85
C TYR A 63 -8.13 16.51 -11.43
N SER A 64 -7.03 16.82 -10.75
CA SER A 64 -5.71 16.42 -11.20
C SER A 64 -5.31 15.06 -10.63
N ALA A 65 -5.84 14.75 -9.45
CA ALA A 65 -5.53 13.48 -8.80
C ALA A 65 -6.69 12.49 -8.94
N GLU A 66 -7.91 12.99 -8.74
CA GLU A 66 -9.10 12.15 -8.84
C GLU A 66 -9.07 11.03 -7.80
N GLN A 67 -8.28 11.22 -6.74
CA GLN A 67 -8.19 10.23 -5.68
C GLN A 67 -9.48 10.14 -4.90
N ASN A 68 -9.88 11.26 -4.30
CA ASN A 68 -11.12 11.28 -3.54
C ASN A 68 -12.25 10.74 -4.37
N ARG A 69 -12.22 11.10 -5.65
CA ARG A 69 -13.22 10.64 -6.58
C ARG A 69 -13.24 9.12 -6.65
N MET A 70 -12.06 8.54 -6.74
CA MET A 70 -11.94 7.08 -6.81
C MET A 70 -12.19 6.45 -5.45
N GLY A 71 -11.92 7.22 -4.40
CA GLY A 71 -12.15 6.73 -3.06
C GLY A 71 -13.62 6.42 -2.87
N GLN A 72 -14.45 7.33 -3.33
CA GLN A 72 -15.89 7.16 -3.26
C GLN A 72 -16.32 6.11 -4.28
N ALA A 73 -16.13 6.46 -5.55
CA ALA A 73 -16.46 5.58 -6.67
C ALA A 73 -16.09 4.13 -6.38
N GLY A 74 -15.01 3.94 -5.62
CA GLY A 74 -14.56 2.60 -5.29
C GLY A 74 -15.18 2.08 -4.00
N SER A 75 -15.46 2.99 -3.07
CA SER A 75 -16.06 2.61 -1.79
C SER A 75 -17.53 2.25 -1.95
N THR A 76 -18.11 2.62 -3.09
CA THR A 76 -19.51 2.33 -3.37
C THR A 76 -20.42 2.87 -2.27
N ILE A 77 -20.56 2.10 -1.20
CA ILE A 77 -21.40 2.51 -0.07
C ILE A 77 -22.86 2.58 -0.50
N SER A 78 -23.61 1.52 -0.20
CA SER A 78 -25.03 1.47 -0.54
C SER A 78 -25.88 1.62 0.72
N ASN A 79 -25.34 1.18 1.84
CA ASN A 79 -26.04 1.27 3.12
C ASN A 79 -25.17 1.96 4.17
N SER A 80 -23.89 1.60 4.19
CA SER A 80 -22.94 2.17 5.14
C SER A 80 -23.13 1.57 6.53
N HIS A 81 -22.81 0.29 6.65
CA HIS A 81 -22.94 -0.41 7.93
C HIS A 81 -21.57 -0.89 8.43
N ALA A 82 -20.51 -0.25 7.96
CA ALA A 82 -19.15 -0.61 8.35
C ALA A 82 -18.88 -0.23 9.80
N GLN A 83 -19.65 -0.83 10.70
CA GLN A 83 -19.48 -0.56 12.12
C GLN A 83 -19.11 -1.84 12.87
N PRO A 84 -19.84 -2.95 12.65
CA PRO A 84 -19.56 -4.22 13.31
C PRO A 84 -18.25 -4.84 12.85
N PHE A 85 -17.85 -4.56 11.61
CA PHE A 85 -16.60 -5.08 11.08
C PHE A 85 -15.82 -4.01 10.34
N ASP A 86 -16.53 -3.21 9.56
CA ASP A 86 -15.91 -2.14 8.78
C ASP A 86 -14.73 -2.70 7.97
N PHE A 87 -15.02 -3.75 7.20
CA PHE A 87 -13.99 -4.40 6.39
C PHE A 87 -14.38 -4.45 4.91
N PRO A 88 -14.34 -3.30 4.22
CA PRO A 88 -14.68 -3.23 2.79
C PRO A 88 -13.86 -4.21 1.97
N ASP A 89 -14.25 -4.38 0.70
CA ASP A 89 -13.55 -5.29 -0.20
C ASP A 89 -13.61 -6.72 0.35
N ASP A 90 -14.80 -7.29 0.36
CA ASP A 90 -15.00 -8.65 0.86
C ASP A 90 -15.27 -9.63 -0.27
N ASN A 91 -16.52 -9.66 -0.75
CA ASN A 91 -16.90 -10.57 -1.82
C ASN A 91 -17.27 -9.80 -3.09
N GLN A 92 -18.30 -8.98 -3.02
CA GLN A 92 -18.73 -8.20 -4.19
C GLN A 92 -17.70 -7.14 -4.54
N ASN A 93 -17.27 -6.38 -3.54
CA ASN A 93 -16.28 -5.33 -3.73
C ASN A 93 -14.93 -5.94 -4.08
N ALA A 94 -14.67 -7.14 -3.57
CA ALA A 94 -13.41 -7.81 -3.83
C ALA A 94 -13.35 -8.38 -5.25
N LYS A 95 -14.51 -8.79 -5.77
CA LYS A 95 -14.58 -9.36 -7.10
C LYS A 95 -14.54 -8.27 -8.19
N LYS A 96 -15.24 -7.16 -7.95
CA LYS A 96 -15.29 -6.07 -8.92
C LYS A 96 -14.12 -5.10 -8.70
N VAL A 97 -13.09 -5.56 -8.01
CA VAL A 97 -11.91 -4.72 -7.76
C VAL A 97 -10.63 -5.55 -7.83
N ALA A 98 -10.69 -6.80 -7.38
CA ALA A 98 -9.53 -7.68 -7.41
C ALA A 98 -9.41 -8.40 -8.75
N ALA A 99 -10.55 -8.60 -9.41
CA ALA A 99 -10.57 -9.28 -10.70
C ALA A 99 -10.13 -8.34 -11.82
N GLY A 100 -8.89 -7.85 -11.72
CA GLY A 100 -8.37 -6.95 -12.73
C GLY A 100 -7.27 -6.05 -12.20
N HIS A 101 -7.25 -5.84 -10.89
CA HIS A 101 -6.23 -5.01 -10.27
C HIS A 101 -4.85 -5.65 -10.37
N GLU A 102 -4.81 -6.90 -10.80
CA GLU A 102 -3.56 -7.62 -10.96
C GLU A 102 -2.62 -6.89 -11.92
N LEU A 103 -3.19 -6.33 -12.99
CA LEU A 103 -2.40 -5.61 -13.98
C LEU A 103 -3.28 -4.99 -15.06
N GLN A 104 -4.20 -5.78 -15.59
CA GLN A 104 -5.10 -5.31 -16.64
C GLN A 104 -6.52 -5.85 -16.43
N PRO A 105 -7.43 -5.01 -15.90
CA PRO A 105 -8.81 -5.41 -15.65
C PRO A 105 -9.62 -5.59 -16.93
N LEU A 106 -9.06 -5.15 -18.06
CA LEU A 106 -9.74 -5.26 -19.34
C LEU A 106 -10.14 -6.71 -19.62
N ALA A 107 -9.18 -7.51 -20.08
CA ALA A 107 -9.41 -8.92 -20.39
C ALA A 107 -10.13 -9.06 -21.72
N ILE A 108 -11.29 -8.44 -21.81
CA ILE A 108 -12.09 -8.50 -23.02
C ILE A 108 -12.97 -7.26 -23.15
N VAL A 109 -13.74 -7.00 -22.09
CA VAL A 109 -14.66 -5.86 -22.08
C VAL A 109 -15.04 -5.46 -20.66
N ASP A 110 -14.46 -4.37 -20.18
CA ASP A 110 -14.75 -3.87 -18.83
C ASP A 110 -16.18 -3.35 -18.76
N GLN A 111 -16.62 -2.69 -19.82
CA GLN A 111 -17.97 -2.15 -19.89
C GLN A 111 -18.80 -2.83 -20.95
N ARG A 112 -18.15 -3.20 -22.06
CA ARG A 112 -18.80 -3.86 -23.21
C ARG A 112 -19.05 -2.87 -24.35
N PRO A 113 -19.84 -1.80 -24.13
CA PRO A 113 -20.12 -0.81 -25.18
C PRO A 113 -18.87 -0.38 -25.92
N SER A 114 -17.91 0.19 -25.19
CA SER A 114 -16.67 0.66 -25.80
C SER A 114 -16.93 1.60 -26.97
N SER A 115 -18.17 2.09 -27.07
CA SER A 115 -18.54 3.00 -28.14
C SER A 115 -18.49 4.45 -27.67
N ARG A 116 -18.72 4.66 -26.38
CA ARG A 116 -18.70 5.98 -25.79
C ARG A 116 -17.32 6.61 -25.89
N ALA A 117 -16.31 5.78 -26.05
CA ALA A 117 -14.95 6.28 -26.19
C ALA A 117 -14.74 6.91 -27.56
N SER A 118 -15.79 7.57 -28.06
CA SER A 118 -15.74 8.23 -29.36
C SER A 118 -15.32 7.23 -30.43
N SER A 119 -15.70 5.97 -30.25
CA SER A 119 -15.37 4.94 -31.21
C SER A 119 -16.13 5.16 -32.51
N ARG A 120 -17.07 6.09 -32.50
CA ARG A 120 -17.86 6.40 -33.70
C ARG A 120 -17.06 7.24 -34.68
N ALA A 121 -16.04 7.94 -34.18
CA ALA A 121 -15.20 8.79 -35.02
C ALA A 121 -14.76 8.07 -36.29
N SER A 122 -14.07 6.94 -36.13
CA SER A 122 -13.60 6.16 -37.27
C SER A 122 -14.77 5.79 -38.20
N SER A 123 -15.84 5.26 -37.60
CA SER A 123 -17.01 4.86 -38.37
C SER A 123 -16.65 3.80 -39.40
N ARG A 124 -16.62 2.55 -38.97
CA ARG A 124 -16.30 1.44 -39.86
C ARG A 124 -17.46 1.14 -40.81
N PRO A 125 -17.28 1.42 -42.12
CA PRO A 125 -18.32 1.17 -43.12
C PRO A 125 -18.58 -0.32 -43.34
N ARG A 126 -19.60 -0.84 -42.67
CA ARG A 126 -19.95 -2.26 -42.78
C ARG A 126 -21.01 -2.48 -43.86
N PRO A 127 -22.11 -1.72 -43.81
CA PRO A 127 -23.20 -1.83 -44.78
C PRO A 127 -22.94 -1.01 -46.04
N ASP A 128 -21.77 -1.23 -46.65
CA ASP A 128 -21.39 -0.51 -47.85
C ASP A 128 -21.22 0.98 -47.55
N ASP A 129 -20.78 1.27 -46.33
CA ASP A 129 -20.56 2.66 -45.88
C ASP A 129 -21.90 3.37 -45.65
N LEU A 130 -22.80 2.67 -44.97
CA LEU A 130 -24.11 3.21 -44.65
C LEU A 130 -24.73 3.99 -45.81
N GLU A 131 -24.35 3.64 -47.04
CA GLU A 131 -24.89 4.32 -48.22
C GLU A 131 -26.29 3.82 -48.54
N ILE A 132 -26.64 2.65 -48.01
CA ILE A 132 -27.96 2.07 -48.24
C ILE A 132 -28.77 2.00 -46.96
N GLY A 1 58.10 3.31 31.18
CA GLY A 1 56.75 3.42 30.54
C GLY A 1 55.89 2.20 30.79
N PRO A 2 55.10 2.20 31.87
CA PRO A 2 54.22 1.08 32.20
C PRO A 2 53.04 0.95 31.24
N LEU A 3 52.12 0.05 31.54
CA LEU A 3 50.95 -0.17 30.70
C LEU A 3 49.73 -0.53 31.54
N GLY A 4 48.67 0.24 31.40
CA GLY A 4 47.46 -0.02 32.15
C GLY A 4 46.47 1.14 32.07
N SER A 5 46.96 2.35 32.30
CA SER A 5 46.11 3.53 32.25
C SER A 5 46.93 4.78 31.90
N PRO A 6 47.31 4.92 30.61
CA PRO A 6 48.09 6.06 30.14
C PRO A 6 47.25 7.33 29.94
N SER A 7 45.97 7.26 30.33
CA SER A 7 45.09 8.40 30.20
C SER A 7 45.29 9.40 31.33
N LYS A 8 45.86 8.94 32.44
CA LYS A 8 46.11 9.80 33.59
C LYS A 8 44.80 10.37 34.13
N ASP A 9 43.71 9.61 33.96
CA ASP A 9 42.39 10.03 34.42
C ASP A 9 42.16 11.52 34.22
N CYS A 10 41.90 11.92 32.99
CA CYS A 10 41.65 13.33 32.67
C CYS A 10 40.36 13.81 33.32
N GLY A 11 39.42 12.89 33.50
CA GLY A 11 38.14 13.24 34.11
C GLY A 11 37.19 12.06 34.17
N SER A 12 36.91 11.48 33.01
CA SER A 12 36.00 10.33 32.94
C SER A 12 36.13 9.63 31.58
N PRO A 13 37.33 9.14 31.24
CA PRO A 13 37.58 8.45 29.98
C PRO A 13 36.59 7.31 29.72
N LYS A 14 36.66 6.28 30.56
CA LYS A 14 35.77 5.14 30.42
C LYS A 14 34.65 5.19 31.46
N TYR A 15 33.98 6.33 31.54
CA TYR A 15 32.89 6.51 32.49
C TYR A 15 33.37 6.29 33.92
N ALA A 16 34.05 7.29 34.46
CA ALA A 16 34.57 7.22 35.82
C ALA A 16 34.66 8.60 36.46
N TYR A 17 33.95 8.79 37.55
CA TYR A 17 33.94 10.07 38.26
C TYR A 17 33.26 11.15 37.43
N PHE A 18 32.32 10.74 36.60
CA PHE A 18 31.58 11.67 35.75
C PHE A 18 30.76 12.62 36.61
N ASN A 19 30.54 12.24 37.86
CA ASN A 19 29.75 13.04 38.81
C ASN A 19 28.28 13.01 38.43
N GLY A 20 27.96 13.57 37.27
CA GLY A 20 26.58 13.60 36.82
C GLY A 20 26.36 14.57 35.68
N CYS A 21 26.40 14.05 34.46
CA CYS A 21 26.21 14.88 33.27
C CYS A 21 24.73 14.97 32.88
N SER A 22 23.86 15.02 33.88
CA SER A 22 22.43 15.10 33.63
C SER A 22 21.93 13.87 32.88
N SER A 23 22.12 13.87 31.55
CA SER A 23 21.69 12.76 30.72
C SER A 23 22.23 11.43 31.23
N PRO A 24 21.38 10.60 31.86
CA PRO A 24 21.80 9.29 32.35
C PRO A 24 22.41 8.45 31.24
N THR A 25 22.12 8.84 30.00
CA THR A 25 22.62 8.16 28.81
C THR A 25 24.15 8.17 28.79
N ALA A 26 24.75 7.27 29.54
CA ALA A 26 26.20 7.15 29.59
C ALA A 26 26.69 5.76 29.16
N PRO A 27 26.15 5.21 28.06
CA PRO A 27 26.54 3.88 27.57
C PRO A 27 28.06 3.74 27.43
N LEU A 28 28.47 2.67 26.75
CA LEU A 28 29.89 2.40 26.54
C LEU A 28 30.14 1.96 25.09
N SER A 29 29.31 1.04 24.61
CA SER A 29 29.43 0.53 23.25
C SER A 29 28.20 0.91 22.42
N PRO A 30 28.38 1.83 21.46
CA PRO A 30 27.28 2.28 20.58
C PRO A 30 26.51 1.11 19.98
N MET A 31 27.18 -0.03 19.85
CA MET A 31 26.56 -1.22 19.28
C MET A 31 26.13 -1.01 17.83
N SER A 32 24.99 -0.36 17.65
CA SER A 32 24.46 -0.11 16.32
C SER A 32 24.32 -1.43 15.56
N PRO A 33 23.57 -2.39 16.13
CA PRO A 33 23.37 -3.71 15.50
C PRO A 33 22.68 -3.62 14.14
N PRO A 34 21.56 -2.87 14.05
CA PRO A 34 20.82 -2.72 12.79
C PRO A 34 21.48 -1.71 11.85
N GLY A 35 21.29 -0.42 12.14
CA GLY A 35 21.87 0.61 11.29
C GLY A 35 20.88 1.16 10.27
N TYR A 36 20.37 0.27 9.43
CA TYR A 36 19.42 0.67 8.40
C TYR A 36 18.04 0.07 8.69
N LYS A 37 17.11 0.92 9.14
CA LYS A 37 15.75 0.47 9.45
C LYS A 37 14.83 1.67 9.67
N LEU A 38 15.27 2.60 10.53
CA LEU A 38 14.50 3.79 10.82
C LEU A 38 13.07 3.46 11.27
N VAL A 39 12.17 3.30 10.29
CA VAL A 39 10.77 2.98 10.59
C VAL A 39 10.42 1.57 10.09
N THR A 40 10.89 1.24 8.89
CA THR A 40 10.62 -0.06 8.29
C THR A 40 9.13 -0.38 8.31
N GLY A 41 8.31 0.66 8.32
CA GLY A 41 6.86 0.47 8.33
C GLY A 41 6.22 1.01 9.59
N ASP A 42 6.34 0.26 10.68
CA ASP A 42 5.76 0.68 11.95
C ASP A 42 6.34 2.02 12.41
N ARG A 43 5.59 3.08 12.17
CA ARG A 43 6.01 4.42 12.55
C ARG A 43 6.18 4.54 14.06
N ASN A 44 5.56 3.63 14.80
CA ASN A 44 5.64 3.63 16.26
C ASN A 44 4.80 4.75 16.86
N ASN A 45 4.07 5.47 16.01
CA ASN A 45 3.25 6.58 16.46
C ASN A 45 1.78 6.34 16.12
N SER A 46 1.53 5.68 15.00
CA SER A 46 0.17 5.38 14.57
C SER A 46 0.16 4.59 13.27
N SER A 47 0.98 5.03 12.31
CA SER A 47 1.07 4.36 11.02
C SER A 47 -0.32 4.18 10.38
N CYS A 48 -1.26 5.03 10.78
CA CYS A 48 -2.61 4.96 10.25
C CYS A 48 -3.09 6.31 9.72
N ARG A 49 -2.45 7.39 10.18
CA ARG A 49 -2.82 8.73 9.76
C ARG A 49 -1.89 9.78 10.37
N ASN A 50 -1.56 9.58 11.64
CA ASN A 50 -0.68 10.50 12.36
C ASN A 50 -1.36 11.85 12.56
N TYR A 51 -1.48 12.63 11.49
CA TYR A 51 -2.11 13.94 11.55
C TYR A 51 -2.14 14.61 10.18
N ASN A 52 -2.32 13.82 9.13
CA ASN A 52 -2.37 14.33 7.77
C ASN A 52 -3.79 14.77 7.41
N LYS A 53 -4.77 13.92 7.75
CA LYS A 53 -6.16 14.20 7.47
C LYS A 53 -6.37 14.52 5.99
N GLN A 54 -5.53 13.95 5.14
CA GLN A 54 -5.62 14.16 3.70
C GLN A 54 -5.19 12.92 2.93
N ALA A 55 -5.15 13.03 1.60
CA ALA A 55 -4.76 11.92 0.76
C ALA A 55 -3.33 11.49 1.06
N SER A 56 -2.44 12.46 1.26
CA SER A 56 -1.04 12.19 1.55
C SER A 56 -0.33 11.62 0.33
N GLU A 57 -0.85 11.96 -0.85
CA GLU A 57 -0.28 11.50 -2.11
C GLU A 57 -0.56 10.02 -2.38
N GLN A 58 0.43 9.16 -2.12
CA GLN A 58 0.27 7.72 -2.37
C GLN A 58 -0.13 7.45 -3.81
N ASN A 59 0.32 8.31 -4.71
CA ASN A 59 0.01 8.17 -6.13
C ASN A 59 1.20 8.58 -6.99
N TRP A 60 2.39 8.14 -6.58
CA TRP A 60 3.62 8.45 -7.30
C TRP A 60 4.30 7.19 -7.78
N ALA A 61 4.27 6.15 -6.95
CA ALA A 61 4.89 4.87 -7.29
C ALA A 61 4.09 3.68 -6.78
N ASN A 62 2.96 3.94 -6.13
CA ASN A 62 2.12 2.88 -5.60
C ASN A 62 1.18 2.32 -6.66
N TYR A 63 1.75 1.74 -7.71
CA TYR A 63 0.97 1.17 -8.80
C TYR A 63 1.50 -0.21 -9.16
N SER A 64 2.81 -0.30 -9.30
CA SER A 64 3.47 -1.56 -9.66
C SER A 64 3.88 -2.34 -8.41
N ALA A 65 3.19 -2.10 -7.30
CA ALA A 65 3.49 -2.78 -6.05
C ALA A 65 2.22 -3.01 -5.23
N GLU A 66 1.07 -2.98 -5.89
CA GLU A 66 -0.21 -3.17 -5.22
C GLU A 66 -0.64 -4.63 -5.29
N GLN A 67 -0.32 -5.28 -6.41
CA GLN A 67 -0.69 -6.69 -6.58
C GLN A 67 0.01 -7.55 -5.56
N ASN A 68 1.32 -7.37 -5.42
CA ASN A 68 2.09 -8.13 -4.46
C ASN A 68 1.48 -7.98 -3.09
N ARG A 69 1.11 -6.75 -2.79
CA ARG A 69 0.49 -6.44 -1.53
C ARG A 69 -0.76 -7.29 -1.30
N MET A 70 -1.60 -7.35 -2.32
CA MET A 70 -2.83 -8.14 -2.21
C MET A 70 -2.52 -9.63 -2.25
N GLY A 71 -1.47 -9.99 -2.95
CA GLY A 71 -1.06 -11.37 -3.02
C GLY A 71 -0.85 -11.93 -1.64
N GLN A 72 0.00 -11.26 -0.87
CA GLN A 72 0.28 -11.66 0.50
C GLN A 72 -0.97 -11.48 1.34
N ALA A 73 -1.42 -10.23 1.43
CA ALA A 73 -2.61 -9.87 2.19
C ALA A 73 -3.74 -10.89 2.03
N GLY A 74 -3.77 -11.60 0.90
CA GLY A 74 -4.81 -12.58 0.67
C GLY A 74 -4.29 -14.01 0.77
N SER A 75 -2.99 -14.16 0.60
CA SER A 75 -2.36 -15.48 0.68
C SER A 75 -2.07 -15.88 2.12
N THR A 76 -1.46 -14.96 2.87
CA THR A 76 -1.13 -15.21 4.27
C THR A 76 -0.34 -16.50 4.44
N ILE A 77 0.32 -16.93 3.37
CA ILE A 77 1.12 -18.16 3.38
C ILE A 77 0.42 -19.29 4.14
N SER A 78 -0.40 -20.05 3.41
CA SER A 78 -1.14 -21.16 4.00
C SER A 78 -0.97 -22.43 3.18
N ASN A 79 -0.47 -22.28 1.95
CA ASN A 79 -0.27 -23.41 1.05
C ASN A 79 0.33 -22.95 -0.27
N SER A 80 -0.14 -21.81 -0.76
CA SER A 80 0.34 -21.26 -2.02
C SER A 80 -0.14 -22.10 -3.20
N HIS A 81 -1.45 -22.28 -3.28
CA HIS A 81 -2.06 -23.06 -4.35
C HIS A 81 -2.63 -22.17 -5.45
N ALA A 82 -3.37 -21.14 -5.05
CA ALA A 82 -3.97 -20.21 -6.01
C ALA A 82 -4.59 -20.95 -7.18
N GLN A 83 -5.02 -22.19 -6.96
CA GLN A 83 -5.62 -23.00 -8.01
C GLN A 83 -7.14 -22.82 -8.05
N PRO A 84 -7.86 -23.12 -6.94
CA PRO A 84 -9.32 -22.98 -6.89
C PRO A 84 -9.76 -21.52 -6.84
N PHE A 85 -8.83 -20.63 -6.52
CA PHE A 85 -9.10 -19.19 -6.41
C PHE A 85 -9.60 -18.83 -5.02
N ASP A 86 -9.97 -19.85 -4.23
CA ASP A 86 -10.47 -19.64 -2.88
C ASP A 86 -11.48 -18.49 -2.84
N PHE A 87 -12.19 -18.32 -3.95
CA PHE A 87 -13.19 -17.26 -4.06
C PHE A 87 -14.62 -17.83 -4.04
N PRO A 88 -15.04 -18.40 -2.89
CA PRO A 88 -16.38 -18.97 -2.75
C PRO A 88 -17.47 -17.91 -2.84
N ASP A 89 -17.14 -16.68 -2.44
CA ASP A 89 -18.10 -15.58 -2.48
C ASP A 89 -17.94 -14.77 -3.76
N ASP A 90 -17.79 -15.46 -4.88
CA ASP A 90 -17.62 -14.80 -6.17
C ASP A 90 -18.78 -15.15 -7.11
N ASN A 91 -19.99 -15.13 -6.58
CA ASN A 91 -21.18 -15.45 -7.36
C ASN A 91 -22.37 -14.63 -6.90
N GLN A 92 -22.58 -14.58 -5.59
CA GLN A 92 -23.69 -13.83 -5.02
C GLN A 92 -23.48 -12.33 -5.21
N ASN A 93 -22.26 -11.88 -5.00
CA ASN A 93 -21.92 -10.46 -5.15
C ASN A 93 -22.01 -10.04 -6.61
N ALA A 94 -21.92 -11.01 -7.52
CA ALA A 94 -21.99 -10.73 -8.95
C ALA A 94 -23.43 -10.69 -9.44
N LYS A 95 -24.26 -11.56 -8.90
CA LYS A 95 -25.67 -11.61 -9.31
C LYS A 95 -26.44 -10.42 -8.75
N LYS A 96 -26.18 -10.10 -7.48
CA LYS A 96 -26.85 -8.97 -6.83
C LYS A 96 -26.48 -7.65 -7.50
N VAL A 97 -25.48 -7.69 -8.38
CA VAL A 97 -25.03 -6.49 -9.07
C VAL A 97 -25.30 -6.57 -10.57
N ALA A 98 -25.30 -7.80 -11.10
CA ALA A 98 -25.56 -8.01 -12.52
C ALA A 98 -26.92 -7.48 -12.93
N ALA A 99 -27.93 -7.72 -12.08
CA ALA A 99 -29.28 -7.26 -12.36
C ALA A 99 -29.58 -5.96 -11.62
N GLY A 100 -28.73 -4.96 -11.80
CA GLY A 100 -28.93 -3.68 -11.15
C GLY A 100 -27.80 -2.71 -11.41
N HIS A 101 -26.58 -3.23 -11.55
CA HIS A 101 -25.41 -2.39 -11.79
C HIS A 101 -25.52 -1.66 -13.13
N GLU A 102 -26.42 -2.14 -13.98
CA GLU A 102 -26.63 -1.54 -15.29
C GLU A 102 -27.06 -0.08 -15.15
N LEU A 103 -27.95 0.17 -14.19
CA LEU A 103 -28.46 1.52 -13.93
C LEU A 103 -29.51 1.91 -14.98
N GLN A 104 -29.16 1.78 -16.25
CA GLN A 104 -30.07 2.12 -17.34
C GLN A 104 -29.69 1.39 -18.62
N PRO A 105 -30.64 1.19 -19.54
CA PRO A 105 -30.40 0.50 -20.81
C PRO A 105 -29.27 1.15 -21.61
N LEU A 106 -28.98 2.40 -21.32
CA LEU A 106 -27.92 3.13 -22.03
C LEU A 106 -26.54 2.72 -21.50
N ALA A 107 -26.15 3.29 -20.35
CA ALA A 107 -24.86 2.98 -19.74
C ALA A 107 -23.70 3.56 -20.57
N ILE A 108 -24.03 4.41 -21.53
CA ILE A 108 -23.01 5.03 -22.38
C ILE A 108 -22.43 4.00 -23.34
N VAL A 109 -23.29 3.12 -23.84
CA VAL A 109 -22.87 2.08 -24.77
C VAL A 109 -21.93 1.09 -24.09
N ASP A 110 -22.39 0.50 -22.99
CA ASP A 110 -21.59 -0.47 -22.24
C ASP A 110 -21.41 -1.75 -23.05
N GLN A 111 -22.42 -2.08 -23.87
CA GLN A 111 -22.38 -3.28 -24.69
C GLN A 111 -21.29 -3.17 -25.75
N ARG A 112 -21.27 -2.04 -26.45
CA ARG A 112 -20.31 -1.74 -27.53
C ARG A 112 -20.96 -1.89 -28.91
N PRO A 113 -21.50 -3.08 -29.25
CA PRO A 113 -22.16 -3.29 -30.55
C PRO A 113 -23.14 -2.19 -30.90
N SER A 114 -24.15 -2.03 -30.06
CA SER A 114 -25.18 -1.01 -30.28
C SER A 114 -25.80 -1.15 -31.67
N SER A 115 -25.56 -2.29 -32.32
CA SER A 115 -26.10 -2.53 -33.66
C SER A 115 -27.57 -2.95 -33.58
N ARG A 116 -27.94 -3.55 -32.47
CA ARG A 116 -29.32 -4.00 -32.27
C ARG A 116 -30.28 -2.82 -32.19
N ALA A 117 -29.74 -1.64 -31.89
CA ALA A 117 -30.57 -0.45 -31.81
C ALA A 117 -30.95 0.02 -33.21
N SER A 118 -31.16 -0.95 -34.11
CA SER A 118 -31.51 -0.63 -35.50
C SER A 118 -30.47 0.29 -36.12
N SER A 119 -29.23 0.14 -35.68
CA SER A 119 -28.14 0.95 -36.21
C SER A 119 -27.60 0.36 -37.51
N ARG A 120 -28.29 -0.67 -38.02
CA ARG A 120 -27.89 -1.32 -39.26
C ARG A 120 -26.47 -1.86 -39.18
N ALA A 121 -25.49 -0.96 -39.26
CA ALA A 121 -24.08 -1.34 -39.19
C ALA A 121 -23.19 -0.19 -39.63
N SER A 122 -23.12 0.03 -40.94
CA SER A 122 -22.29 1.10 -41.50
C SER A 122 -23.04 2.43 -41.44
N SER A 123 -24.32 2.40 -41.75
CA SER A 123 -25.15 3.61 -41.74
C SER A 123 -24.60 4.65 -42.71
N ARG A 124 -24.22 4.20 -43.91
CA ARG A 124 -23.68 5.09 -44.92
C ARG A 124 -24.80 5.88 -45.61
N PRO A 125 -24.72 7.22 -45.62
CA PRO A 125 -25.74 8.06 -46.25
C PRO A 125 -26.00 7.68 -47.70
N ARG A 126 -27.06 6.90 -47.91
CA ARG A 126 -27.41 6.45 -49.27
C ARG A 126 -28.90 6.64 -49.58
N PRO A 127 -29.81 6.17 -48.71
CA PRO A 127 -31.25 6.29 -48.92
C PRO A 127 -31.82 7.63 -48.45
N ASP A 128 -31.95 7.79 -47.14
CA ASP A 128 -32.50 9.02 -46.57
C ASP A 128 -31.37 9.94 -46.10
N ASP A 129 -30.15 9.66 -46.53
CA ASP A 129 -29.02 10.47 -46.11
C ASP A 129 -28.85 10.40 -44.60
N LEU A 130 -28.40 9.24 -44.13
CA LEU A 130 -28.20 9.00 -42.71
C LEU A 130 -27.27 10.04 -42.10
N GLU A 131 -27.71 11.28 -42.10
CA GLU A 131 -26.93 12.39 -41.56
C GLU A 131 -27.12 12.53 -40.05
N ILE A 132 -27.38 11.42 -39.37
CA ILE A 132 -27.58 11.42 -37.93
C ILE A 132 -27.06 10.14 -37.30
#